data_8STS
#
_entry.id   8STS
#
_cell.length_a   89.860
_cell.length_b   128.260
_cell.length_c   133.042
_cell.angle_alpha   90.00
_cell.angle_beta   105.32
_cell.angle_gamma   90.00
#
_symmetry.space_group_name_H-M   'P 1 21 1'
#
loop_
_entity.id
_entity.type
_entity.pdbx_description
1 polymer 'Reverse transcriptase/ribonuclease H'
2 polymer 'p51 RT'
3 non-polymer 5-{2-[2-(2,4-dioxo-3,4-dihydropyrimidin-1(2H)-yl)ethoxy]-4-fluorophenoxy}-7-fluoronaphthalene-2-carbonitrile
4 non-polymer 'MAGNESIUM ION'
5 water water
#
loop_
_entity_poly.entity_id
_entity_poly.type
_entity_poly.pdbx_seq_one_letter_code
_entity_poly.pdbx_strand_id
1 'polypeptide(L)'
;MVPISPIETVPVKLKPGMDGPKVKQWPLTEEKIKALVEICTEMEKEGKISKIGPENPYNTPVFAIKKKDSTKWRKLVDFR
ELNKRTQDFWEVQLGIPHPAGLKKKKSATVLDVGDAYFSVPLDEDFRKYTAFTIPSINNETPGIRYQYNVLPQGWKGSPA
IFQSSMTKILEPFAAQNPDIVICQYMDDLYVGSDLEIGQHRTKIEELRQHLLRWGLTTPDKKHQKEPPFLWMGYELHPDK
WTVQPIVLPEKDSWTVNDIQKLVGKLNWASQIYPGIKVRQLSKLLRGTKALTEVIPLTEEAELELAENREILKEPVHGVY
YDPSKDLIAEIQKQGQGQWTYQIYQEPFKNLKTGKYARMRGAHTNDVKQLTEAVQKITTESIVIWGKTPKFKLPIQKETW
ETWWTEYWQATWIPEWEFVNTPPLVKLWYQLEKEPIVGAETFYVDGAANRETKLGKAGYVTNKGRQKVVPLTNTTNQKTE
LQAIYLALQDSGLEVNIVTDSQYALGIIQAQPDKSESELVNQIIEQLIKKEKVYLAWVPAHKGIGGNEQVDKLVSAGI
;
C,A
2 'polypeptide(L)'
;PISPIETVPVKLKPGMDGPKVKQWPLTEEKIKALVEICTEMEKEGKISKIGPENPYNTPVFAIKKKDSTKWRKLVDFREL
NKRTQDFWEVQLGIPHPAGLKKKKSVTVLDVGDAYFSVPLDEDFRKYTAFTIPSINNETPGIRYQYNVLPQGWKGSPAIF
QSSMTKILEPFKKQNPDIVIYQYMDDLYVGSDLEIGQHRTKIEELRQHLLRWGLTTPDKKHQKEPPFLWMGYELHPDKWT
VQPIVLPEKDSWTVNDIQKLVGKLNWASQIYPGIKVRQLSKLLRGTKALTEVIPLTEEAELELAENREILKEPVHGVYYD
PSKDLIAEIQKQGQGQWTYQIYQEPFKNLKTGKYARMRGAHTNDVKQLTEAVQKITTESIVIWGKTPKFKLPIQKETWET
WWTEYWQATWIPEWEFVNTPPLVKLWYQ
;
B,D
#
loop_
_chem_comp.id
_chem_comp.type
_chem_comp.name
_chem_comp.formula
7N1 non-polymer 5-{2-[2-(2,4-dioxo-3,4-dihydropyrimidin-1(2H)-yl)ethoxy]-4-fluorophenoxy}-7-fluoronaphthalene-2-carbonitrile 'C23 H15 F2 N3 O4'
MG non-polymer 'MAGNESIUM ION' 'Mg 2'
#
# COMPACT_ATOMS: atom_id res chain seq x y z
N ILE A 4 -0.71 41.85 39.53
CA ILE A 4 0.73 41.92 39.31
C ILE A 4 1.04 42.84 38.13
N SER A 5 1.76 43.92 38.42
CA SER A 5 2.15 44.84 37.35
C SER A 5 2.91 44.16 36.22
N PRO A 6 3.81 43.20 36.47
CA PRO A 6 4.52 42.56 35.36
C PRO A 6 3.56 41.81 34.44
N ILE A 7 3.76 41.98 33.13
CA ILE A 7 2.98 41.32 32.11
C ILE A 7 3.90 40.36 31.38
N GLU A 8 3.55 39.08 31.38
CA GLU A 8 4.37 38.07 30.72
C GLU A 8 4.63 38.45 29.28
N THR A 9 5.88 38.31 28.84
CA THR A 9 6.31 38.72 27.52
C THR A 9 6.27 37.55 26.55
N VAL A 10 5.89 37.85 25.31
CA VAL A 10 5.78 36.81 24.28
C VAL A 10 7.16 36.53 23.71
N PRO A 11 7.57 35.27 23.58
CA PRO A 11 8.88 34.96 22.98
C PRO A 11 8.87 35.27 21.50
N VAL A 12 9.81 36.11 21.06
CA VAL A 12 9.97 36.47 19.66
C VAL A 12 11.36 36.03 19.22
N LYS A 13 11.43 35.40 18.04
CA LYS A 13 12.67 34.90 17.49
C LYS A 13 12.85 35.45 16.08
N LEU A 14 14.09 35.80 15.75
CA LEU A 14 14.38 36.26 14.39
C LEU A 14 14.11 35.15 13.39
N LYS A 15 13.84 35.56 12.15
CA LYS A 15 13.57 34.60 11.09
C LYS A 15 14.67 33.54 11.06
N PRO A 16 14.34 32.27 10.87
CA PRO A 16 15.37 31.23 10.86
C PRO A 16 16.48 31.56 9.87
N GLY A 17 17.72 31.35 10.31
CA GLY A 17 18.86 31.66 9.47
C GLY A 17 18.96 33.10 9.06
N MET A 18 18.51 34.02 9.91
CA MET A 18 18.54 35.44 9.63
C MET A 18 19.34 36.17 10.72
N ASP A 19 20.14 37.14 10.30
CA ASP A 19 20.95 37.90 11.23
C ASP A 19 20.18 39.11 11.76
N GLY A 20 20.75 39.74 12.79
CA GLY A 20 20.15 40.92 13.37
C GLY A 20 20.31 42.14 12.48
N PRO A 21 19.51 43.17 12.74
CA PRO A 21 19.57 44.38 11.89
C PRO A 21 20.61 45.37 12.37
N LYS A 22 21.47 45.81 11.45
CA LYS A 22 22.49 46.82 11.74
C LYS A 22 22.49 47.85 10.62
N VAL A 23 21.98 49.04 10.90
CA VAL A 23 21.89 50.12 9.93
C VAL A 23 22.45 51.39 10.55
N LYS A 24 23.48 51.95 9.94
CA LYS A 24 24.08 53.16 10.47
C LYS A 24 23.11 54.33 10.41
N GLN A 25 23.05 55.09 11.50
CA GLN A 25 22.18 56.26 11.57
C GLN A 25 22.67 57.33 10.61
N TRP A 26 21.73 57.99 9.93
CA TRP A 26 22.11 59.04 9.00
C TRP A 26 22.42 60.32 9.75
N PRO A 27 23.45 61.06 9.32
CA PRO A 27 23.78 62.32 10.00
C PRO A 27 22.71 63.36 9.76
N LEU A 28 22.17 63.91 10.84
CA LEU A 28 21.10 64.90 10.79
C LEU A 28 21.58 66.21 11.40
N THR A 29 20.69 67.20 11.38
CA THR A 29 21.02 68.51 11.93
C THR A 29 21.21 68.43 13.44
N GLU A 30 22.02 69.34 13.98
CA GLU A 30 22.29 69.35 15.41
C GLU A 30 21.02 69.59 16.21
N GLU A 31 20.15 70.49 15.74
CA GLU A 31 18.89 70.74 16.44
C GLU A 31 18.04 69.47 16.50
N LYS A 32 18.15 68.60 15.51
CA LYS A 32 17.40 67.35 15.53
C LYS A 32 17.97 66.40 16.57
N ILE A 33 19.29 66.24 16.61
CA ILE A 33 19.90 65.38 17.62
C ILE A 33 19.79 66.01 19.00
N LYS A 34 19.73 67.35 19.06
CA LYS A 34 19.56 68.02 20.34
C LYS A 34 18.23 67.68 20.98
N ALA A 35 17.23 67.33 20.17
CA ALA A 35 15.93 66.92 20.67
C ALA A 35 15.77 65.41 20.79
N LEU A 36 16.46 64.65 19.93
CA LEU A 36 16.42 63.19 20.04
C LEU A 36 16.95 62.73 21.40
N VAL A 37 18.13 63.22 21.77
CA VAL A 37 18.70 62.89 23.08
C VAL A 37 17.84 63.44 24.20
N GLU A 38 16.99 64.43 23.92
CA GLU A 38 16.10 64.96 24.93
C GLU A 38 14.98 63.98 25.25
N ILE A 39 14.17 63.64 24.25
CA ILE A 39 13.09 62.67 24.45
C ILE A 39 13.67 61.31 24.81
N CYS A 40 14.84 60.96 24.26
CA CYS A 40 15.43 59.66 24.52
C CYS A 40 15.74 59.47 26.01
N THR A 41 16.28 60.51 26.64
CA THR A 41 16.57 60.43 28.08
C THR A 41 15.29 60.23 28.87
N GLU A 42 14.21 60.91 28.47
CA GLU A 42 12.94 60.74 29.16
C GLU A 42 12.43 59.31 29.03
N MET A 43 12.57 58.72 27.84
CA MET A 43 12.12 57.33 27.65
C MET A 43 12.89 56.37 28.53
N GLU A 44 14.20 56.61 28.71
CA GLU A 44 14.97 55.78 29.62
C GLU A 44 14.58 56.02 31.07
N LYS A 45 14.23 57.27 31.41
CA LYS A 45 13.71 57.53 32.75
C LYS A 45 12.39 56.81 32.97
N GLU A 46 11.52 56.81 31.97
CA GLU A 46 10.26 56.07 32.04
C GLU A 46 10.46 54.56 31.99
N GLY A 47 11.67 54.10 31.68
CA GLY A 47 11.92 52.69 31.53
C GLY A 47 11.63 52.12 30.16
N LYS A 48 11.28 52.96 29.18
CA LYS A 48 10.95 52.46 27.86
C LYS A 48 12.17 51.90 27.15
N ILE A 49 13.32 52.57 27.29
CA ILE A 49 14.54 52.17 26.60
C ILE A 49 15.68 52.13 27.61
N SER A 50 16.70 51.33 27.29
CA SER A 50 17.88 51.17 28.12
C SER A 50 19.12 51.29 27.26
N LYS A 51 20.11 52.02 27.75
CA LYS A 51 21.38 52.14 27.05
C LYS A 51 22.12 50.81 27.08
N ILE A 52 22.78 50.48 25.97
CA ILE A 52 23.45 49.20 25.80
C ILE A 52 24.94 49.43 25.69
N GLY A 53 25.71 48.40 26.06
CA GLY A 53 27.14 48.44 25.95
C GLY A 53 27.58 48.35 24.50
N PRO A 54 28.83 48.71 24.21
CA PRO A 54 29.31 48.67 22.83
C PRO A 54 29.34 47.28 22.21
N GLU A 55 29.09 46.23 23.00
CA GLU A 55 29.19 44.87 22.48
C GLU A 55 28.11 44.60 21.43
N ASN A 56 26.90 45.09 21.66
CA ASN A 56 25.80 44.82 20.74
C ASN A 56 26.11 45.39 19.36
N PRO A 57 26.02 44.60 18.30
CA PRO A 57 26.38 45.09 16.97
C PRO A 57 25.21 45.65 16.18
N TYR A 58 23.98 45.32 16.59
CA TYR A 58 22.81 45.70 15.82
C TYR A 58 22.53 47.19 15.94
N ASN A 59 21.96 47.77 14.87
CA ASN A 59 21.64 49.18 14.84
C ASN A 59 20.46 49.40 13.90
N THR A 60 19.73 50.49 14.14
CA THR A 60 18.58 50.87 13.33
C THR A 60 18.54 52.38 13.22
N PRO A 61 18.26 52.92 12.04
CA PRO A 61 18.30 54.38 11.86
C PRO A 61 17.27 55.08 12.73
N VAL A 62 17.61 56.29 13.14
CA VAL A 62 16.76 57.12 14.00
C VAL A 62 16.60 58.47 13.32
N PHE A 63 15.37 58.79 12.92
CA PHE A 63 15.06 60.04 12.24
C PHE A 63 13.91 60.73 12.94
N ALA A 64 13.68 61.99 12.56
CA ALA A 64 12.59 62.77 13.14
C ALA A 64 12.38 64.07 12.35
N SER A 70 3.29 70.34 16.87
CA SER A 70 3.12 71.79 16.77
C SER A 70 4.42 72.52 17.11
N THR A 71 4.72 72.61 18.41
CA THR A 71 5.90 73.34 18.85
C THR A 71 7.18 72.54 18.64
N LYS A 72 7.11 71.21 18.75
CA LYS A 72 8.28 70.35 18.58
C LYS A 72 7.90 69.14 17.74
N TRP A 73 8.91 68.42 17.28
CA TRP A 73 8.73 67.24 16.47
C TRP A 73 8.80 65.99 17.34
N ARG A 74 8.56 64.83 16.74
CA ARG A 74 8.55 63.57 17.45
C ARG A 74 9.60 62.62 16.86
N LYS A 75 9.94 61.60 17.63
CA LYS A 75 10.95 60.63 17.22
C LYS A 75 10.32 59.51 16.41
N LEU A 76 11.18 58.77 15.69
CA LEU A 76 10.73 57.66 14.86
C LEU A 76 11.90 56.75 14.59
N VAL A 77 11.60 55.51 14.20
CA VAL A 77 12.61 54.50 13.91
C VAL A 77 12.06 53.55 12.85
N ASP A 78 12.89 53.25 11.85
CA ASP A 78 12.51 52.37 10.75
C ASP A 78 13.12 51.00 11.01
N PHE A 79 12.33 50.09 11.58
CA PHE A 79 12.76 48.73 11.85
C PHE A 79 12.34 47.76 10.74
N ARG A 80 12.11 48.26 9.53
CA ARG A 80 11.71 47.40 8.42
C ARG A 80 12.73 46.28 8.22
N GLU A 81 14.01 46.62 8.20
CA GLU A 81 15.07 45.60 8.17
C GLU A 81 14.91 44.65 9.35
N LEU A 82 14.70 45.19 10.55
CA LEU A 82 14.43 44.35 11.71
C LEU A 82 13.16 43.54 11.51
N ASN A 83 12.13 44.15 10.93
CA ASN A 83 10.88 43.43 10.69
C ASN A 83 11.10 42.25 9.77
N LYS A 84 11.93 42.41 8.74
CA LYS A 84 12.24 41.29 7.85
C LYS A 84 12.89 40.15 8.62
N ARG A 85 13.77 40.48 9.58
CA ARG A 85 14.41 39.44 10.38
C ARG A 85 13.44 38.89 11.42
N THR A 86 12.49 39.69 11.88
CA THR A 86 11.52 39.22 12.86
C THR A 86 10.68 38.08 12.29
N GLN A 87 10.22 37.20 13.17
CA GLN A 87 9.45 36.05 12.76
C GLN A 87 7.98 36.42 12.55
N ASP A 88 7.29 35.60 11.77
CA ASP A 88 5.88 35.84 11.50
C ASP A 88 5.03 35.47 12.71
N PHE A 89 3.96 36.22 12.92
CA PHE A 89 3.03 35.98 14.02
C PHE A 89 1.61 36.00 13.49
N TRP A 90 0.71 35.40 14.28
CA TRP A 90 -0.71 35.52 14.01
C TRP A 90 -1.11 36.99 14.00
N GLU A 91 -1.83 37.39 12.95
CA GLU A 91 -2.18 38.79 12.74
C GLU A 91 -3.66 39.00 13.04
N VAL A 92 -3.97 40.05 13.81
CA VAL A 92 -5.35 40.37 14.11
C VAL A 92 -6.09 40.69 12.81
N GLN A 93 -7.32 40.18 12.70
CA GLN A 93 -8.10 40.38 11.49
C GLN A 93 -8.27 41.86 11.20
N LEU A 94 -8.01 42.26 9.96
CA LEU A 94 -8.16 43.65 9.56
C LEU A 94 -9.62 44.09 9.52
N GLY A 95 -10.55 43.14 9.43
CA GLY A 95 -11.96 43.49 9.40
C GLY A 95 -12.38 44.23 10.65
N ILE A 96 -13.28 45.18 10.45
CA ILE A 96 -13.82 46.02 11.52
C ILE A 96 -15.28 45.63 11.73
N PRO A 97 -15.74 45.44 12.97
CA PRO A 97 -17.13 45.06 13.19
C PRO A 97 -18.10 46.03 12.53
N HIS A 98 -19.06 45.48 11.81
CA HIS A 98 -20.07 46.35 11.20
C HIS A 98 -21.18 46.62 12.20
N PRO A 99 -21.65 47.87 12.29
CA PRO A 99 -22.67 48.20 13.30
C PRO A 99 -23.95 47.42 13.13
N ALA A 100 -24.31 47.03 11.91
CA ALA A 100 -25.53 46.27 11.68
C ALA A 100 -25.59 45.02 12.56
N GLY A 101 -24.43 44.48 12.93
CA GLY A 101 -24.37 43.32 13.79
C GLY A 101 -24.38 43.69 15.26
N LEU A 102 -23.93 44.90 15.59
CA LEU A 102 -23.88 45.34 16.97
C LEU A 102 -25.27 45.31 17.60
N LYS A 103 -25.41 44.57 18.68
CA LYS A 103 -26.68 44.48 19.38
C LYS A 103 -26.88 45.70 20.28
N LYS A 104 -28.15 46.01 20.56
CA LYS A 104 -28.50 47.20 21.32
C LYS A 104 -28.38 46.95 22.81
N LYS A 105 -27.82 47.94 23.51
CA LYS A 105 -27.65 47.89 24.96
C LYS A 105 -28.10 49.22 25.56
N LYS A 106 -28.22 49.23 26.89
CA LYS A 106 -28.68 50.44 27.57
C LYS A 106 -27.58 51.50 27.62
N SER A 107 -26.35 51.09 27.93
CA SER A 107 -25.21 51.99 27.99
C SER A 107 -24.04 51.39 27.22
N ALA A 108 -23.16 52.26 26.73
CA ALA A 108 -22.00 51.82 25.97
C ALA A 108 -20.87 52.81 26.19
N THR A 109 -19.77 52.33 26.78
CA THR A 109 -18.61 53.17 27.09
C THR A 109 -17.39 52.67 26.33
N VAL A 110 -16.59 53.61 25.84
CA VAL A 110 -15.39 53.32 25.07
C VAL A 110 -14.18 53.72 25.92
N LEU A 111 -13.38 52.74 26.32
CA LEU A 111 -12.20 52.98 27.14
C LEU A 111 -10.95 52.85 26.27
N ASP A 112 -10.34 53.99 25.96
CA ASP A 112 -9.08 53.98 25.21
C ASP A 112 -7.92 53.64 26.14
N VAL A 113 -6.87 53.05 25.57
CA VAL A 113 -5.67 52.65 26.29
C VAL A 113 -4.54 53.57 25.88
N GLY A 114 -3.84 54.14 26.86
CA GLY A 114 -2.76 55.06 26.58
C GLY A 114 -1.41 54.39 26.50
N ASP A 115 -0.72 54.58 25.38
CA ASP A 115 0.61 54.02 25.16
C ASP A 115 0.60 52.52 25.38
N ALA A 116 -0.34 51.83 24.73
CA ALA A 116 -0.45 50.39 24.87
C ALA A 116 0.84 49.69 24.44
N TYR A 117 1.41 50.11 23.32
CA TYR A 117 2.67 49.53 22.86
C TYR A 117 3.78 49.73 23.89
N PHE A 118 3.95 50.98 24.35
CA PHE A 118 4.96 51.26 25.37
C PHE A 118 4.64 50.57 26.68
N SER A 119 3.35 50.34 26.96
CA SER A 119 2.97 49.69 28.21
C SER A 119 3.31 48.20 28.19
N VAL A 120 3.36 47.59 27.01
CA VAL A 120 3.62 46.16 26.88
C VAL A 120 5.13 45.91 26.89
N PRO A 121 5.64 45.08 27.79
CA PRO A 121 7.08 44.74 27.77
C PRO A 121 7.43 43.93 26.54
N LEU A 122 8.71 43.64 26.37
CA LEU A 122 9.19 42.90 25.21
C LEU A 122 10.00 41.69 25.67
N ASP A 123 10.12 40.70 24.77
CA ASP A 123 10.92 39.53 25.07
C ASP A 123 12.34 39.95 25.42
N GLU A 124 12.89 39.34 26.48
CA GLU A 124 14.19 39.75 26.98
C GLU A 124 15.27 39.57 25.92
N ASP A 125 15.41 38.34 25.41
CA ASP A 125 16.48 38.02 24.47
C ASP A 125 16.33 38.71 23.12
N PHE A 126 15.16 39.25 22.79
CA PHE A 126 14.96 39.95 21.53
C PHE A 126 15.34 41.42 21.60
N ARG A 127 15.52 41.98 22.79
CA ARG A 127 15.81 43.40 22.92
C ARG A 127 17.13 43.78 22.28
N LYS A 128 18.04 42.83 22.09
CA LYS A 128 19.34 43.15 21.51
C LYS A 128 19.21 43.67 20.08
N TYR A 129 18.18 43.25 19.36
CA TYR A 129 18.03 43.57 17.95
C TYR A 129 17.32 44.91 17.72
N THR A 130 17.01 45.65 18.77
CA THR A 130 16.34 46.94 18.65
C THR A 130 17.28 48.11 18.90
N ALA A 131 18.60 47.87 18.87
CA ALA A 131 19.55 48.93 19.13
C ALA A 131 19.48 49.99 18.04
N PHE A 132 19.46 51.26 18.47
CA PHE A 132 19.43 52.40 17.55
C PHE A 132 20.43 53.43 18.08
N THR A 133 21.58 53.52 17.42
CA THR A 133 22.62 54.44 17.85
C THR A 133 22.18 55.89 17.66
N ILE A 134 22.54 56.74 18.60
CA ILE A 134 22.12 58.14 18.58
C ILE A 134 23.19 58.98 17.88
N PRO A 135 22.81 59.95 17.05
CA PRO A 135 23.81 60.77 16.36
C PRO A 135 24.45 61.79 17.28
N SER A 136 25.68 62.19 16.93
CA SER A 136 26.43 63.19 17.67
C SER A 136 26.78 64.35 16.75
N ILE A 137 26.58 65.58 17.24
CA ILE A 137 26.83 66.75 16.41
C ILE A 137 28.33 66.84 16.11
N ASN A 138 28.65 66.96 14.82
CA ASN A 138 30.02 67.10 14.34
C ASN A 138 30.91 65.94 14.78
N ASN A 139 30.30 64.80 15.13
CA ASN A 139 31.05 63.65 15.64
C ASN A 139 31.87 64.02 16.87
N GLU A 140 31.37 64.98 17.65
CA GLU A 140 32.07 65.47 18.84
C GLU A 140 31.72 64.68 20.10
N THR A 141 30.85 63.68 19.99
CA THR A 141 30.45 62.86 21.13
C THR A 141 30.37 61.41 20.70
N PRO A 142 30.66 60.48 21.62
CA PRO A 142 30.50 59.07 21.28
C PRO A 142 29.04 58.72 21.01
N GLY A 143 28.83 57.85 20.04
CA GLY A 143 27.49 57.42 19.69
C GLY A 143 26.73 56.87 20.88
N ILE A 144 25.49 57.32 21.06
CA ILE A 144 24.66 56.88 22.17
C ILE A 144 23.92 55.62 21.75
N ARG A 145 24.24 54.50 22.41
CA ARG A 145 23.58 53.23 22.12
C ARG A 145 22.31 53.07 22.95
N TYR A 148 15.31 49.06 23.10
CA TYR A 148 13.99 49.16 23.70
C TYR A 148 13.75 48.07 24.74
N ASN A 149 13.11 48.46 25.85
CA ASN A 149 12.72 47.51 26.90
C ASN A 149 11.26 47.11 26.80
N VAL A 150 10.46 47.82 26.01
CA VAL A 150 9.04 47.56 25.86
C VAL A 150 8.73 47.39 24.37
N LEU A 151 7.47 47.07 24.07
CA LEU A 151 7.04 46.92 22.70
C LEU A 151 7.33 48.20 21.91
N PRO A 152 8.31 48.18 21.01
CA PRO A 152 8.65 49.40 20.28
C PRO A 152 7.58 49.74 19.23
N GLN A 153 7.35 51.03 19.05
CA GLN A 153 6.41 51.49 18.05
C GLN A 153 6.94 51.20 16.64
N GLY A 154 6.07 50.69 15.79
CA GLY A 154 6.43 50.37 14.43
C GLY A 154 6.98 48.98 14.19
N TRP A 155 7.09 48.16 15.24
CA TRP A 155 7.61 46.82 15.08
C TRP A 155 6.52 45.88 14.58
N LYS A 156 6.93 44.88 13.80
CA LYS A 156 5.98 43.98 13.17
C LYS A 156 5.14 43.24 14.21
N GLY A 157 5.79 42.73 15.26
CA GLY A 157 5.07 41.97 16.27
C GLY A 157 4.39 42.80 17.33
N SER A 158 4.57 44.11 17.32
CA SER A 158 3.97 44.97 18.34
C SER A 158 2.45 44.85 18.37
N PRO A 159 1.73 45.08 17.27
CA PRO A 159 0.26 45.00 17.33
C PRO A 159 -0.25 43.69 17.90
N ALA A 160 0.21 42.56 17.38
CA ALA A 160 -0.28 41.27 17.86
C ALA A 160 0.06 41.05 19.34
N ILE A 161 1.30 41.36 19.73
CA ILE A 161 1.70 41.18 21.12
C ILE A 161 0.83 42.00 22.05
N PHE A 162 0.62 43.28 21.71
CA PHE A 162 -0.22 44.14 22.54
C PHE A 162 -1.64 43.62 22.61
N GLN A 163 -2.20 43.21 21.47
CA GLN A 163 -3.55 42.66 21.45
C GLN A 163 -3.63 41.35 22.22
N SER A 164 -2.68 40.44 21.95
CA SER A 164 -2.68 39.16 22.65
C SER A 164 -2.46 39.37 24.15
N SER A 165 -1.59 40.31 24.51
CA SER A 165 -1.40 40.64 25.92
C SER A 165 -2.70 41.12 26.56
N MET A 166 -3.37 42.08 25.91
CA MET A 166 -4.65 42.57 26.40
C MET A 166 -5.64 41.44 26.61
N THR A 167 -5.74 40.54 25.62
CA THR A 167 -6.71 39.44 25.69
C THR A 167 -6.57 38.67 27.01
N LYS A 168 -5.37 38.19 27.30
CA LYS A 168 -5.16 37.48 28.56
C LYS A 168 -5.46 38.37 29.76
N ILE A 169 -5.22 39.68 29.64
CA ILE A 169 -5.52 40.59 30.74
C ILE A 169 -7.02 40.67 30.97
N LEU A 170 -7.79 40.85 29.89
CA LEU A 170 -9.23 41.02 30.01
C LEU A 170 -9.96 39.73 30.33
N GLU A 171 -9.37 38.57 30.00
CA GLU A 171 -10.05 37.30 30.22
C GLU A 171 -10.62 37.14 31.62
N PRO A 172 -9.89 37.44 32.70
CA PRO A 172 -10.48 37.27 34.04
C PRO A 172 -11.69 38.16 34.28
N PHE A 173 -11.59 39.44 33.94
CA PHE A 173 -12.69 40.36 34.21
C PHE A 173 -13.96 39.92 33.49
N ALA A 174 -13.82 39.43 32.26
CA ALA A 174 -14.98 38.95 31.51
C ALA A 174 -15.71 37.84 32.27
N ALA A 175 -14.96 36.84 32.74
CA ALA A 175 -15.57 35.73 33.45
C ALA A 175 -16.20 36.20 34.76
N GLN A 176 -15.53 37.11 35.47
CA GLN A 176 -16.06 37.59 36.74
C GLN A 176 -17.33 38.42 36.56
N ASN A 177 -17.45 39.13 35.44
CA ASN A 177 -18.58 40.00 35.16
C ASN A 177 -19.14 39.65 33.79
N PRO A 178 -19.88 38.54 33.67
CA PRO A 178 -20.46 38.17 32.37
C PRO A 178 -21.55 39.10 31.89
N ASP A 179 -22.09 39.96 32.76
CA ASP A 179 -23.14 40.88 32.34
C ASP A 179 -22.62 41.93 31.36
N ILE A 180 -21.36 42.32 31.49
CA ILE A 180 -20.76 43.29 30.58
C ILE A 180 -20.19 42.57 29.37
N VAL A 181 -20.32 43.21 28.20
CA VAL A 181 -19.78 42.70 26.95
C VAL A 181 -18.71 43.67 26.47
N ILE A 182 -17.53 43.13 26.16
CA ILE A 182 -16.36 43.93 25.83
C ILE A 182 -15.86 43.50 24.46
N CYS A 183 -16.12 44.31 23.45
CA CYS A 183 -15.56 44.07 22.13
C CYS A 183 -14.17 44.67 22.06
N GLN A 184 -13.24 43.94 21.44
CA GLN A 184 -11.82 44.29 21.43
C GLN A 184 -11.42 44.77 20.05
N TYR A 185 -10.88 45.99 19.98
CA TYR A 185 -10.33 46.54 18.75
C TYR A 185 -9.03 47.25 19.09
N MET A 186 -8.21 47.45 18.06
CA MET A 186 -6.87 48.01 18.26
C MET A 186 -6.92 49.31 19.03
N ASP A 187 -6.19 49.36 20.15
CA ASP A 187 -6.02 50.58 20.93
C ASP A 187 -7.28 51.00 21.65
N ASP A 188 -8.41 50.35 21.33
CA ASP A 188 -9.69 50.69 21.93
C ASP A 188 -10.27 49.48 22.64
N LEU A 189 -11.23 49.76 23.53
CA LEU A 189 -11.91 48.71 24.29
C LEU A 189 -13.35 49.16 24.49
N TYR A 190 -14.27 48.58 23.73
CA TYR A 190 -15.67 48.99 23.73
C TYR A 190 -16.48 48.08 24.65
N VAL A 191 -17.20 48.68 25.60
CA VAL A 191 -17.92 47.95 26.63
C VAL A 191 -19.37 48.43 26.65
N GLY A 192 -20.29 47.48 26.71
CA GLY A 192 -21.71 47.80 26.84
C GLY A 192 -22.38 46.85 27.80
N SER A 193 -23.47 47.32 28.39
CA SER A 193 -24.19 46.54 29.38
C SER A 193 -25.62 47.04 29.48
N ASP A 194 -26.52 46.14 29.90
CA ASP A 194 -27.93 46.45 30.06
C ASP A 194 -28.34 46.63 31.52
N LEU A 195 -27.37 46.84 32.41
CA LEU A 195 -27.68 47.14 33.80
C LEU A 195 -27.93 48.64 33.97
N GLU A 196 -28.33 49.01 35.18
CA GLU A 196 -28.68 50.40 35.45
C GLU A 196 -27.48 51.30 35.20
N ILE A 197 -27.75 52.54 34.80
CA ILE A 197 -26.69 53.45 34.39
C ILE A 197 -25.65 53.60 35.50
N GLY A 198 -26.08 53.59 36.75
CA GLY A 198 -25.13 53.67 37.85
C GLY A 198 -24.24 52.45 37.93
N GLN A 199 -24.80 51.27 37.70
CA GLN A 199 -24.00 50.04 37.71
C GLN A 199 -23.03 50.00 36.54
N HIS A 200 -23.47 50.43 35.37
CA HIS A 200 -22.59 50.46 34.20
C HIS A 200 -21.36 51.32 34.46
N ARG A 201 -21.58 52.58 34.87
CA ARG A 201 -20.47 53.43 35.28
C ARG A 201 -19.64 52.77 36.38
N THR A 202 -20.29 52.02 37.27
CA THR A 202 -19.56 51.33 38.33
C THR A 202 -18.67 50.24 37.75
N LYS A 203 -19.23 49.40 36.87
CA LYS A 203 -18.44 48.33 36.27
C LYS A 203 -17.33 48.89 35.38
N ILE A 204 -17.57 50.04 34.74
CA ILE A 204 -16.53 50.68 33.93
C ILE A 204 -15.31 50.99 34.79
N GLU A 205 -15.55 51.55 35.97
CA GLU A 205 -14.43 51.91 36.85
C GLU A 205 -13.71 50.66 37.35
N GLU A 206 -14.46 49.62 37.72
CA GLU A 206 -13.82 48.37 38.14
C GLU A 206 -12.86 47.86 37.07
N LEU A 207 -13.29 47.91 35.81
CA LEU A 207 -12.44 47.41 34.72
C LEU A 207 -11.22 48.29 34.54
N ARG A 208 -11.38 49.61 34.66
CA ARG A 208 -10.23 50.50 34.54
C ARG A 208 -9.19 50.20 35.60
N GLN A 209 -9.62 49.91 36.82
CA GLN A 209 -8.69 49.56 37.88
C GLN A 209 -7.97 48.25 37.57
N HIS A 210 -8.71 47.25 37.06
CA HIS A 210 -8.08 46.00 36.65
C HIS A 210 -7.03 46.23 35.57
N LEU A 211 -7.23 47.24 34.72
CA LEU A 211 -6.23 47.58 33.72
C LEU A 211 -5.00 48.23 34.36
N LEU A 212 -5.22 49.12 35.33
CA LEU A 212 -4.11 49.78 35.99
C LEU A 212 -3.24 48.78 36.74
N ARG A 213 -3.86 47.78 37.35
CA ARG A 213 -3.09 46.77 38.10
C ARG A 213 -2.05 46.09 37.24
N TRP A 214 -2.20 46.15 35.91
CA TRP A 214 -1.20 45.66 34.97
C TRP A 214 -0.55 46.79 34.19
N GLY A 215 -0.76 48.03 34.61
CA GLY A 215 -0.13 49.17 33.95
C GLY A 215 -0.82 49.66 32.69
N LEU A 216 -2.15 49.77 32.73
CA LEU A 216 -2.94 50.15 31.57
C LEU A 216 -3.82 51.33 31.92
N THR A 217 -3.70 52.41 31.16
CA THR A 217 -4.42 53.65 31.43
C THR A 217 -5.61 53.76 30.48
N THR A 218 -6.82 53.78 31.05
CA THR A 218 -8.05 53.98 30.30
C THR A 218 -8.79 55.13 30.96
N PRO A 219 -8.47 56.37 30.58
CA PRO A 219 -8.94 57.54 31.35
C PRO A 219 -10.45 57.61 31.43
N ASP A 220 -10.97 57.64 32.67
CA ASP A 220 -12.34 58.06 32.94
C ASP A 220 -12.40 59.43 33.61
N LYS A 221 -11.34 59.85 34.30
CA LYS A 221 -11.23 61.22 34.79
C LYS A 221 -11.73 62.20 33.74
N LYS A 222 -11.09 62.21 32.58
CA LYS A 222 -11.63 62.89 31.41
C LYS A 222 -12.81 62.08 30.91
N HIS A 223 -14.03 62.56 31.18
CA HIS A 223 -15.23 61.80 30.90
C HIS A 223 -15.19 61.19 29.51
N GLN A 224 -15.35 59.86 29.43
CA GLN A 224 -15.38 59.20 28.14
C GLN A 224 -16.42 59.85 27.24
N LYS A 225 -16.06 60.02 25.96
CA LYS A 225 -16.97 60.65 25.01
C LYS A 225 -18.35 60.03 25.08
N GLU A 226 -19.34 60.83 25.46
CA GLU A 226 -20.71 60.34 25.53
C GLU A 226 -21.27 60.19 24.11
N PRO A 227 -22.31 59.37 23.95
CA PRO A 227 -22.92 59.23 22.63
C PRO A 227 -23.47 60.55 22.16
N PRO A 228 -23.46 60.80 20.84
CA PRO A 228 -23.06 59.90 19.76
C PRO A 228 -21.56 59.62 19.71
N PHE A 229 -21.16 58.50 19.12
CA PHE A 229 -19.76 58.16 18.91
C PHE A 229 -19.50 58.05 17.41
N LEU A 230 -18.43 58.71 16.95
CA LEU A 230 -18.04 58.66 15.54
C LEU A 230 -16.90 57.67 15.41
N TRP A 231 -17.24 56.42 15.09
CA TRP A 231 -16.22 55.42 14.84
C TRP A 231 -15.46 55.76 13.57
N MET A 232 -14.27 55.17 13.43
CA MET A 232 -13.45 55.44 12.26
C MET A 232 -14.22 55.13 10.97
N GLY A 233 -15.06 54.10 10.98
CA GLY A 233 -15.81 53.75 9.78
C GLY A 233 -16.99 54.66 9.56
N TYR A 234 -17.81 54.87 10.58
CA TYR A 234 -19.04 55.63 10.46
C TYR A 234 -19.43 56.15 11.84
N GLU A 235 -20.53 56.89 11.87
CA GLU A 235 -21.08 57.43 13.11
C GLU A 235 -22.06 56.44 13.72
N LEU A 236 -22.15 56.47 15.05
CA LEU A 236 -23.02 55.57 15.79
C LEU A 236 -23.86 56.37 16.79
N HIS A 237 -25.04 55.84 17.09
CA HIS A 237 -25.95 56.47 18.05
C HIS A 237 -26.53 55.44 18.99
N PRO A 238 -27.24 55.86 20.05
CA PRO A 238 -27.80 54.86 20.98
C PRO A 238 -28.83 53.94 20.34
N ASP A 239 -29.51 54.39 19.28
CA ASP A 239 -30.53 53.57 18.64
C ASP A 239 -30.43 53.56 17.12
N LYS A 240 -29.33 54.05 16.55
CA LYS A 240 -29.18 54.12 15.11
C LYS A 240 -27.70 54.16 14.76
N TRP A 241 -27.41 53.90 13.49
CA TRP A 241 -26.05 53.98 12.97
C TRP A 241 -26.08 54.50 11.55
N THR A 242 -25.12 55.34 11.20
CA THR A 242 -25.05 55.92 9.87
C THR A 242 -23.60 56.25 9.55
N VAL A 243 -23.31 56.34 8.25
CA VAL A 243 -21.97 56.69 7.81
C VAL A 243 -21.74 58.19 7.97
N GLN A 244 -20.48 58.59 7.92
CA GLN A 244 -20.16 60.00 7.96
C GLN A 244 -20.74 60.71 6.73
N PRO A 245 -21.15 61.96 6.87
CA PRO A 245 -21.81 62.65 5.75
C PRO A 245 -20.92 62.70 4.53
N ILE A 246 -21.55 62.55 3.36
CA ILE A 246 -20.84 62.59 2.09
C ILE A 246 -20.80 64.02 1.57
N VAL A 247 -19.90 64.29 0.63
CA VAL A 247 -19.73 65.60 0.04
C VAL A 247 -19.62 65.46 -1.47
N LEU A 248 -20.16 66.44 -2.19
CA LEU A 248 -20.20 66.40 -3.64
C LEU A 248 -19.47 67.62 -4.20
N PRO A 249 -18.32 67.44 -4.87
CA PRO A 249 -17.61 68.61 -5.40
C PRO A 249 -18.40 69.36 -6.48
N GLU A 250 -18.95 68.64 -7.46
CA GLU A 250 -19.69 69.24 -8.56
C GLU A 250 -18.80 70.12 -9.44
N LYS A 251 -17.51 69.82 -9.50
CA LYS A 251 -16.61 70.54 -10.38
C LYS A 251 -16.97 70.26 -11.84
N ASP A 252 -16.76 71.28 -12.69
CA ASP A 252 -17.13 71.12 -14.10
C ASP A 252 -16.29 70.04 -14.77
N SER A 253 -15.00 69.97 -14.43
CA SER A 253 -14.08 68.98 -14.98
C SER A 253 -13.49 68.16 -13.84
N TRP A 254 -13.48 66.84 -14.00
CA TRP A 254 -12.98 65.94 -12.98
C TRP A 254 -11.74 65.22 -13.48
N THR A 255 -10.82 64.94 -12.55
CA THR A 255 -9.57 64.26 -12.86
C THR A 255 -9.66 62.79 -12.45
N VAL A 256 -8.56 62.06 -12.65
CA VAL A 256 -8.54 60.63 -12.33
C VAL A 256 -8.70 60.43 -10.83
N ASN A 257 -7.93 61.16 -10.03
CA ASN A 257 -8.07 61.04 -8.58
C ASN A 257 -9.43 61.47 -8.09
N ASP A 258 -10.16 62.28 -8.88
CA ASP A 258 -11.53 62.63 -8.53
C ASP A 258 -12.43 61.42 -8.59
N ILE A 259 -12.20 60.53 -9.56
CA ILE A 259 -13.07 59.35 -9.72
C ILE A 259 -12.94 58.44 -8.51
N GLN A 260 -11.71 58.07 -8.15
CA GLN A 260 -11.51 57.17 -7.02
C GLN A 260 -12.12 57.74 -5.74
N LYS A 261 -11.89 59.03 -5.49
CA LYS A 261 -12.44 59.65 -4.29
C LYS A 261 -13.96 59.61 -4.30
N LEU A 262 -14.58 59.90 -5.44
CA LEU A 262 -16.04 59.85 -5.53
C LEU A 262 -16.53 58.41 -5.41
N VAL A 263 -15.89 57.48 -6.12
CA VAL A 263 -16.29 56.08 -6.02
C VAL A 263 -16.09 55.56 -4.60
N GLY A 264 -14.93 55.84 -4.02
CA GLY A 264 -14.67 55.40 -2.66
C GLY A 264 -15.66 55.95 -1.66
N LYS A 265 -15.94 57.25 -1.76
CA LYS A 265 -16.93 57.85 -0.86
C LYS A 265 -18.33 57.31 -1.14
N LEU A 266 -18.66 57.11 -2.42
CA LEU A 266 -19.96 56.53 -2.75
C LEU A 266 -20.05 55.08 -2.28
N ASN A 267 -18.98 54.31 -2.44
CA ASN A 267 -18.97 52.93 -1.97
C ASN A 267 -19.32 52.87 -0.48
N TRP A 268 -18.69 53.74 0.32
CA TRP A 268 -18.99 53.77 1.75
C TRP A 268 -20.44 54.14 2.00
N ALA A 269 -21.05 54.90 1.09
CA ALA A 269 -22.44 55.29 1.27
C ALA A 269 -23.40 54.15 0.96
N SER A 270 -22.99 53.22 0.09
CA SER A 270 -23.86 52.11 -0.27
C SER A 270 -24.18 51.20 0.91
N GLN A 271 -23.48 51.35 2.04
CA GLN A 271 -23.74 50.49 3.19
C GLN A 271 -25.11 50.75 3.79
N ILE A 272 -25.52 52.02 3.81
CA ILE A 272 -26.78 52.41 4.45
C ILE A 272 -27.74 53.03 3.44
N TYR A 273 -27.19 53.65 2.39
CA TYR A 273 -28.01 54.37 1.42
C TYR A 273 -28.24 53.49 0.19
N PRO A 274 -29.45 53.00 -0.04
CA PRO A 274 -29.67 52.14 -1.21
C PRO A 274 -29.70 52.94 -2.50
N GLY A 275 -29.44 52.23 -3.60
CA GLY A 275 -29.47 52.83 -4.92
C GLY A 275 -28.16 53.36 -5.43
N ILE A 276 -27.12 53.43 -4.60
CA ILE A 276 -25.83 53.94 -5.05
C ILE A 276 -25.34 53.16 -6.26
N LYS A 277 -24.85 53.87 -7.26
CA LYS A 277 -24.35 53.27 -8.48
C LYS A 277 -22.99 53.89 -8.83
N VAL A 278 -22.00 53.04 -9.08
CA VAL A 278 -20.65 53.49 -9.40
C VAL A 278 -20.12 52.87 -10.68
N ARG A 279 -20.94 52.09 -11.39
CA ARG A 279 -20.46 51.43 -12.59
C ARG A 279 -20.09 52.44 -13.68
N GLN A 280 -21.01 53.35 -13.99
CA GLN A 280 -20.73 54.36 -15.01
C GLN A 280 -19.46 55.14 -14.68
N LEU A 281 -19.30 55.54 -13.41
CA LEU A 281 -18.12 56.27 -13.01
C LEU A 281 -16.86 55.44 -13.19
N SER A 282 -16.91 54.17 -12.78
CA SER A 282 -15.76 53.29 -12.93
C SER A 282 -15.41 53.07 -14.40
N LYS A 283 -16.43 52.96 -15.25
CA LYS A 283 -16.18 52.78 -16.68
C LYS A 283 -15.39 53.95 -17.25
N LEU A 284 -15.63 55.17 -16.76
CA LEU A 284 -14.92 56.34 -17.26
C LEU A 284 -13.43 56.22 -17.01
N LEU A 285 -13.04 55.81 -15.81
CA LEU A 285 -11.63 55.66 -15.45
C LEU A 285 -11.11 54.27 -15.82
N ARG A 286 -11.36 53.86 -17.07
CA ARG A 286 -10.92 52.55 -17.52
C ARG A 286 -9.39 52.45 -17.46
N GLY A 287 -8.67 53.46 -17.97
CA GLY A 287 -7.23 53.44 -17.93
C GLY A 287 -6.67 53.72 -16.55
N THR A 288 -7.22 54.74 -15.89
CA THR A 288 -6.76 55.15 -14.57
C THR A 288 -5.24 55.26 -14.55
N LYS A 289 -4.68 55.84 -15.62
CA LYS A 289 -3.23 55.85 -15.80
C LYS A 289 -2.54 56.60 -14.67
N ALA A 290 -2.95 57.85 -14.44
CA ALA A 290 -2.29 58.70 -13.44
C ALA A 290 -3.34 59.42 -12.62
N LEU A 291 -3.16 59.40 -11.29
CA LEU A 291 -4.04 60.17 -10.41
C LEU A 291 -4.10 61.63 -10.82
N THR A 292 -3.03 62.14 -11.41
CA THR A 292 -3.02 63.52 -11.89
C THR A 292 -3.76 63.67 -13.22
N GLU A 293 -3.76 62.62 -14.04
CA GLU A 293 -4.45 62.69 -15.33
C GLU A 293 -5.91 63.07 -15.13
N VAL A 294 -6.43 63.87 -16.07
CA VAL A 294 -7.80 64.34 -16.05
C VAL A 294 -8.56 63.67 -17.19
N ILE A 295 -9.70 63.08 -16.89
CA ILE A 295 -10.50 62.35 -17.86
C ILE A 295 -11.87 63.03 -17.93
N PRO A 296 -12.40 63.32 -19.12
CA PRO A 296 -13.70 63.99 -19.20
C PRO A 296 -14.82 63.09 -18.71
N LEU A 297 -15.78 63.71 -18.02
CA LEU A 297 -16.94 62.98 -17.51
C LEU A 297 -17.87 62.60 -18.65
N THR A 298 -18.44 61.40 -18.57
CA THR A 298 -19.44 60.95 -19.51
C THR A 298 -20.83 61.31 -19.00
N GLU A 299 -21.77 61.44 -19.94
CA GLU A 299 -23.13 61.81 -19.55
C GLU A 299 -23.83 60.67 -18.82
N GLU A 300 -23.60 59.43 -19.24
CA GLU A 300 -24.15 58.30 -18.52
C GLU A 300 -23.64 58.25 -17.10
N ALA A 301 -22.34 58.52 -16.91
CA ALA A 301 -21.79 58.62 -15.57
C ALA A 301 -22.32 59.85 -14.84
N GLU A 302 -22.41 60.99 -15.55
CA GLU A 302 -22.98 62.18 -14.96
C GLU A 302 -24.40 61.93 -14.47
N LEU A 303 -25.20 61.22 -15.27
CA LEU A 303 -26.53 60.83 -14.82
C LEU A 303 -26.46 59.97 -13.56
N GLU A 304 -25.52 59.02 -13.54
CA GLU A 304 -25.35 58.19 -12.35
C GLU A 304 -25.10 59.02 -11.11
N LEU A 305 -24.28 60.07 -11.24
CA LEU A 305 -24.05 60.97 -10.11
C LEU A 305 -25.31 61.75 -9.75
N ALA A 306 -26.05 62.21 -10.77
CA ALA A 306 -27.30 62.91 -10.50
C ALA A 306 -28.27 62.03 -9.74
N GLU A 307 -28.40 60.77 -10.17
CA GLU A 307 -29.25 59.83 -9.44
C GLU A 307 -28.69 59.55 -8.05
N ASN A 308 -27.38 59.36 -7.95
CA ASN A 308 -26.76 59.16 -6.64
C ASN A 308 -26.98 60.37 -5.74
N ARG A 309 -26.90 61.58 -6.31
CA ARG A 309 -27.11 62.78 -5.52
C ARG A 309 -28.50 62.82 -4.91
N GLU A 310 -29.51 62.41 -5.69
CA GLU A 310 -30.89 62.38 -5.18
C GLU A 310 -30.98 61.55 -3.91
N ILE A 311 -30.59 60.28 -4.00
CA ILE A 311 -30.68 59.40 -2.84
C ILE A 311 -29.83 59.92 -1.69
N LEU A 312 -28.65 60.47 -2.02
CA LEU A 312 -27.77 60.98 -0.97
C LEU A 312 -28.40 62.12 -0.20
N LYS A 313 -29.27 62.90 -0.84
CA LYS A 313 -29.88 64.04 -0.18
C LYS A 313 -30.66 63.60 1.06
N GLU A 314 -31.49 62.58 0.91
CA GLU A 314 -32.31 62.12 2.03
C GLU A 314 -31.43 61.45 3.08
N PRO A 315 -31.58 61.79 4.36
CA PRO A 315 -30.81 61.11 5.40
C PRO A 315 -31.39 59.73 5.70
N VAL A 316 -30.49 58.79 5.99
CA VAL A 316 -30.87 57.40 6.23
C VAL A 316 -30.17 56.89 7.47
N HIS A 317 -30.80 55.94 8.14
CA HIS A 317 -30.25 55.34 9.35
C HIS A 317 -30.59 53.85 9.37
N GLY A 318 -29.76 53.09 10.07
CA GLY A 318 -29.95 51.65 10.20
C GLY A 318 -30.14 51.25 11.64
N VAL A 319 -30.92 50.18 11.84
CA VAL A 319 -31.22 49.69 13.18
C VAL A 319 -30.16 48.68 13.59
N TYR A 320 -30.09 48.39 14.88
CA TYR A 320 -29.19 47.38 15.39
C TYR A 320 -29.87 46.01 15.37
N TYR A 321 -29.07 44.97 15.54
CA TYR A 321 -29.56 43.61 15.40
C TYR A 321 -30.26 43.14 16.67
N ASP A 322 -31.35 42.40 16.49
CA ASP A 322 -32.09 41.78 17.59
C ASP A 322 -32.23 40.30 17.28
N PRO A 323 -31.44 39.44 17.93
CA PRO A 323 -31.52 38.00 17.61
C PRO A 323 -32.92 37.44 17.61
N SER A 324 -33.84 38.02 18.38
CA SER A 324 -35.22 37.54 18.39
C SER A 324 -35.86 37.70 17.02
N LYS A 325 -35.68 38.86 16.39
CA LYS A 325 -36.25 39.11 15.08
C LYS A 325 -35.56 38.25 14.02
N ASP A 326 -36.31 37.88 12.99
CA ASP A 326 -35.75 37.14 11.88
C ASP A 326 -34.83 38.05 11.07
N LEU A 327 -34.04 37.43 10.20
CA LEU A 327 -33.10 38.14 9.33
C LEU A 327 -33.56 37.99 7.89
N ILE A 328 -33.81 39.11 7.22
CA ILE A 328 -34.37 39.13 5.88
C ILE A 328 -33.44 39.90 4.95
N ALA A 329 -33.25 39.37 3.75
CA ALA A 329 -32.45 40.00 2.71
C ALA A 329 -33.27 40.07 1.44
N GLU A 330 -33.36 41.26 0.86
CA GLU A 330 -34.14 41.49 -0.35
C GLU A 330 -33.22 42.04 -1.44
N ILE A 331 -33.37 41.52 -2.65
CA ILE A 331 -32.51 41.88 -3.78
C ILE A 331 -33.39 42.39 -4.92
N GLN A 332 -32.91 43.43 -5.60
CA GLN A 332 -33.53 43.93 -6.81
C GLN A 332 -32.47 44.09 -7.88
N LYS A 333 -32.91 44.03 -9.14
CA LYS A 333 -32.03 44.14 -10.29
C LYS A 333 -31.98 45.58 -10.77
N GLN A 334 -30.81 46.21 -10.67
CA GLN A 334 -30.64 47.58 -11.16
C GLN A 334 -30.41 47.63 -12.67
N GLY A 335 -29.94 46.54 -13.26
CA GLY A 335 -29.65 46.51 -14.67
C GLY A 335 -28.18 46.78 -14.96
N GLN A 336 -27.73 46.29 -16.12
CA GLN A 336 -26.34 46.45 -16.55
C GLN A 336 -25.38 45.83 -15.52
N GLY A 337 -25.77 44.68 -14.99
CA GLY A 337 -24.93 43.95 -14.05
C GLY A 337 -24.91 44.50 -12.64
N GLN A 338 -25.80 45.44 -12.32
CA GLN A 338 -25.84 46.02 -10.98
C GLN A 338 -27.03 45.46 -10.20
N TRP A 339 -26.78 45.15 -8.92
CA TRP A 339 -27.80 44.59 -8.04
C TRP A 339 -27.69 45.27 -6.68
N THR A 340 -28.83 45.69 -6.14
CA THR A 340 -28.90 46.25 -4.81
C THR A 340 -29.70 45.31 -3.91
N TYR A 341 -29.25 45.16 -2.67
CA TYR A 341 -29.90 44.30 -1.70
C TYR A 341 -30.11 45.06 -0.40
N GLN A 342 -31.11 44.64 0.36
CA GLN A 342 -31.39 45.18 1.69
C GLN A 342 -31.56 44.03 2.66
N ILE A 343 -30.95 44.16 3.83
CA ILE A 343 -31.09 43.20 4.92
C ILE A 343 -31.81 43.89 6.05
N TYR A 344 -33.01 43.41 6.37
CA TYR A 344 -33.84 44.04 7.38
C TYR A 344 -34.47 42.98 8.27
N GLN A 345 -34.60 43.31 9.56
CA GLN A 345 -35.34 42.47 10.50
C GLN A 345 -36.80 42.91 10.61
N GLU A 346 -37.04 44.22 10.62
CA GLU A 346 -38.37 44.80 10.67
C GLU A 346 -38.66 45.52 9.36
N PRO A 347 -39.90 45.45 8.85
CA PRO A 347 -40.20 46.10 7.57
C PRO A 347 -39.97 47.60 7.62
N PHE A 348 -39.42 48.14 6.53
CA PHE A 348 -39.20 49.57 6.38
C PHE A 348 -37.92 50.02 7.10
N LYS A 349 -37.43 49.20 8.03
CA LYS A 349 -36.22 49.50 8.79
C LYS A 349 -35.15 48.50 8.41
N ASN A 350 -34.06 48.97 7.80
CA ASN A 350 -33.01 48.12 7.27
C ASN A 350 -31.83 48.06 8.24
N LEU A 351 -31.33 46.84 8.48
CA LEU A 351 -30.08 46.69 9.21
C LEU A 351 -28.91 47.23 8.39
N LYS A 352 -28.91 46.97 7.09
CA LYS A 352 -27.82 47.36 6.21
C LYS A 352 -28.27 47.21 4.77
N THR A 353 -27.59 47.93 3.88
CA THR A 353 -27.82 47.85 2.45
C THR A 353 -26.49 47.72 1.73
N GLY A 354 -26.52 47.07 0.57
CA GLY A 354 -25.31 46.85 -0.20
C GLY A 354 -25.60 46.75 -1.68
N LYS A 355 -24.54 46.53 -2.45
CA LYS A 355 -24.64 46.41 -3.90
C LYS A 355 -23.65 45.36 -4.38
N TYR A 356 -24.01 44.68 -5.47
CA TYR A 356 -23.16 43.68 -6.10
C TYR A 356 -23.02 43.98 -7.58
N ALA A 357 -21.83 43.69 -8.11
CA ALA A 357 -21.52 43.89 -9.51
C ALA A 357 -21.12 42.56 -10.14
N ARG A 358 -21.42 42.41 -11.43
CA ARG A 358 -21.16 41.15 -12.11
C ARG A 358 -19.67 40.86 -12.17
N MET A 359 -19.30 39.64 -11.79
CA MET A 359 -17.91 39.20 -11.90
C MET A 359 -17.50 39.16 -13.37
N ARG A 360 -16.25 39.52 -13.62
CA ARG A 360 -15.75 39.61 -14.99
C ARG A 360 -15.97 38.32 -15.74
N GLY A 361 -16.55 38.42 -16.93
CA GLY A 361 -16.81 37.27 -17.76
C GLY A 361 -17.24 37.70 -19.15
N ALA A 362 -17.14 36.75 -20.08
CA ALA A 362 -17.51 37.02 -21.46
C ALA A 362 -18.97 36.72 -21.78
N HIS A 363 -19.55 35.72 -21.12
CA HIS A 363 -20.94 35.34 -21.33
C HIS A 363 -21.61 35.16 -19.98
N THR A 364 -22.80 35.75 -19.83
CA THR A 364 -23.50 35.73 -18.56
C THR A 364 -25.00 35.78 -18.80
N ASN A 365 -25.76 35.54 -17.73
CA ASN A 365 -27.20 35.68 -17.76
C ASN A 365 -27.67 36.18 -16.40
N ASP A 366 -28.96 36.51 -16.31
CA ASP A 366 -29.49 37.09 -15.09
C ASP A 366 -29.50 36.08 -13.95
N VAL A 367 -29.92 34.85 -14.21
CA VAL A 367 -30.08 33.87 -13.14
C VAL A 367 -28.76 33.66 -12.40
N LYS A 368 -27.70 33.38 -13.14
CA LYS A 368 -26.39 33.16 -12.51
C LYS A 368 -25.99 34.36 -11.66
N GLN A 369 -26.12 35.57 -12.20
CA GLN A 369 -25.73 36.76 -11.45
C GLN A 369 -26.51 36.87 -10.15
N LEU A 370 -27.80 36.53 -10.18
CA LEU A 370 -28.58 36.51 -8.95
C LEU A 370 -28.02 35.50 -7.95
N THR A 371 -27.78 34.28 -8.42
CA THR A 371 -27.17 33.26 -7.55
C THR A 371 -25.88 33.79 -6.93
N GLU A 372 -25.02 34.40 -7.74
CA GLU A 372 -23.77 34.95 -7.22
C GLU A 372 -24.02 35.95 -6.11
N ALA A 373 -25.05 36.79 -6.26
CA ALA A 373 -25.37 37.77 -5.23
C ALA A 373 -25.75 37.08 -3.92
N VAL A 374 -26.54 36.01 -4.01
CA VAL A 374 -26.94 35.29 -2.80
C VAL A 374 -25.71 34.86 -2.01
N GLN A 375 -24.77 34.17 -2.67
CA GLN A 375 -23.55 33.76 -2.00
C GLN A 375 -22.80 34.95 -1.43
N LYS A 376 -22.79 36.08 -2.14
CA LYS A 376 -22.15 37.28 -1.60
C LYS A 376 -22.89 37.79 -0.38
N ILE A 377 -24.22 37.76 -0.40
CA ILE A 377 -25.00 38.16 0.76
C ILE A 377 -24.87 37.11 1.85
N THR A 378 -25.04 35.84 1.50
CA THR A 378 -24.91 34.77 2.48
C THR A 378 -23.58 34.84 3.21
N THR A 379 -22.49 35.03 2.45
CA THR A 379 -21.17 35.11 3.06
C THR A 379 -21.08 36.27 4.04
N GLU A 380 -21.54 37.45 3.63
CA GLU A 380 -21.50 38.61 4.53
C GLU A 380 -22.38 38.42 5.74
N SER A 381 -23.53 37.75 5.57
CA SER A 381 -24.44 37.54 6.70
C SER A 381 -23.80 36.66 7.76
N ILE A 382 -23.24 35.52 7.35
CA ILE A 382 -22.58 34.63 8.31
C ILE A 382 -21.44 35.34 9.02
N VAL A 383 -20.85 36.35 8.38
CA VAL A 383 -19.75 37.09 8.99
C VAL A 383 -20.27 38.08 10.04
N ILE A 384 -21.38 38.75 9.76
CA ILE A 384 -21.85 39.80 10.64
C ILE A 384 -22.84 39.29 11.69
N TRP A 385 -23.61 38.25 11.38
CA TRP A 385 -24.58 37.71 12.32
C TRP A 385 -24.43 36.22 12.59
N GLY A 386 -23.79 35.46 11.70
CA GLY A 386 -23.62 34.03 11.92
C GLY A 386 -24.75 33.17 11.44
N LYS A 387 -25.63 33.68 10.59
CA LYS A 387 -26.73 32.88 10.08
C LYS A 387 -27.15 33.42 8.72
N THR A 388 -27.61 32.51 7.86
CA THR A 388 -28.08 32.91 6.54
C THR A 388 -29.43 33.63 6.67
N PRO A 389 -29.67 34.65 5.85
CA PRO A 389 -30.97 35.32 5.87
C PRO A 389 -31.98 34.60 4.99
N LYS A 390 -33.25 34.91 5.26
CA LYS A 390 -34.31 34.59 4.31
C LYS A 390 -34.24 35.58 3.16
N PHE A 391 -34.42 35.09 1.94
CA PHE A 391 -34.22 35.89 0.74
C PHE A 391 -35.55 36.20 0.09
N LYS A 392 -35.77 37.49 -0.21
CA LYS A 392 -36.84 37.92 -1.09
C LYS A 392 -36.22 38.17 -2.46
N LEU A 393 -36.54 37.31 -3.41
CA LEU A 393 -35.86 37.35 -4.69
C LEU A 393 -36.82 37.70 -5.83
N PRO A 394 -36.38 38.51 -6.78
CA PRO A 394 -37.24 38.89 -7.93
C PRO A 394 -37.18 37.86 -9.06
N ILE A 395 -37.56 36.63 -8.74
CA ILE A 395 -37.58 35.55 -9.73
C ILE A 395 -38.68 34.57 -9.34
N GLN A 396 -39.50 34.21 -10.32
CA GLN A 396 -40.58 33.26 -10.08
C GLN A 396 -40.02 31.89 -9.72
N LYS A 397 -40.64 31.23 -8.74
CA LYS A 397 -40.20 29.91 -8.33
C LYS A 397 -40.10 28.96 -9.51
N GLU A 398 -40.99 29.10 -10.50
CA GLU A 398 -40.94 28.23 -11.67
C GLU A 398 -39.74 28.55 -12.55
N THR A 399 -39.38 29.83 -12.65
CA THR A 399 -38.18 30.20 -13.39
C THR A 399 -36.95 29.50 -12.81
N TRP A 400 -36.82 29.52 -11.48
CA TRP A 400 -35.67 28.90 -10.83
C TRP A 400 -35.68 27.40 -11.00
N GLU A 401 -36.83 26.76 -10.73
CA GLU A 401 -36.93 25.31 -10.87
C GLU A 401 -36.47 24.86 -12.25
N THR A 402 -36.91 25.56 -13.30
CA THR A 402 -36.48 25.22 -14.65
C THR A 402 -34.97 25.37 -14.79
N TRP A 403 -34.43 26.48 -14.30
CA TRP A 403 -33.01 26.78 -14.45
C TRP A 403 -32.12 25.76 -13.72
N TRP A 404 -32.21 25.72 -12.40
CA TRP A 404 -31.26 24.90 -11.64
C TRP A 404 -31.40 23.43 -11.98
N THR A 405 -32.62 22.97 -12.27
CA THR A 405 -32.81 21.57 -12.62
C THR A 405 -32.14 21.23 -13.95
N GLU A 406 -32.23 22.13 -14.92
CA GLU A 406 -31.66 21.88 -16.25
C GLU A 406 -30.17 22.19 -16.33
N TYR A 407 -29.65 22.99 -15.40
CA TYR A 407 -28.24 23.36 -15.43
C TYR A 407 -27.37 22.11 -15.35
N TRP A 408 -26.22 22.16 -16.03
CA TRP A 408 -25.30 21.03 -16.01
C TRP A 408 -24.47 20.97 -14.75
N GLN A 409 -24.32 22.09 -14.04
CA GLN A 409 -23.58 22.12 -12.80
C GLN A 409 -24.52 22.11 -11.60
N ALA A 410 -23.99 21.68 -10.46
CA ALA A 410 -24.72 21.78 -9.21
C ALA A 410 -24.90 23.25 -8.84
N THR A 411 -26.12 23.61 -8.47
CA THR A 411 -26.44 24.99 -8.12
C THR A 411 -27.63 24.98 -7.17
N TRP A 412 -27.59 25.89 -6.19
CA TRP A 412 -28.63 25.93 -5.17
C TRP A 412 -28.72 27.34 -4.61
N ILE A 413 -29.90 27.68 -4.10
CA ILE A 413 -30.14 28.95 -3.43
C ILE A 413 -30.85 28.67 -2.12
N PRO A 414 -30.46 29.33 -1.02
CA PRO A 414 -31.09 29.06 0.28
C PRO A 414 -32.58 29.31 0.26
N GLU A 415 -33.24 29.08 1.40
CA GLU A 415 -34.67 29.31 1.50
C GLU A 415 -34.99 30.75 1.10
N TRP A 416 -35.92 30.90 0.16
CA TRP A 416 -36.20 32.21 -0.42
C TRP A 416 -37.66 32.28 -0.83
N GLU A 417 -38.16 33.50 -0.94
CA GLU A 417 -39.52 33.76 -1.39
C GLU A 417 -39.50 34.67 -2.61
N PHE A 418 -40.58 34.63 -3.38
CA PHE A 418 -40.72 35.49 -4.55
C PHE A 418 -41.24 36.86 -4.14
N VAL A 419 -40.64 37.90 -4.71
CA VAL A 419 -41.06 39.28 -4.49
C VAL A 419 -41.38 39.88 -5.85
N ASN A 420 -42.56 40.49 -5.97
CA ASN A 420 -43.09 40.92 -7.26
C ASN A 420 -42.48 42.23 -7.75
N THR A 421 -41.52 42.80 -7.04
CA THR A 421 -40.93 44.07 -7.45
C THR A 421 -40.12 43.86 -8.74
N PRO A 422 -40.47 44.53 -9.83
CA PRO A 422 -39.70 44.36 -11.07
C PRO A 422 -38.37 45.06 -10.98
N PRO A 423 -37.47 44.83 -11.95
CA PRO A 423 -37.61 43.92 -13.10
C PRO A 423 -37.40 42.47 -12.68
N LEU A 424 -38.29 41.58 -13.06
CA LEU A 424 -38.18 40.19 -12.65
C LEU A 424 -37.10 39.47 -13.47
N VAL A 425 -36.51 38.45 -12.86
CA VAL A 425 -35.51 37.61 -13.53
C VAL A 425 -36.24 36.51 -14.29
N LYS A 426 -35.90 36.35 -15.56
CA LYS A 426 -36.58 35.38 -16.41
C LYS A 426 -35.57 34.72 -17.35
N LEU A 427 -35.98 33.59 -17.91
CA LEU A 427 -35.20 32.88 -18.92
C LEU A 427 -35.64 33.39 -20.29
N TRP A 428 -34.73 34.07 -21.00
CA TRP A 428 -35.11 34.72 -22.24
C TRP A 428 -35.37 33.72 -23.36
N TYR A 429 -34.72 32.57 -23.33
CA TYR A 429 -34.93 31.56 -24.35
C TYR A 429 -34.59 30.19 -23.76
N GLN A 430 -35.31 29.17 -24.22
CA GLN A 430 -35.10 27.80 -23.79
C GLN A 430 -34.96 26.90 -25.01
N LEU A 431 -33.94 26.05 -25.00
CA LEU A 431 -33.65 25.16 -26.11
C LEU A 431 -34.30 23.80 -25.88
N GLU A 432 -34.99 23.30 -26.90
CA GLU A 432 -35.65 22.01 -26.78
C GLU A 432 -34.63 20.91 -26.52
N LYS A 433 -35.06 19.88 -25.79
CA LYS A 433 -34.21 18.72 -25.50
C LYS A 433 -34.34 17.62 -26.54
N GLU A 434 -35.34 17.69 -27.41
CA GLU A 434 -35.54 16.72 -28.48
C GLU A 434 -35.79 17.45 -29.79
N PRO A 435 -35.40 16.84 -30.91
CA PRO A 435 -35.53 17.53 -32.20
C PRO A 435 -36.98 17.90 -32.50
N ILE A 436 -37.16 19.09 -33.06
CA ILE A 436 -38.49 19.61 -33.39
C ILE A 436 -38.95 18.93 -34.67
N VAL A 437 -39.89 17.99 -34.55
CA VAL A 437 -40.42 17.32 -35.73
C VAL A 437 -41.07 18.34 -36.65
N GLY A 438 -40.85 18.18 -37.95
CA GLY A 438 -41.42 19.11 -38.90
C GLY A 438 -40.78 20.48 -38.89
N ALA A 439 -39.51 20.57 -38.48
CA ALA A 439 -38.75 21.81 -38.52
C ALA A 439 -37.53 21.62 -39.41
N GLU A 440 -37.28 22.58 -40.28
CA GLU A 440 -36.17 22.45 -41.22
C GLU A 440 -34.85 22.27 -40.47
N THR A 441 -34.06 21.31 -40.91
CA THR A 441 -32.80 20.98 -40.27
C THR A 441 -31.65 21.69 -40.98
N PHE A 442 -30.79 22.34 -40.21
CA PHE A 442 -29.72 23.18 -40.74
C PHE A 442 -28.36 22.61 -40.34
N TYR A 443 -27.76 21.82 -41.24
CA TYR A 443 -26.37 21.42 -41.06
C TYR A 443 -25.47 22.60 -41.36
N VAL A 444 -24.71 23.03 -40.36
CA VAL A 444 -23.88 24.24 -40.48
C VAL A 444 -22.42 23.88 -40.26
N ASP A 445 -21.55 24.66 -40.90
CA ASP A 445 -20.12 24.60 -40.67
C ASP A 445 -19.50 25.89 -41.16
N GLY A 446 -18.34 26.21 -40.60
CA GLY A 446 -17.63 27.41 -40.98
C GLY A 446 -16.12 27.24 -40.86
N ALA A 447 -15.38 27.82 -41.79
CA ALA A 447 -13.94 27.71 -41.82
C ALA A 447 -13.31 29.07 -42.07
N ALA A 448 -12.02 29.17 -41.74
CA ALA A 448 -11.26 30.40 -41.95
C ALA A 448 -9.79 30.04 -42.01
N ASN A 449 -9.07 30.69 -42.94
CA ASN A 449 -7.65 30.45 -43.09
C ASN A 449 -6.87 31.10 -41.97
N ARG A 450 -5.86 30.38 -41.45
CA ARG A 450 -5.02 30.94 -40.40
C ARG A 450 -4.13 32.04 -40.94
N GLU A 451 -3.54 31.83 -42.12
CA GLU A 451 -2.67 32.85 -42.71
C GLU A 451 -3.46 34.08 -43.12
N THR A 452 -4.60 33.88 -43.78
CA THR A 452 -5.46 34.97 -44.21
C THR A 452 -6.75 34.93 -43.41
N LYS A 453 -7.05 36.02 -42.72
CA LYS A 453 -8.28 36.11 -41.93
C LYS A 453 -9.55 35.82 -42.74
N LEU A 454 -9.48 35.85 -44.07
CA LEU A 454 -10.65 35.57 -44.89
C LEU A 454 -11.21 34.19 -44.58
N GLY A 455 -12.54 34.07 -44.69
CA GLY A 455 -13.21 32.82 -44.40
C GLY A 455 -14.63 32.86 -44.90
N LYS A 456 -15.35 31.76 -44.64
CA LYS A 456 -16.72 31.62 -45.12
C LYS A 456 -17.51 30.80 -44.11
N ALA A 457 -18.83 30.88 -44.24
CA ALA A 457 -19.74 30.16 -43.37
C ALA A 457 -21.05 29.96 -44.11
N GLY A 458 -21.66 28.78 -43.95
CA GLY A 458 -22.89 28.49 -44.64
C GLY A 458 -23.64 27.35 -43.98
N TYR A 459 -24.68 26.89 -44.69
CA TYR A 459 -25.53 25.83 -44.16
C TYR A 459 -26.17 25.06 -45.30
N VAL A 460 -26.72 23.89 -44.97
CA VAL A 460 -27.52 23.08 -45.86
C VAL A 460 -28.73 22.58 -45.08
N THR A 461 -29.83 22.33 -45.77
CA THR A 461 -31.05 21.88 -45.14
C THR A 461 -31.60 20.66 -45.88
N ASN A 462 -32.51 19.95 -45.20
CA ASN A 462 -33.17 18.81 -45.83
C ASN A 462 -34.04 19.24 -47.00
N LYS A 463 -34.56 20.46 -46.98
CA LYS A 463 -35.40 20.96 -48.06
C LYS A 463 -34.61 21.34 -49.30
N GLY A 464 -33.28 21.27 -49.26
CA GLY A 464 -32.43 21.71 -50.33
C GLY A 464 -31.90 23.12 -50.18
N ARG A 465 -32.47 23.91 -49.26
CA ARG A 465 -31.99 25.25 -49.01
C ARG A 465 -30.52 25.24 -48.63
N GLN A 466 -29.81 26.28 -49.04
CA GLN A 466 -28.38 26.38 -48.79
C GLN A 466 -27.97 27.84 -48.79
N LYS A 467 -26.74 28.10 -48.35
CA LYS A 467 -26.15 29.43 -48.37
C LYS A 467 -24.69 29.33 -47.95
N VAL A 468 -23.86 30.16 -48.58
CA VAL A 468 -22.45 30.29 -48.21
C VAL A 468 -22.09 31.77 -48.30
N VAL A 469 -21.47 32.30 -47.24
CA VAL A 469 -21.19 33.71 -47.13
C VAL A 469 -19.68 33.91 -46.92
N PRO A 470 -19.01 34.69 -47.76
CA PRO A 470 -17.59 34.96 -47.52
C PRO A 470 -17.41 35.99 -46.41
N LEU A 471 -16.46 35.71 -45.52
CA LEU A 471 -16.13 36.59 -44.41
C LEU A 471 -14.67 37.01 -44.48
N THR A 472 -14.38 38.12 -43.81
CA THR A 472 -13.02 38.65 -43.73
C THR A 472 -12.75 39.08 -42.30
N ASN A 473 -11.48 38.94 -41.88
CA ASN A 473 -11.07 39.28 -40.53
C ASN A 473 -11.83 38.45 -39.50
N THR A 474 -11.88 37.14 -39.74
CA THR A 474 -12.64 36.22 -38.91
C THR A 474 -11.78 35.01 -38.54
N THR A 475 -11.87 34.60 -37.28
CA THR A 475 -11.19 33.41 -36.82
C THR A 475 -12.06 32.18 -37.09
N ASN A 476 -11.44 30.99 -36.94
CA ASN A 476 -12.17 29.76 -37.20
C ASN A 476 -13.39 29.62 -36.30
N GLN A 477 -13.23 29.98 -35.01
CA GLN A 477 -14.36 29.88 -34.09
C GLN A 477 -15.47 30.85 -34.48
N LYS A 478 -15.10 32.08 -34.85
CA LYS A 478 -16.12 33.07 -35.22
C LYS A 478 -16.98 32.57 -36.37
N THR A 479 -16.37 31.92 -37.36
CA THR A 479 -17.15 31.37 -38.47
C THR A 479 -18.06 30.25 -37.99
N GLU A 480 -17.59 29.43 -37.04
CA GLU A 480 -18.43 28.38 -36.47
C GLU A 480 -19.66 28.96 -35.81
N LEU A 481 -19.51 30.07 -35.08
CA LEU A 481 -20.67 30.79 -34.58
C LEU A 481 -21.38 31.53 -35.70
N GLN A 482 -20.62 32.06 -36.66
CA GLN A 482 -21.24 32.76 -37.79
C GLN A 482 -22.13 31.82 -38.60
N ALA A 483 -21.70 30.56 -38.75
CA ALA A 483 -22.52 29.59 -39.47
C ALA A 483 -23.84 29.34 -38.75
N ILE A 484 -23.88 29.57 -37.44
CA ILE A 484 -25.10 29.37 -36.68
C ILE A 484 -26.01 30.59 -36.81
N TYR A 485 -25.44 31.79 -36.79
CA TYR A 485 -26.23 33.00 -36.96
C TYR A 485 -27.05 32.94 -38.25
N LEU A 486 -26.41 32.56 -39.35
CA LEU A 486 -27.12 32.46 -40.63
C LEU A 486 -28.30 31.51 -40.51
N ALA A 487 -28.06 30.28 -40.05
CA ALA A 487 -29.13 29.30 -39.92
C ALA A 487 -30.29 29.84 -39.09
N LEU A 488 -30.00 30.69 -38.11
CA LEU A 488 -31.07 31.25 -37.28
C LEU A 488 -31.85 32.31 -38.05
N GLN A 489 -31.17 33.13 -38.84
CA GLN A 489 -31.86 34.20 -39.57
C GLN A 489 -32.67 33.65 -40.73
N ASP A 490 -32.11 32.72 -41.49
CA ASP A 490 -32.75 32.19 -42.68
C ASP A 490 -33.73 31.06 -42.39
N SER A 491 -34.04 30.81 -41.13
CA SER A 491 -34.93 29.73 -40.73
C SER A 491 -36.23 30.29 -40.16
N GLY A 492 -37.19 29.40 -39.96
CA GLY A 492 -38.48 29.77 -39.43
C GLY A 492 -38.47 29.87 -37.92
N LEU A 493 -39.67 29.94 -37.35
CA LEU A 493 -39.81 30.05 -35.90
C LEU A 493 -39.32 28.80 -35.19
N GLU A 494 -39.46 27.63 -35.83
CA GLU A 494 -38.97 26.37 -35.28
C GLU A 494 -37.92 25.81 -36.22
N VAL A 495 -36.76 25.45 -35.68
CA VAL A 495 -35.63 25.02 -36.51
C VAL A 495 -34.73 24.11 -35.68
N ASN A 496 -34.21 23.08 -36.34
CA ASN A 496 -33.16 22.24 -35.79
C ASN A 496 -31.83 22.64 -36.41
N ILE A 497 -30.79 22.73 -35.60
CA ILE A 497 -29.47 23.13 -36.06
C ILE A 497 -28.47 22.04 -35.67
N VAL A 498 -27.70 21.57 -36.65
CA VAL A 498 -26.68 20.56 -36.44
C VAL A 498 -25.32 21.21 -36.69
N THR A 499 -24.41 21.07 -35.72
CA THR A 499 -23.10 21.67 -35.80
C THR A 499 -22.03 20.68 -35.36
N ASP A 500 -20.80 20.95 -35.77
CA ASP A 500 -19.63 20.23 -35.29
C ASP A 500 -18.78 21.03 -34.33
N SER A 501 -19.11 22.31 -34.13
CA SER A 501 -18.30 23.21 -33.29
C SER A 501 -18.69 23.01 -31.83
N GLN A 502 -17.82 22.33 -31.08
CA GLN A 502 -18.02 22.25 -29.64
C GLN A 502 -17.92 23.63 -28.99
N TYR A 503 -17.06 24.49 -29.55
CA TYR A 503 -16.93 25.84 -29.02
C TYR A 503 -18.27 26.57 -29.04
N ALA A 504 -18.94 26.58 -30.20
CA ALA A 504 -20.25 27.23 -30.30
C ALA A 504 -21.25 26.57 -29.35
N LEU A 505 -21.23 25.24 -29.28
CA LEU A 505 -22.15 24.54 -28.38
C LEU A 505 -21.86 24.91 -26.93
N GLY A 506 -20.59 24.87 -26.52
CA GLY A 506 -20.27 25.19 -25.14
C GLY A 506 -20.68 26.58 -24.75
N ILE A 507 -20.83 27.47 -25.72
CA ILE A 507 -21.27 28.83 -25.44
C ILE A 507 -22.78 28.98 -25.44
N ILE A 508 -23.49 28.08 -26.11
CA ILE A 508 -24.96 28.12 -26.10
C ILE A 508 -25.53 27.26 -24.98
N GLN A 509 -24.90 26.11 -24.71
CA GLN A 509 -25.29 25.33 -23.54
C GLN A 509 -24.97 26.04 -22.23
N ALA A 510 -24.24 27.15 -22.29
CA ALA A 510 -24.10 28.03 -21.13
C ALA A 510 -25.29 28.96 -20.94
N GLN A 511 -26.21 28.98 -21.90
CA GLN A 511 -27.48 29.69 -21.77
C GLN A 511 -27.29 31.16 -21.39
N PRO A 512 -26.55 31.93 -22.19
CA PRO A 512 -26.35 33.35 -21.89
C PRO A 512 -27.44 34.24 -22.48
N ASP A 513 -27.65 35.38 -21.82
CA ASP A 513 -28.60 36.38 -22.29
C ASP A 513 -27.94 37.71 -22.60
N LYS A 514 -26.62 37.84 -22.39
CA LYS A 514 -25.88 39.03 -22.76
C LYS A 514 -24.40 38.68 -22.77
N SER A 515 -23.70 39.06 -23.84
CA SER A 515 -22.32 38.65 -24.05
C SER A 515 -21.47 39.87 -24.41
N GLU A 516 -20.16 39.72 -24.17
CA GLU A 516 -19.19 40.74 -24.55
C GLU A 516 -18.83 40.70 -26.03
N SER A 517 -19.37 39.74 -26.78
CA SER A 517 -19.16 39.64 -28.21
C SER A 517 -20.46 39.98 -28.93
N GLU A 518 -20.41 41.00 -29.79
CA GLU A 518 -21.62 41.46 -30.45
C GLU A 518 -22.28 40.34 -31.26
N LEU A 519 -21.49 39.41 -31.79
CA LEU A 519 -22.08 38.32 -32.57
C LEU A 519 -22.93 37.42 -31.68
N VAL A 520 -22.47 37.13 -30.46
CA VAL A 520 -23.25 36.30 -29.55
C VAL A 520 -24.59 36.95 -29.28
N ASN A 521 -24.59 38.25 -28.98
CA ASN A 521 -25.85 38.96 -28.74
C ASN A 521 -26.80 38.80 -29.91
N GLN A 522 -26.30 38.96 -31.13
CA GLN A 522 -27.16 38.80 -32.30
C GLN A 522 -27.67 37.37 -32.42
N ILE A 523 -26.89 36.39 -31.98
CA ILE A 523 -27.41 35.02 -31.89
C ILE A 523 -28.46 34.93 -30.79
N ILE A 524 -28.20 35.57 -29.65
CA ILE A 524 -29.18 35.62 -28.57
C ILE A 524 -30.47 36.26 -29.06
N GLU A 525 -30.36 37.32 -29.87
CA GLU A 525 -31.55 38.04 -30.30
C GLU A 525 -32.44 37.17 -31.18
N GLN A 526 -31.84 36.35 -32.04
CA GLN A 526 -32.62 35.42 -32.86
C GLN A 526 -33.21 34.31 -32.00
N LEU A 527 -32.43 33.79 -31.04
CA LEU A 527 -32.96 32.78 -30.14
C LEU A 527 -34.17 33.29 -29.39
N ILE A 528 -34.14 34.54 -28.92
CA ILE A 528 -35.30 35.12 -28.26
C ILE A 528 -36.48 35.18 -29.21
N LYS A 529 -36.23 35.43 -30.50
CA LYS A 529 -37.31 35.59 -31.46
C LYS A 529 -37.98 34.26 -31.77
N LYS A 530 -37.20 33.17 -31.82
CA LYS A 530 -37.72 31.90 -32.28
C LYS A 530 -38.57 31.22 -31.20
N GLU A 531 -39.53 30.42 -31.65
CA GLU A 531 -40.42 29.72 -30.73
C GLU A 531 -39.75 28.49 -30.15
N LYS A 532 -39.24 27.60 -31.01
CA LYS A 532 -38.55 26.40 -30.58
C LYS A 532 -37.26 26.24 -31.37
N VAL A 533 -36.19 25.86 -30.67
CA VAL A 533 -34.88 25.66 -31.29
C VAL A 533 -34.21 24.47 -30.63
N TYR A 534 -33.76 23.51 -31.43
CA TYR A 534 -33.05 22.33 -30.95
C TYR A 534 -31.65 22.32 -31.56
N LEU A 535 -30.64 22.38 -30.70
CA LEU A 535 -29.24 22.42 -31.12
C LEU A 535 -28.61 21.05 -30.88
N ALA A 536 -28.13 20.42 -31.94
CA ALA A 536 -27.47 19.12 -31.87
C ALA A 536 -26.01 19.25 -32.27
N TRP A 537 -25.22 18.25 -31.88
CA TRP A 537 -23.79 18.23 -32.16
C TRP A 537 -23.41 16.90 -32.78
N VAL A 538 -22.56 16.96 -33.80
CA VAL A 538 -22.07 15.76 -34.49
C VAL A 538 -20.56 15.85 -34.63
N PRO A 539 -19.83 14.75 -34.54
CA PRO A 539 -18.37 14.82 -34.68
C PRO A 539 -17.98 15.31 -36.06
N ALA A 540 -16.96 16.15 -36.11
CA ALA A 540 -16.48 16.71 -37.36
C ALA A 540 -15.65 15.68 -38.13
N HIS A 541 -15.64 15.82 -39.46
CA HIS A 541 -14.87 14.94 -40.33
C HIS A 541 -15.22 13.47 -40.13
N LYS A 542 -16.44 13.20 -39.64
CA LYS A 542 -16.93 11.84 -39.46
C LYS A 542 -17.89 11.43 -40.58
N GLY A 543 -18.06 12.26 -41.60
CA GLY A 543 -18.98 11.95 -42.68
C GLY A 543 -20.42 11.78 -42.23
N ILE A 544 -20.83 12.54 -41.22
CA ILE A 544 -22.18 12.41 -40.65
C ILE A 544 -23.13 13.29 -41.45
N GLY A 545 -24.05 12.66 -42.17
CA GLY A 545 -25.09 13.38 -42.88
C GLY A 545 -24.54 14.54 -43.68
N GLY A 546 -25.28 15.64 -43.68
CA GLY A 546 -24.86 16.84 -44.38
C GLY A 546 -23.71 17.57 -43.73
N ASN A 547 -23.29 17.17 -42.53
CA ASN A 547 -22.16 17.81 -41.88
C ASN A 547 -20.92 17.77 -42.76
N GLU A 548 -20.70 16.64 -43.45
CA GLU A 548 -19.63 16.58 -44.43
C GLU A 548 -19.99 17.42 -45.66
N GLN A 549 -21.26 17.43 -46.04
CA GLN A 549 -21.68 18.24 -47.18
C GLN A 549 -21.53 19.73 -46.90
N VAL A 550 -21.88 20.16 -45.68
CA VAL A 550 -21.78 21.58 -45.35
C VAL A 550 -20.33 21.95 -45.04
N ASP A 551 -19.55 21.02 -44.49
CA ASP A 551 -18.15 21.33 -44.19
C ASP A 551 -17.33 21.52 -45.47
N LYS A 552 -17.62 20.73 -46.51
CA LYS A 552 -16.88 20.86 -47.75
C LYS A 552 -17.17 22.20 -48.43
N LEU A 553 -18.43 22.64 -48.40
CA LEU A 553 -18.78 23.89 -49.08
C LEU A 553 -18.06 25.08 -48.46
N VAL A 554 -17.83 25.06 -47.14
CA VAL A 554 -17.17 26.19 -46.46
C VAL A 554 -15.67 26.02 -46.35
N SER A 555 -15.13 24.87 -46.74
CA SER A 555 -13.69 24.62 -46.57
C SER A 555 -12.88 25.52 -47.50
N ALA A 556 -11.92 26.24 -46.92
CA ALA A 556 -11.00 27.08 -47.68
C ALA A 556 -11.71 27.89 -48.77
N PRO B 3 55.62 -17.90 31.18
CA PRO B 3 54.34 -18.57 31.42
C PRO B 3 53.54 -18.79 30.14
N ILE B 4 52.87 -19.94 30.04
CA ILE B 4 52.02 -20.26 28.90
C ILE B 4 50.82 -21.04 29.40
N SER B 5 49.69 -20.87 28.71
CA SER B 5 48.54 -21.66 29.12
C SER B 5 48.33 -22.82 28.17
N PRO B 6 48.04 -24.01 28.69
CA PRO B 6 47.96 -25.20 27.82
C PRO B 6 46.69 -25.21 26.99
N ILE B 7 46.77 -25.92 25.86
CA ILE B 7 45.66 -26.03 24.92
C ILE B 7 45.31 -27.50 24.79
N GLU B 8 44.07 -27.85 25.11
CA GLU B 8 43.63 -29.24 25.07
C GLU B 8 43.83 -29.82 23.66
N THR B 9 44.36 -31.03 23.60
CA THR B 9 44.55 -31.70 22.32
C THR B 9 43.28 -32.43 21.90
N VAL B 10 42.98 -32.38 20.61
CA VAL B 10 41.81 -33.06 20.05
C VAL B 10 42.17 -34.52 19.80
N PRO B 11 41.66 -35.46 20.59
CA PRO B 11 42.00 -36.88 20.38
C PRO B 11 41.61 -37.32 18.98
N VAL B 12 42.62 -37.74 18.21
CA VAL B 12 42.44 -38.14 16.82
C VAL B 12 43.00 -39.54 16.64
N LYS B 13 42.26 -40.38 15.91
CA LYS B 13 42.70 -41.73 15.59
C LYS B 13 42.55 -41.96 14.09
N LEU B 14 43.33 -42.90 13.57
CA LEU B 14 43.24 -43.24 12.16
C LEU B 14 42.05 -44.16 11.90
N LYS B 15 41.66 -44.26 10.64
CA LYS B 15 40.52 -45.07 10.26
C LYS B 15 40.78 -46.54 10.62
N PRO B 16 39.80 -47.26 11.17
CA PRO B 16 40.03 -48.66 11.53
C PRO B 16 40.51 -49.51 10.37
N GLY B 17 39.98 -49.26 9.16
CA GLY B 17 40.41 -50.04 8.01
C GLY B 17 41.82 -49.69 7.55
N MET B 18 42.21 -48.43 7.69
CA MET B 18 43.54 -48.00 7.26
C MET B 18 44.59 -48.36 8.31
N ASP B 19 45.85 -48.24 7.90
CA ASP B 19 46.98 -48.50 8.78
C ASP B 19 47.95 -47.32 8.71
N GLY B 20 48.81 -47.23 9.72
CA GLY B 20 49.80 -46.18 9.80
C GLY B 20 50.59 -46.04 8.52
N PRO B 21 50.84 -44.80 8.10
CA PRO B 21 51.59 -44.58 6.86
C PRO B 21 53.04 -44.96 7.00
N LYS B 22 53.62 -45.47 5.91
CA LYS B 22 55.01 -45.89 5.90
C LYS B 22 55.53 -45.84 4.47
N VAL B 23 56.69 -45.24 4.28
CA VAL B 23 57.32 -45.16 2.97
C VAL B 23 58.83 -45.22 3.10
N GLN B 25 61.44 -42.22 -0.38
CA GLN B 25 61.88 -41.26 0.61
C GLN B 25 63.40 -41.11 0.54
N TRP B 26 64.06 -42.08 -0.11
CA TRP B 26 65.52 -42.01 -0.19
C TRP B 26 65.97 -40.87 -1.10
N PRO B 27 65.39 -40.66 -2.30
CA PRO B 27 65.92 -39.58 -3.16
C PRO B 27 65.93 -38.23 -2.47
N LEU B 28 66.93 -37.42 -2.80
CA LEU B 28 67.09 -36.09 -2.22
C LEU B 28 68.35 -35.45 -2.78
N THR B 29 68.39 -34.12 -2.77
CA THR B 29 69.54 -33.37 -3.24
C THR B 29 70.39 -32.96 -2.04
N GLU B 30 71.71 -33.00 -2.21
CA GLU B 30 72.61 -32.68 -1.11
C GLU B 30 72.30 -31.31 -0.52
N GLU B 31 72.12 -30.31 -1.39
CA GLU B 31 71.80 -28.97 -0.90
C GLU B 31 70.40 -28.92 -0.30
N LYS B 32 69.47 -29.68 -0.88
CA LYS B 32 68.15 -29.81 -0.26
C LYS B 32 68.26 -30.53 1.07
N ILE B 33 69.11 -31.55 1.15
CA ILE B 33 69.34 -32.24 2.43
C ILE B 33 69.91 -31.28 3.45
N LYS B 34 70.75 -30.33 3.00
CA LYS B 34 71.31 -29.35 3.92
C LYS B 34 70.23 -28.39 4.42
N ALA B 35 69.30 -28.00 3.54
CA ALA B 35 68.22 -27.10 3.95
C ALA B 35 67.27 -27.78 4.92
N LEU B 36 67.03 -29.08 4.72
CA LEU B 36 66.11 -29.80 5.60
C LEU B 36 66.61 -29.83 7.03
N VAL B 37 67.91 -30.13 7.21
CA VAL B 37 68.48 -30.17 8.56
C VAL B 37 68.46 -28.78 9.17
N GLU B 38 68.71 -27.74 8.37
CA GLU B 38 68.69 -26.38 8.90
C GLU B 38 67.31 -26.04 9.45
N ILE B 39 66.24 -26.41 8.74
CA ILE B 39 64.90 -26.13 9.22
C ILE B 39 64.55 -27.03 10.41
N CYS B 40 64.96 -28.29 10.35
CA CYS B 40 64.66 -29.21 11.45
C CYS B 40 65.23 -28.70 12.76
N THR B 41 66.48 -28.25 12.75
CA THR B 41 67.12 -27.76 13.97
C THR B 41 66.30 -26.63 14.59
N GLU B 42 65.89 -25.66 13.76
CA GLU B 42 65.09 -24.54 14.29
C GLU B 42 63.75 -25.03 14.81
N MET B 43 63.14 -26.00 14.13
CA MET B 43 61.83 -26.48 14.55
C MET B 43 61.91 -27.27 15.85
N GLU B 44 62.99 -28.04 16.04
CA GLU B 44 63.14 -28.80 17.27
C GLU B 44 63.33 -27.87 18.47
N LYS B 45 64.09 -26.79 18.30
CA LYS B 45 64.30 -25.85 19.39
C LYS B 45 62.98 -25.31 19.91
N GLU B 46 62.09 -24.93 19.00
CA GLU B 46 60.78 -24.40 19.36
C GLU B 46 59.83 -25.47 19.87
N GLY B 47 60.13 -26.75 19.65
CA GLY B 47 59.23 -27.82 20.00
C GLY B 47 58.25 -28.22 18.93
N LYS B 48 58.34 -27.61 17.74
CA LYS B 48 57.41 -27.95 16.66
C LYS B 48 57.55 -29.41 16.26
N ILE B 49 58.79 -29.87 16.06
CA ILE B 49 59.07 -31.24 15.68
C ILE B 49 60.10 -31.83 16.64
N SER B 50 60.04 -33.14 16.81
CA SER B 50 60.96 -33.86 17.68
C SER B 50 61.56 -35.04 16.93
N LYS B 51 62.77 -35.42 17.34
CA LYS B 51 63.44 -36.56 16.73
C LYS B 51 62.97 -37.87 17.37
N ILE B 52 63.11 -38.95 16.62
CA ILE B 52 62.69 -40.27 17.05
C ILE B 52 63.59 -41.31 16.39
N GLY B 53 63.53 -42.54 16.89
CA GLY B 53 64.33 -43.62 16.35
C GLY B 53 63.54 -44.88 16.09
N PRO B 57 59.67 -46.05 13.18
CA PRO B 57 58.61 -46.95 12.72
C PRO B 57 57.88 -46.40 11.50
N TYR B 58 56.76 -45.70 11.73
CA TYR B 58 56.03 -45.10 10.62
C TYR B 58 56.91 -44.07 9.91
N ASN B 59 56.62 -43.87 8.63
CA ASN B 59 57.40 -42.95 7.81
C ASN B 59 56.47 -42.20 6.86
N THR B 60 56.87 -40.97 6.53
CA THR B 60 56.11 -40.10 5.65
C THR B 60 57.05 -39.44 4.66
N PRO B 61 56.69 -39.40 3.39
CA PRO B 61 57.57 -38.76 2.40
C PRO B 61 57.67 -37.26 2.63
N VAL B 62 58.85 -36.72 2.36
CA VAL B 62 59.15 -35.31 2.57
C VAL B 62 59.94 -34.77 1.39
N PHE B 63 59.93 -33.46 1.25
CA PHE B 63 60.65 -32.77 0.18
C PHE B 63 60.76 -31.30 0.56
N ALA B 64 61.56 -30.57 -0.24
CA ALA B 64 61.82 -29.16 0.03
C ALA B 64 61.77 -28.38 -1.28
N ILE B 65 60.93 -27.34 -1.30
CA ILE B 65 60.78 -26.45 -2.45
C ILE B 65 60.77 -27.24 -3.76
N LYS B 75 60.64 -28.33 2.74
CA LYS B 75 59.78 -27.56 3.64
C LYS B 75 58.36 -28.12 3.65
N LEU B 76 58.03 -28.92 2.64
CA LEU B 76 56.71 -29.52 2.50
C LEU B 76 56.86 -31.03 2.36
N VAL B 77 56.17 -31.76 3.23
CA VAL B 77 56.19 -33.22 3.23
C VAL B 77 54.81 -33.71 2.79
N ASP B 78 54.78 -34.52 1.73
CA ASP B 78 53.52 -35.04 1.23
C ASP B 78 52.91 -36.01 2.24
N PHE B 79 51.74 -35.65 2.76
CA PHE B 79 51.02 -36.49 3.70
C PHE B 79 49.75 -37.09 3.10
N ARG B 80 49.69 -37.20 1.77
CA ARG B 80 48.50 -37.72 1.12
C ARG B 80 48.16 -39.12 1.61
N GLU B 81 49.17 -39.99 1.72
CA GLU B 81 48.94 -41.32 2.26
C GLU B 81 48.46 -41.25 3.70
N LEU B 82 49.01 -40.33 4.48
CA LEU B 82 48.54 -40.14 5.85
C LEU B 82 47.16 -39.49 5.88
N ASN B 83 46.94 -38.50 5.00
CA ASN B 83 45.63 -37.86 4.93
C ASN B 83 44.54 -38.88 4.58
N LYS B 84 44.85 -39.81 3.67
CA LYS B 84 43.87 -40.82 3.29
C LYS B 84 43.52 -41.71 4.48
N ARG B 85 44.52 -42.07 5.29
CA ARG B 85 44.29 -42.90 6.46
C ARG B 85 43.71 -42.12 7.64
N THR B 86 43.74 -40.80 7.59
CA THR B 86 43.21 -39.99 8.68
C THR B 86 41.70 -40.14 8.78
N GLN B 87 41.17 -40.06 10.00
CA GLN B 87 39.75 -40.18 10.20
C GLN B 87 39.03 -38.90 9.75
N ASP B 88 37.71 -38.97 9.74
CA ASP B 88 36.88 -37.86 9.31
C ASP B 88 36.62 -36.90 10.47
N PHE B 89 36.45 -35.63 10.13
CA PHE B 89 36.17 -34.58 11.11
C PHE B 89 35.05 -33.71 10.59
N TRP B 90 34.41 -32.98 11.51
CA TRP B 90 33.38 -32.03 11.12
C TRP B 90 33.97 -30.94 10.24
N GLU B 91 33.48 -30.84 9.01
CA GLU B 91 34.06 -29.90 8.05
C GLU B 91 33.74 -28.46 8.44
N VAL B 92 34.75 -27.60 8.38
CA VAL B 92 34.52 -26.18 8.57
C VAL B 92 33.60 -25.67 7.47
N GLN B 93 32.66 -24.82 7.84
CA GLN B 93 31.65 -24.34 6.91
C GLN B 93 32.29 -23.74 5.67
N LEU B 94 31.96 -24.30 4.50
CA LEU B 94 32.45 -23.75 3.24
C LEU B 94 31.79 -22.40 2.95
N GLY B 95 30.54 -22.22 3.35
CA GLY B 95 29.86 -20.98 3.05
C GLY B 95 30.61 -19.78 3.58
N ILE B 96 30.62 -18.70 2.81
CA ILE B 96 31.30 -17.46 3.16
C ILE B 96 30.25 -16.45 3.60
N PRO B 97 30.44 -15.78 4.73
CA PRO B 97 29.45 -14.77 5.15
C PRO B 97 29.29 -13.70 4.09
N HIS B 98 28.06 -13.21 3.97
CA HIS B 98 27.83 -12.22 2.92
C HIS B 98 27.74 -10.82 3.52
N PRO B 99 28.35 -9.83 2.86
CA PRO B 99 28.35 -8.47 3.43
C PRO B 99 26.97 -7.93 3.76
N ALA B 100 25.95 -8.30 2.98
CA ALA B 100 24.61 -7.77 3.24
C ALA B 100 24.10 -8.14 4.62
N GLY B 101 24.51 -9.29 5.15
CA GLY B 101 24.08 -9.70 6.47
C GLY B 101 24.82 -9.05 7.62
N LEU B 102 25.89 -8.33 7.33
CA LEU B 102 26.69 -7.69 8.38
C LEU B 102 25.95 -6.46 8.91
N LYS B 103 25.66 -6.47 10.21
CA LYS B 103 25.00 -5.33 10.82
C LYS B 103 25.95 -4.14 10.90
N LYS B 104 25.38 -2.94 10.88
CA LYS B 104 26.18 -1.72 10.93
C LYS B 104 26.90 -1.62 12.26
N LYS B 105 28.23 -1.66 12.21
CA LYS B 105 29.07 -1.53 13.39
C LYS B 105 29.94 -0.29 13.25
N LYS B 106 30.14 0.43 14.36
CA LYS B 106 30.88 1.68 14.31
C LYS B 106 32.36 1.44 14.07
N SER B 107 32.91 0.35 14.61
CA SER B 107 34.33 0.04 14.46
C SER B 107 34.50 -1.44 14.19
N ALA B 108 35.51 -1.76 13.37
CA ALA B 108 35.79 -3.15 13.01
C ALA B 108 37.28 -3.30 12.76
N THR B 109 37.80 -4.49 13.08
CA THR B 109 39.22 -4.77 12.93
C THR B 109 39.40 -6.24 12.58
N VAL B 110 40.49 -6.53 11.86
CA VAL B 110 40.81 -7.87 11.41
C VAL B 110 42.12 -8.30 12.05
N LEU B 111 42.16 -9.55 12.53
CA LEU B 111 43.33 -10.09 13.22
C LEU B 111 43.69 -11.43 12.60
N ASP B 112 44.96 -11.58 12.21
CA ASP B 112 45.43 -12.83 11.64
C ASP B 112 46.01 -13.72 12.74
N VAL B 113 46.26 -14.98 12.38
CA VAL B 113 46.86 -15.95 13.28
C VAL B 113 48.12 -16.49 12.62
N GLY B 114 49.26 -16.30 13.29
CA GLY B 114 50.53 -16.75 12.75
C GLY B 114 50.89 -18.12 13.28
N ASP B 115 51.27 -19.02 12.35
CA ASP B 115 51.62 -20.39 12.69
C ASP B 115 50.55 -21.02 13.59
N ALA B 116 49.29 -20.84 13.18
CA ALA B 116 48.18 -21.35 13.97
C ALA B 116 48.32 -22.84 14.22
N TYR B 117 48.47 -23.63 13.15
CA TYR B 117 48.68 -25.06 13.31
C TYR B 117 49.89 -25.35 14.18
N PHE B 118 50.96 -24.57 14.00
CA PHE B 118 52.16 -24.73 14.83
C PHE B 118 51.84 -24.45 16.30
N SER B 119 50.91 -23.55 16.57
CA SER B 119 50.55 -23.22 17.94
C SER B 119 49.61 -24.26 18.57
N VAL B 120 48.98 -25.09 17.77
CA VAL B 120 48.05 -26.10 18.27
C VAL B 120 48.82 -27.38 18.59
N PRO B 121 48.67 -27.95 19.79
CA PRO B 121 49.37 -29.18 20.14
C PRO B 121 48.69 -30.39 19.49
N LEU B 122 49.46 -31.12 18.67
CA LEU B 122 48.94 -32.34 18.07
C LEU B 122 48.87 -33.45 19.11
N ASP B 123 47.93 -34.37 18.90
CA ASP B 123 47.76 -35.49 19.83
C ASP B 123 49.01 -36.35 19.86
N GLU B 124 49.54 -36.58 21.07
CA GLU B 124 50.76 -37.38 21.21
C GLU B 124 50.58 -38.76 20.58
N ASP B 125 49.44 -39.42 20.86
CA ASP B 125 49.18 -40.72 20.26
C ASP B 125 49.21 -40.63 18.74
N PHE B 126 48.72 -39.52 18.18
CA PHE B 126 48.76 -39.29 16.75
C PHE B 126 50.08 -38.71 16.27
N ARG B 127 50.91 -38.20 17.18
CA ARG B 127 52.22 -37.69 16.78
C ARG B 127 53.11 -38.78 16.20
N LYS B 128 52.89 -40.03 16.64
CA LYS B 128 53.73 -41.13 16.15
C LYS B 128 53.65 -41.26 14.63
N TYR B 129 52.46 -41.06 14.07
CA TYR B 129 52.26 -41.18 12.64
C TYR B 129 52.77 -39.97 11.86
N THR B 130 53.33 -38.97 12.55
CA THR B 130 53.81 -37.75 11.93
C THR B 130 55.30 -37.80 11.59
N ALA B 131 55.94 -38.95 11.77
CA ALA B 131 57.38 -39.05 11.53
C ALA B 131 57.71 -38.72 10.09
N PHE B 132 58.83 -38.02 9.89
CA PHE B 132 59.28 -37.65 8.55
C PHE B 132 59.70 -38.89 7.76
N PRO B 135 67.77 -38.59 4.23
CA PRO B 135 68.40 -39.77 3.64
C PRO B 135 69.92 -39.64 3.57
N SER B 136 70.48 -38.77 4.41
CA SER B 136 71.92 -38.55 4.39
C SER B 136 72.69 -39.79 4.83
N ILE B 137 72.23 -40.44 5.89
CA ILE B 137 72.92 -41.63 6.39
C ILE B 137 72.96 -42.71 5.32
N ASN B 138 71.82 -42.99 4.69
CA ASN B 138 71.74 -43.99 3.64
C ASN B 138 72.22 -45.35 4.13
N GLY B 143 68.85 -39.19 7.58
CA GLY B 143 68.34 -39.88 8.76
C GLY B 143 67.82 -38.94 9.82
N ILE B 144 67.01 -37.97 9.40
CA ILE B 144 66.45 -37.01 10.36
C ILE B 144 65.57 -37.73 11.38
N ARG B 145 64.63 -38.54 10.90
CA ARG B 145 63.75 -39.32 11.77
C ARG B 145 63.09 -38.44 12.82
N TYR B 146 62.46 -37.36 12.36
CA TYR B 146 61.78 -36.42 13.22
C TYR B 146 60.28 -36.48 13.00
N GLN B 147 59.52 -36.34 14.08
CA GLN B 147 58.06 -36.39 14.02
C GLN B 147 57.49 -35.06 14.51
N TYR B 148 56.34 -34.69 13.94
CA TYR B 148 55.74 -33.39 14.21
C TYR B 148 55.08 -33.38 15.58
N ASN B 149 55.35 -32.32 16.34
CA ASN B 149 54.76 -32.15 17.67
C ASN B 149 53.48 -31.33 17.64
N VAL B 150 53.19 -30.63 16.54
CA VAL B 150 51.97 -29.85 16.39
C VAL B 150 51.29 -30.30 15.10
N LEU B 151 50.09 -29.77 14.89
CA LEU B 151 49.31 -30.13 13.71
C LEU B 151 50.06 -29.74 12.44
N PRO B 152 50.40 -30.68 11.56
CA PRO B 152 51.09 -30.33 10.32
C PRO B 152 50.23 -29.41 9.46
N GLN B 153 50.90 -28.73 8.52
CA GLN B 153 50.18 -27.83 7.63
C GLN B 153 49.33 -28.60 6.62
N GLY B 154 49.87 -29.68 6.06
CA GLY B 154 49.18 -30.47 5.07
C GLY B 154 48.28 -31.56 5.62
N TRP B 155 48.16 -31.68 6.94
CA TRP B 155 47.34 -32.72 7.52
C TRP B 155 45.86 -32.43 7.32
N LYS B 156 45.06 -33.49 7.21
CA LYS B 156 43.63 -33.35 6.98
C LYS B 156 42.93 -32.67 8.13
N GLY B 157 43.14 -33.17 9.36
CA GLY B 157 42.48 -32.64 10.53
C GLY B 157 43.03 -31.34 11.07
N SER B 158 44.02 -30.75 10.41
CA SER B 158 44.58 -29.50 10.91
C SER B 158 43.56 -28.37 10.95
N PRO B 159 42.83 -28.07 9.87
CA PRO B 159 41.89 -26.93 9.92
C PRO B 159 40.83 -27.09 10.98
N ALA B 160 40.27 -28.30 11.13
CA ALA B 160 39.20 -28.49 12.10
C ALA B 160 39.70 -28.27 13.52
N ILE B 161 40.86 -28.84 13.85
CA ILE B 161 41.36 -28.73 15.23
C ILE B 161 41.70 -27.29 15.57
N PHE B 162 42.28 -26.54 14.62
CA PHE B 162 42.55 -25.14 14.87
C PHE B 162 41.27 -24.36 15.10
N GLN B 163 40.23 -24.63 14.31
CA GLN B 163 38.98 -23.90 14.44
C GLN B 163 38.27 -24.25 15.75
N SER B 164 38.12 -25.55 16.02
CA SER B 164 37.47 -25.96 17.27
C SER B 164 38.20 -25.42 18.48
N SER B 165 39.51 -25.62 18.54
CA SER B 165 40.29 -25.10 19.66
C SER B 165 40.19 -23.58 19.75
N MET B 166 40.22 -22.91 18.59
CA MET B 166 40.10 -21.46 18.59
C MET B 166 38.79 -21.00 19.22
N THR B 167 37.69 -21.68 18.89
CA THR B 167 36.39 -21.29 19.45
C THR B 167 36.38 -21.40 20.96
N LYS B 168 36.92 -22.51 21.49
CA LYS B 168 36.94 -22.69 22.94
C LYS B 168 37.66 -21.54 23.64
N ILE B 169 38.80 -21.11 23.09
CA ILE B 169 39.50 -19.96 23.64
C ILE B 169 38.67 -18.70 23.48
N LEU B 170 38.03 -18.54 22.31
CA LEU B 170 37.29 -17.31 22.03
C LEU B 170 36.05 -17.21 22.90
N GLU B 171 35.42 -18.36 23.19
CA GLU B 171 34.13 -18.36 23.94
C GLU B 171 34.17 -17.43 25.16
N PRO B 172 35.12 -17.58 26.10
CA PRO B 172 35.09 -16.77 27.33
C PRO B 172 35.12 -15.27 27.05
N PHE B 173 35.96 -14.83 26.11
CA PHE B 173 36.08 -13.37 25.85
C PHE B 173 34.74 -12.84 25.36
N ALA B 174 34.07 -13.59 24.47
CA ALA B 174 32.80 -13.12 23.90
C ALA B 174 31.77 -12.97 25.02
N ALA B 175 31.68 -13.97 25.90
CA ALA B 175 30.74 -13.88 27.05
C ALA B 175 31.19 -12.73 27.94
N GLN B 176 32.49 -12.60 28.14
CA GLN B 176 33.03 -11.54 29.04
C GLN B 176 32.67 -10.16 28.48
N ASN B 177 32.79 -9.98 27.16
CA ASN B 177 32.53 -8.66 26.55
C ASN B 177 31.37 -8.79 25.56
N PRO B 178 30.11 -8.62 25.99
CA PRO B 178 28.95 -8.73 25.11
C PRO B 178 28.98 -7.61 24.07
N ASP B 179 29.57 -6.47 24.42
CA ASP B 179 29.60 -5.30 23.49
C ASP B 179 30.29 -5.69 22.19
N ILE B 180 31.35 -6.50 22.26
CA ILE B 180 32.13 -6.84 21.04
C ILE B 180 31.40 -7.94 20.25
N VAL B 181 31.63 -8.01 18.94
CA VAL B 181 31.04 -9.05 18.11
C VAL B 181 32.16 -9.69 17.31
N ILE B 182 32.36 -10.99 17.51
CA ILE B 182 33.50 -11.71 16.95
C ILE B 182 32.98 -12.71 15.92
N CYS B 183 33.46 -12.57 14.68
CA CYS B 183 33.14 -13.49 13.60
C CYS B 183 34.38 -14.29 13.24
N GLN B 184 34.25 -15.61 13.19
CA GLN B 184 35.37 -16.52 12.99
C GLN B 184 35.38 -17.03 11.55
N TYR B 185 36.48 -16.77 10.85
CA TYR B 185 36.75 -17.37 9.55
C TYR B 185 38.10 -18.08 9.59
N MET B 186 38.28 -19.03 8.69
CA MET B 186 39.48 -19.86 8.71
C MET B 186 40.74 -19.00 8.75
N ASP B 187 41.50 -19.13 9.83
CA ASP B 187 42.76 -18.39 9.99
C ASP B 187 42.52 -16.89 9.96
N ASP B 188 41.42 -16.44 10.57
CA ASP B 188 41.07 -15.03 10.55
C ASP B 188 39.98 -14.77 11.57
N LEU B 189 40.04 -13.61 12.22
CA LEU B 189 39.05 -13.19 13.19
C LEU B 189 38.59 -11.78 12.87
N TYR B 190 37.28 -11.56 12.96
CA TYR B 190 36.67 -10.28 12.61
C TYR B 190 35.85 -9.80 13.80
N VAL B 191 36.26 -8.67 14.39
CA VAL B 191 35.62 -8.13 15.58
C VAL B 191 35.17 -6.71 15.30
N GLY B 192 34.05 -6.33 15.93
CA GLY B 192 33.51 -5.00 15.75
C GLY B 192 32.63 -4.61 16.91
N SER B 193 32.58 -3.30 17.17
CA SER B 193 31.73 -2.76 18.27
C SER B 193 31.34 -1.32 17.91
N ASP B 194 30.27 -0.80 18.52
CA ASP B 194 29.80 0.58 18.22
C ASP B 194 30.29 1.52 19.32
N LEU B 195 31.16 1.03 20.21
CA LEU B 195 31.66 1.86 21.34
C LEU B 195 32.71 2.86 20.83
N GLU B 196 33.15 3.78 21.69
CA GLU B 196 34.12 4.82 21.27
C GLU B 196 35.38 4.14 20.75
N ILE B 197 36.10 4.77 19.82
CA ILE B 197 37.27 4.11 19.18
C ILE B 197 38.25 3.66 20.27
N GLY B 198 38.44 4.48 21.30
CA GLY B 198 39.41 4.13 22.35
C GLY B 198 39.00 2.84 23.03
N GLN B 199 37.72 2.72 23.37
CA GLN B 199 37.23 1.50 24.07
C GLN B 199 37.41 0.29 23.13
N HIS B 200 37.07 0.46 21.85
CA HIS B 200 37.15 -0.67 20.89
C HIS B 200 38.61 -1.13 20.76
N ARG B 201 39.53 -0.17 20.67
CA ARG B 201 40.96 -0.50 20.55
C ARG B 201 41.39 -1.22 21.84
N THR B 202 40.92 -0.71 22.98
CA THR B 202 41.25 -1.34 24.28
C THR B 202 40.65 -2.75 24.31
N LYS B 203 39.42 -2.90 23.82
CA LYS B 203 38.75 -4.22 23.82
C LYS B 203 39.56 -5.17 22.94
N ILE B 204 40.04 -4.68 21.80
CA ILE B 204 40.89 -5.52 20.90
C ILE B 204 42.16 -5.89 21.66
N GLU B 205 42.72 -4.93 22.41
CA GLU B 205 43.96 -5.19 23.17
C GLU B 205 43.69 -6.27 24.21
N GLU B 206 42.53 -6.19 24.87
CA GLU B 206 42.18 -7.18 25.91
C GLU B 206 42.11 -8.57 25.25
N LEU B 207 41.51 -8.62 24.06
CA LEU B 207 41.46 -9.91 23.31
C LEU B 207 42.88 -10.30 22.94
N ARG B 208 43.63 -9.37 22.33
CA ARG B 208 45.00 -9.69 21.93
C ARG B 208 45.74 -10.43 23.04
N GLN B 209 45.58 -9.97 24.28
CA GLN B 209 46.26 -10.63 25.40
C GLN B 209 45.66 -12.00 25.69
N HIS B 210 44.33 -12.12 25.64
CA HIS B 210 43.69 -13.40 25.90
C HIS B 210 44.27 -14.49 25.00
N LEU B 211 44.34 -14.22 23.69
CA LEU B 211 44.96 -15.18 22.79
C LEU B 211 46.44 -15.37 23.10
N LEU B 212 47.11 -14.31 23.58
CA LEU B 212 48.51 -14.46 23.98
C LEU B 212 48.66 -15.38 25.18
N ARG B 213 47.68 -15.37 26.08
CA ARG B 213 47.73 -16.25 27.25
C ARG B 213 47.90 -17.71 26.84
N TRP B 214 47.31 -18.10 25.71
CA TRP B 214 47.47 -19.44 25.18
C TRP B 214 48.59 -19.55 24.17
N GLY B 215 49.42 -18.51 24.03
CA GLY B 215 50.49 -18.49 23.07
C GLY B 215 50.07 -18.06 21.67
N LEU B 216 48.80 -17.76 21.46
CA LEU B 216 48.32 -17.36 20.13
C LEU B 216 48.91 -16.02 19.75
N THR B 217 49.82 -16.01 18.79
CA THR B 217 50.43 -14.78 18.28
C THR B 217 49.53 -14.04 17.30
N THR B 218 48.23 -14.29 17.34
CA THR B 218 47.31 -13.62 16.41
C THR B 218 47.37 -12.12 16.50
N PRO B 219 47.34 -11.50 17.69
CA PRO B 219 47.32 -10.03 17.75
C PRO B 219 48.53 -9.42 17.05
N ASP B 220 48.26 -8.49 16.14
CA ASP B 220 49.29 -7.76 15.42
C ASP B 220 48.97 -6.27 15.52
N LYS B 221 49.84 -5.51 16.17
CA LYS B 221 49.58 -4.08 16.34
C LYS B 221 49.50 -3.37 14.99
N LYS B 222 50.27 -3.79 14.01
CA LYS B 222 50.15 -3.28 12.65
C LYS B 222 49.17 -4.18 11.90
N HIS B 223 48.12 -3.57 11.35
CA HIS B 223 47.07 -4.32 10.69
C HIS B 223 46.47 -3.47 9.58
N GLN B 224 45.50 -4.05 8.86
CA GLN B 224 44.79 -3.35 7.80
C GLN B 224 43.41 -2.89 8.26
N LYS B 225 43.22 -2.70 9.58
CA LYS B 225 41.90 -2.31 10.09
C LYS B 225 41.48 -0.96 9.55
N GLU B 226 42.38 0.02 9.59
CA GLU B 226 42.04 1.37 9.14
C GLU B 226 41.54 1.39 7.69
N PRO B 227 42.24 0.82 6.73
CA PRO B 227 41.81 0.94 5.33
C PRO B 227 40.62 0.05 5.04
N PRO B 228 39.88 0.32 3.96
CA PRO B 228 38.83 -0.62 3.55
C PRO B 228 39.44 -1.96 3.15
N PHE B 229 38.81 -3.03 3.62
CA PHE B 229 39.33 -4.38 3.45
C PHE B 229 38.78 -5.02 2.18
N LEU B 230 39.66 -5.66 1.42
CA LEU B 230 39.28 -6.43 0.24
C LEU B 230 39.30 -7.91 0.63
N TRP B 231 38.14 -8.46 0.95
CA TRP B 231 38.01 -9.81 1.47
C TRP B 231 37.16 -10.64 0.53
N MET B 232 37.72 -11.76 0.07
CA MET B 232 37.00 -12.71 -0.78
C MET B 232 36.38 -12.02 -1.99
N GLY B 233 37.08 -11.02 -2.53
CA GLY B 233 36.58 -10.28 -3.66
C GLY B 233 35.60 -9.18 -3.32
N TYR B 234 35.34 -8.93 -2.05
CA TYR B 234 34.46 -7.85 -1.61
C TYR B 234 35.29 -6.67 -1.14
N GLU B 235 34.77 -5.47 -1.36
CA GLU B 235 35.40 -4.22 -0.92
C GLU B 235 34.52 -3.63 0.19
N LEU B 236 34.78 -4.05 1.42
CA LEU B 236 34.01 -3.60 2.55
C LEU B 236 34.39 -2.18 2.94
N HIS B 237 33.41 -1.41 3.38
CA HIS B 237 33.57 -0.03 3.81
C HIS B 237 32.86 0.17 5.13
N PRO B 238 33.06 1.32 5.78
CA PRO B 238 32.39 1.55 7.08
C PRO B 238 30.88 1.62 6.96
N ASP B 239 30.36 2.34 5.96
CA ASP B 239 28.92 2.51 5.80
C ASP B 239 28.41 1.94 4.48
N LYS B 240 29.25 1.29 3.70
CA LYS B 240 28.83 0.72 2.43
C LYS B 240 29.67 -0.50 2.11
N TRP B 241 29.19 -1.29 1.15
CA TRP B 241 29.91 -2.46 0.68
C TRP B 241 29.70 -2.61 -0.83
N THR B 242 30.70 -3.15 -1.50
CA THR B 242 30.62 -3.39 -2.93
C THR B 242 31.52 -4.58 -3.28
N VAL B 243 31.49 -4.97 -4.55
CA VAL B 243 32.33 -6.05 -5.04
C VAL B 243 33.66 -5.49 -5.50
N GLN B 244 34.65 -6.37 -5.60
CA GLN B 244 35.95 -5.96 -6.09
C GLN B 244 35.83 -5.48 -7.53
N PRO B 245 36.58 -4.46 -7.94
CA PRO B 245 36.47 -3.96 -9.32
C PRO B 245 36.61 -5.08 -10.33
N ILE B 246 35.72 -5.08 -11.32
CA ILE B 246 35.68 -6.10 -12.36
C ILE B 246 35.69 -5.42 -13.72
N VAL B 247 36.55 -5.90 -14.61
CA VAL B 247 36.66 -5.34 -15.96
C VAL B 247 36.34 -6.45 -16.95
N LEU B 248 35.34 -6.20 -17.80
CA LEU B 248 34.90 -7.23 -18.75
C LEU B 248 35.98 -7.57 -19.77
N PRO B 249 36.74 -6.61 -20.34
CA PRO B 249 37.77 -6.90 -21.34
C PRO B 249 38.68 -8.07 -20.98
N SER B 253 37.62 -10.14 -29.82
CA SER B 253 37.28 -11.56 -29.89
C SER B 253 37.09 -12.15 -28.50
N TRP B 254 36.38 -13.27 -28.43
CA TRP B 254 36.10 -13.95 -27.16
C TRP B 254 36.35 -15.43 -27.33
N THR B 255 37.24 -15.98 -26.50
CA THR B 255 37.56 -17.39 -26.56
C THR B 255 36.55 -18.21 -25.78
N VAL B 256 36.63 -19.53 -25.94
CA VAL B 256 35.73 -20.43 -25.20
C VAL B 256 35.98 -20.31 -23.70
N ASN B 257 37.25 -20.32 -23.30
CA ASN B 257 37.56 -20.18 -21.87
C ASN B 257 37.38 -18.75 -21.39
N ASP B 258 37.73 -17.76 -22.23
CA ASP B 258 37.52 -16.37 -21.84
C ASP B 258 36.04 -16.06 -21.63
N ILE B 259 35.16 -16.76 -22.34
CA ILE B 259 33.72 -16.52 -22.18
C ILE B 259 33.25 -17.04 -20.84
N GLN B 260 33.79 -18.17 -20.39
CA GLN B 260 33.36 -18.74 -19.11
C GLN B 260 33.67 -17.81 -17.96
N LYS B 261 34.85 -17.18 -17.97
CA LYS B 261 35.23 -16.30 -16.87
C LYS B 261 34.31 -15.08 -16.80
N LEU B 262 33.99 -14.50 -17.96
CA LEU B 262 33.12 -13.33 -17.97
C LEU B 262 31.75 -13.65 -17.38
N VAL B 263 31.22 -14.84 -17.68
CA VAL B 263 29.95 -15.26 -17.10
C VAL B 263 30.06 -15.32 -15.59
N GLY B 264 31.10 -15.99 -15.09
CA GLY B 264 31.31 -16.03 -13.65
C GLY B 264 31.51 -14.65 -13.05
N LYS B 265 32.27 -13.80 -13.74
CA LYS B 265 32.46 -12.43 -13.26
C LYS B 265 31.14 -11.66 -13.26
N LEU B 266 30.35 -11.81 -14.31
CA LEU B 266 29.03 -11.17 -14.35
C LEU B 266 28.13 -11.70 -13.24
N ASN B 267 28.14 -13.02 -13.03
CA ASN B 267 27.41 -13.59 -11.90
C ASN B 267 27.78 -12.88 -10.60
N TRP B 268 29.08 -12.67 -10.38
CA TRP B 268 29.52 -11.94 -9.20
C TRP B 268 28.95 -10.52 -9.18
N ALA B 269 28.91 -9.88 -10.34
CA ALA B 269 28.37 -8.52 -10.42
C ALA B 269 26.88 -8.48 -10.10
N SER B 270 26.17 -9.58 -10.35
CA SER B 270 24.73 -9.62 -10.07
C SER B 270 24.44 -9.44 -8.59
N GLN B 271 25.43 -9.63 -7.71
CA GLN B 271 25.17 -9.52 -6.28
C GLN B 271 24.78 -8.09 -5.89
N ILE B 272 25.35 -7.08 -6.57
CA ILE B 272 25.14 -5.71 -6.17
C ILE B 272 24.75 -4.83 -7.35
N TYR B 273 25.00 -5.32 -8.56
CA TYR B 273 24.68 -4.57 -9.77
C TYR B 273 23.41 -5.13 -10.38
N PRO B 274 22.36 -4.32 -10.51
CA PRO B 274 21.10 -4.82 -11.08
C PRO B 274 21.15 -4.94 -12.59
N GLY B 275 20.24 -5.74 -13.12
CA GLY B 275 20.11 -5.87 -14.56
C GLY B 275 21.19 -6.67 -15.24
N ILE B 276 22.10 -7.28 -14.48
CA ILE B 276 23.20 -8.03 -15.07
C ILE B 276 22.64 -9.30 -15.68
N LYS B 277 22.60 -9.37 -17.00
CA LYS B 277 22.15 -10.55 -17.71
C LYS B 277 23.34 -11.30 -18.30
N VAL B 278 23.23 -12.63 -18.34
CA VAL B 278 24.32 -13.46 -18.85
C VAL B 278 23.73 -14.66 -19.59
N ARG B 279 22.41 -14.68 -19.77
CA ARG B 279 21.76 -15.82 -20.38
C ARG B 279 22.27 -16.07 -21.80
N GLN B 280 22.38 -15.01 -22.60
CA GLN B 280 22.79 -15.17 -23.99
C GLN B 280 24.22 -15.71 -24.08
N LEU B 281 25.12 -15.19 -23.24
CA LEU B 281 26.49 -15.69 -23.24
C LEU B 281 26.53 -17.15 -22.78
N SER B 282 25.71 -17.50 -21.79
CA SER B 282 25.69 -18.88 -21.31
C SER B 282 25.16 -19.83 -22.39
N LYS B 283 24.14 -19.40 -23.13
CA LYS B 283 23.62 -20.24 -24.22
C LYS B 283 24.71 -20.55 -25.23
N LEU B 284 25.58 -19.58 -25.52
CA LEU B 284 26.68 -19.83 -26.45
C LEU B 284 27.65 -20.86 -25.88
N LEU B 285 27.92 -20.80 -24.57
CA LEU B 285 28.84 -21.74 -23.95
C LEU B 285 28.38 -23.19 -24.15
N ARG B 286 27.07 -23.40 -24.28
CA ARG B 286 26.56 -24.76 -24.47
C ARG B 286 27.14 -25.38 -25.74
N GLY B 287 27.58 -26.63 -25.63
CA GLY B 287 28.14 -27.35 -26.74
C GLY B 287 29.65 -27.41 -26.79
N THR B 288 30.33 -26.95 -25.74
CA THR B 288 31.79 -26.97 -25.68
C THR B 288 32.20 -27.86 -24.51
N LYS B 289 32.68 -29.07 -24.80
CA LYS B 289 33.10 -29.98 -23.75
C LYS B 289 34.42 -29.53 -23.13
N ALA B 290 35.34 -28.98 -23.93
CA ALA B 290 36.60 -28.46 -23.42
C ALA B 290 36.86 -27.08 -24.00
N LEU B 291 38.04 -26.52 -23.73
CA LEU B 291 38.40 -25.23 -24.30
C LEU B 291 38.43 -25.33 -25.82
N THR B 292 37.65 -24.50 -26.49
CA THR B 292 37.46 -24.57 -27.93
C THR B 292 37.90 -23.26 -28.59
N GLU B 293 37.95 -23.28 -29.91
CA GLU B 293 38.32 -22.09 -30.66
C GLU B 293 37.35 -20.95 -30.36
N VAL B 294 37.87 -19.72 -30.33
CA VAL B 294 37.06 -18.57 -30.00
C VAL B 294 35.86 -18.50 -30.95
N ILE B 295 34.68 -18.30 -30.39
CA ILE B 295 33.45 -18.23 -31.17
C ILE B 295 32.95 -16.79 -31.16
N PRO B 296 32.47 -16.27 -32.30
CA PRO B 296 31.99 -14.88 -32.33
C PRO B 296 30.74 -14.71 -31.49
N LEU B 297 30.63 -13.54 -30.87
CA LEU B 297 29.48 -13.24 -30.04
C LEU B 297 28.25 -12.99 -30.90
N THR B 298 27.12 -13.55 -30.47
CA THR B 298 25.88 -13.38 -31.20
C THR B 298 25.36 -11.95 -31.05
N GLU B 299 24.49 -11.56 -31.98
CA GLU B 299 23.96 -10.20 -31.98
C GLU B 299 23.31 -9.87 -30.64
N GLU B 300 22.62 -10.83 -30.03
CA GLU B 300 22.01 -10.59 -28.74
C GLU B 300 23.03 -10.58 -27.62
N ALA B 301 24.09 -11.40 -27.74
CA ALA B 301 25.14 -11.40 -26.73
C ALA B 301 25.85 -10.06 -26.69
N GLU B 302 26.11 -9.47 -27.86
CA GLU B 302 26.74 -8.15 -27.90
C GLU B 302 25.87 -7.11 -27.20
N LEU B 303 24.57 -7.08 -27.52
CA LEU B 303 23.65 -6.20 -26.81
C LEU B 303 23.57 -6.56 -25.33
N GLU B 304 23.81 -7.84 -25.00
CA GLU B 304 23.82 -8.25 -23.60
C GLU B 304 25.07 -7.73 -22.89
N LEU B 305 26.23 -7.84 -23.53
CA LEU B 305 27.46 -7.34 -22.91
C LEU B 305 27.47 -5.82 -22.86
N ALA B 306 26.97 -5.16 -23.91
CA ALA B 306 26.88 -3.71 -23.89
C ALA B 306 25.99 -3.23 -22.75
N GLU B 307 24.88 -3.92 -22.52
CA GLU B 307 24.02 -3.59 -21.38
C GLU B 307 24.77 -3.78 -20.07
N ASN B 308 25.53 -4.88 -19.96
CA ASN B 308 26.33 -5.08 -18.75
C ASN B 308 27.33 -3.97 -18.54
N ARG B 309 27.95 -3.49 -19.63
CA ARG B 309 28.90 -2.39 -19.51
C ARG B 309 28.20 -1.08 -19.14
N GLU B 310 26.99 -0.87 -19.63
CA GLU B 310 26.22 0.31 -19.22
C GLU B 310 25.94 0.31 -17.73
N ILE B 311 25.70 -0.86 -17.14
CA ILE B 311 25.44 -0.94 -15.71
C ILE B 311 26.72 -0.96 -14.88
N LEU B 312 27.84 -1.36 -15.46
CA LEU B 312 29.11 -1.43 -14.74
C LEU B 312 29.92 -0.15 -14.82
N LYS B 313 29.47 0.84 -15.60
CA LYS B 313 30.23 2.09 -15.71
C LYS B 313 30.27 2.83 -14.40
N GLU B 314 29.10 3.06 -13.78
CA GLU B 314 29.04 3.74 -12.50
C GLU B 314 28.95 2.75 -11.36
N PRO B 315 29.83 2.82 -10.37
CA PRO B 315 29.79 1.83 -9.28
C PRO B 315 28.50 1.92 -8.48
N VAL B 316 28.09 0.78 -7.92
CA VAL B 316 26.92 0.68 -7.08
C VAL B 316 27.31 0.02 -5.77
N HIS B 317 26.80 0.55 -4.66
CA HIS B 317 27.12 0.05 -3.33
C HIS B 317 25.87 -0.53 -2.68
N GLY B 318 26.09 -1.24 -1.58
CA GLY B 318 25.00 -1.83 -0.83
C GLY B 318 25.09 -1.47 0.64
N VAL B 319 23.94 -1.22 1.25
CA VAL B 319 23.89 -0.87 2.66
C VAL B 319 24.03 -2.12 3.51
N TYR B 320 24.46 -1.93 4.76
CA TYR B 320 24.51 -3.03 5.71
C TYR B 320 23.14 -3.23 6.36
N TYR B 321 22.92 -4.43 6.88
CA TYR B 321 21.61 -4.82 7.36
C TYR B 321 21.30 -4.17 8.70
N ASP B 322 20.05 -3.72 8.86
CA ASP B 322 19.54 -3.20 10.11
C ASP B 322 18.53 -4.17 10.69
N PRO B 323 18.80 -4.82 11.82
CA PRO B 323 17.86 -5.82 12.34
C PRO B 323 16.51 -5.24 12.74
N SER B 324 16.43 -3.94 13.02
CA SER B 324 15.17 -3.35 13.47
C SER B 324 14.18 -3.15 12.33
N LYS B 325 14.64 -3.09 11.09
CA LYS B 325 13.78 -2.85 9.94
C LYS B 325 13.59 -4.14 9.16
N ASP B 326 12.45 -4.23 8.48
CA ASP B 326 12.12 -5.42 7.71
C ASP B 326 12.90 -5.47 6.40
N LEU B 327 12.95 -6.66 5.81
CA LEU B 327 13.52 -6.85 4.49
C LEU B 327 12.43 -6.80 3.44
N ILE B 328 12.76 -6.22 2.29
CA ILE B 328 11.87 -6.18 1.14
C ILE B 328 12.58 -6.80 -0.05
N ALA B 329 11.84 -7.57 -0.84
CA ALA B 329 12.38 -8.27 -2.00
C ALA B 329 11.47 -8.00 -3.19
N GLU B 330 11.95 -7.19 -4.13
CA GLU B 330 11.22 -6.92 -5.37
C GLU B 330 11.79 -7.80 -6.48
N ILE B 331 10.90 -8.36 -7.29
CA ILE B 331 11.28 -9.30 -8.35
C ILE B 331 10.68 -8.79 -9.65
N GLN B 332 11.55 -8.38 -10.58
CA GLN B 332 11.12 -7.96 -11.90
C GLN B 332 11.38 -9.07 -12.91
N LYS B 333 10.50 -9.17 -13.90
CA LYS B 333 10.70 -10.09 -15.00
C LYS B 333 11.39 -9.35 -16.14
N GLN B 334 12.59 -9.79 -16.50
CA GLN B 334 13.37 -9.18 -17.57
C GLN B 334 13.76 -10.28 -18.54
N GLY B 335 13.12 -10.30 -19.71
CA GLY B 335 13.37 -11.33 -20.69
C GLY B 335 12.71 -12.65 -20.31
N GLN B 336 12.55 -13.53 -21.31
CA GLN B 336 11.89 -14.80 -21.09
C GLN B 336 12.80 -15.74 -20.30
N GLY B 337 12.30 -16.28 -19.19
CA GLY B 337 13.06 -17.19 -18.37
C GLY B 337 14.10 -16.56 -17.48
N GLN B 338 14.29 -15.24 -17.55
CA GLN B 338 15.29 -14.54 -16.76
C GLN B 338 14.60 -13.65 -15.74
N TRP B 339 15.06 -13.73 -14.49
CA TRP B 339 14.47 -12.97 -13.39
C TRP B 339 15.58 -12.24 -12.64
N THR B 340 15.22 -11.07 -12.09
CA THR B 340 16.12 -10.27 -11.28
C THR B 340 15.38 -9.79 -10.04
N TYR B 341 16.12 -9.59 -8.95
CA TYR B 341 15.51 -9.17 -7.70
C TYR B 341 16.46 -8.25 -6.97
N GLN B 342 15.90 -7.48 -6.03
CA GLN B 342 16.65 -6.57 -5.18
C GLN B 342 16.10 -6.66 -3.77
N ILE B 343 16.99 -6.73 -2.78
CA ILE B 343 16.62 -6.85 -1.39
C ILE B 343 17.10 -5.60 -0.67
N TYR B 344 16.16 -4.86 -0.07
CA TYR B 344 16.48 -3.59 0.55
C TYR B 344 15.60 -3.38 1.77
N GLN B 345 16.10 -2.55 2.69
CA GLN B 345 15.32 -2.06 3.82
C GLN B 345 14.92 -0.60 3.67
N GLU B 346 15.66 0.18 2.89
CA GLU B 346 15.31 1.54 2.53
C GLU B 346 15.16 1.66 1.02
N PRO B 347 14.19 2.43 0.53
CA PRO B 347 13.92 2.42 -0.92
C PRO B 347 15.08 2.89 -1.77
N PHE B 348 15.84 3.88 -1.29
CA PHE B 348 16.90 4.47 -2.11
C PHE B 348 17.99 3.46 -2.41
N LYS B 349 18.55 2.83 -1.38
CA LYS B 349 19.69 1.94 -1.52
C LYS B 349 19.26 0.49 -1.30
N ASN B 350 19.64 -0.37 -2.24
CA ASN B 350 19.37 -1.80 -2.15
C ASN B 350 20.64 -2.56 -1.77
N LEU B 351 20.45 -3.79 -1.31
CA LEU B 351 21.55 -4.67 -0.94
C LEU B 351 21.31 -6.03 -1.57
N LYS B 352 22.41 -6.76 -1.78
CA LYS B 352 22.36 -8.15 -2.24
C LYS B 352 21.36 -8.33 -3.38
N THR B 353 21.51 -7.51 -4.41
CA THR B 353 20.76 -7.75 -5.64
C THR B 353 21.16 -9.11 -6.21
N GLY B 354 20.22 -9.73 -6.93
CA GLY B 354 20.46 -11.06 -7.44
C GLY B 354 19.65 -11.35 -8.68
N LYS B 355 19.83 -12.56 -9.21
CA LYS B 355 19.14 -13.03 -10.39
C LYS B 355 18.86 -14.51 -10.25
N TYR B 356 17.88 -14.98 -11.03
CA TYR B 356 17.51 -16.40 -11.01
C TYR B 356 16.95 -16.78 -12.37
N ALA B 357 17.23 -18.02 -12.78
CA ALA B 357 16.72 -18.55 -14.03
C ALA B 357 16.47 -20.04 -13.87
N ARG B 358 15.52 -20.55 -14.65
CA ARG B 358 15.13 -21.95 -14.58
C ARG B 358 15.06 -22.54 -15.98
N MET B 359 15.39 -23.83 -16.07
CA MET B 359 15.37 -24.53 -17.36
C MET B 359 13.98 -24.50 -17.99
N GLY B 361 11.79 -26.43 -16.36
CA GLY B 361 11.98 -27.63 -17.16
C GLY B 361 11.66 -27.43 -18.63
N ALA B 362 11.12 -28.46 -19.27
CA ALA B 362 10.78 -28.37 -20.68
C ALA B 362 9.56 -27.49 -20.89
N HIS B 363 8.49 -27.75 -20.16
CA HIS B 363 7.24 -27.01 -20.28
C HIS B 363 6.96 -26.30 -18.97
N THR B 364 6.96 -24.97 -19.00
CA THR B 364 6.76 -24.16 -17.80
C THR B 364 5.96 -22.92 -18.15
N ASN B 365 5.51 -22.21 -17.11
CA ASN B 365 4.83 -20.94 -17.27
C ASN B 365 5.38 -19.96 -16.24
N ASP B 366 5.23 -18.66 -16.56
CA ASP B 366 5.84 -17.63 -15.73
C ASP B 366 5.43 -17.74 -14.27
N VAL B 367 4.22 -18.21 -14.00
CA VAL B 367 3.74 -18.30 -12.61
C VAL B 367 4.58 -19.30 -11.83
N LYS B 368 4.77 -20.50 -12.39
CA LYS B 368 5.59 -21.50 -11.71
C LYS B 368 6.99 -20.98 -11.44
N GLN B 369 7.60 -20.29 -12.42
CA GLN B 369 8.94 -19.76 -12.23
C GLN B 369 8.97 -18.72 -11.12
N LEU B 370 8.10 -17.71 -11.19
CA LEU B 370 8.05 -16.70 -10.15
C LEU B 370 7.94 -17.34 -8.77
N THR B 371 7.12 -18.37 -8.65
CA THR B 371 7.06 -19.12 -7.40
C THR B 371 8.43 -19.67 -7.03
N GLU B 372 9.06 -20.39 -7.96
CA GLU B 372 10.39 -20.93 -7.69
C GLU B 372 11.39 -19.83 -7.37
N ALA B 373 11.25 -18.67 -8.02
CA ALA B 373 12.11 -17.54 -7.71
C ALA B 373 11.93 -17.08 -6.26
N VAL B 374 10.67 -17.02 -5.79
CA VAL B 374 10.42 -16.61 -4.42
C VAL B 374 11.02 -17.62 -3.44
N GLN B 375 10.91 -18.91 -3.76
CA GLN B 375 11.47 -19.93 -2.87
C GLN B 375 12.97 -19.74 -2.69
N LYS B 376 13.69 -19.54 -3.80
CA LYS B 376 15.13 -19.35 -3.72
C LYS B 376 15.47 -18.12 -2.87
N ILE B 377 14.82 -16.99 -3.18
CA ILE B 377 15.08 -15.76 -2.43
C ILE B 377 14.76 -15.96 -0.96
N THR B 378 13.71 -16.74 -0.66
CA THR B 378 13.39 -17.03 0.73
C THR B 378 14.51 -17.82 1.41
N THR B 379 14.92 -18.93 0.79
CA THR B 379 16.04 -19.70 1.32
C THR B 379 17.26 -18.81 1.51
N GLU B 380 17.60 -18.03 0.48
CA GLU B 380 18.74 -17.12 0.58
C GLU B 380 18.53 -16.11 1.70
N SER B 381 17.29 -15.67 1.91
CA SER B 381 17.03 -14.68 2.95
C SER B 381 17.23 -15.26 4.34
N ILE B 382 16.74 -16.47 4.57
CA ILE B 382 16.94 -17.12 5.87
C ILE B 382 18.43 -17.33 6.14
N VAL B 383 19.19 -17.65 5.09
CA VAL B 383 20.60 -17.99 5.27
C VAL B 383 21.40 -16.77 5.73
N ILE B 384 21.04 -15.59 5.23
CA ILE B 384 21.82 -14.37 5.45
C ILE B 384 21.31 -13.58 6.65
N TRP B 385 20.00 -13.45 6.81
CA TRP B 385 19.45 -12.60 7.86
C TRP B 385 18.63 -13.34 8.91
N GLY B 386 18.44 -14.65 8.76
CA GLY B 386 17.63 -15.43 9.67
C GLY B 386 16.15 -15.12 9.67
N LYS B 387 15.68 -14.28 8.75
CA LYS B 387 14.26 -13.98 8.60
C LYS B 387 13.93 -13.84 7.13
N THR B 388 12.76 -14.35 6.75
CA THR B 388 12.33 -14.21 5.37
C THR B 388 11.81 -12.80 5.11
N PRO B 389 11.94 -12.32 3.87
CA PRO B 389 11.54 -10.93 3.58
C PRO B 389 10.10 -10.81 3.14
N LYS B 390 9.65 -9.58 2.94
CA LYS B 390 8.34 -9.29 2.36
C LYS B 390 8.52 -8.98 0.88
N PHE B 391 7.71 -9.62 0.04
CA PHE B 391 7.92 -9.61 -1.40
C PHE B 391 7.03 -8.57 -2.09
N LYS B 392 7.63 -7.85 -3.04
CA LYS B 392 6.90 -7.04 -4.01
C LYS B 392 6.98 -7.76 -5.35
N LEU B 393 5.82 -8.16 -5.87
CA LEU B 393 5.82 -9.01 -7.06
C LEU B 393 4.99 -8.39 -8.17
N PRO B 394 5.43 -8.55 -9.42
CA PRO B 394 4.67 -8.08 -10.59
C PRO B 394 3.62 -9.10 -11.02
N ILE B 395 2.59 -9.25 -10.21
CA ILE B 395 1.51 -10.20 -10.49
C ILE B 395 0.26 -9.73 -9.77
N GLN B 396 -0.86 -9.76 -10.47
CA GLN B 396 -2.13 -9.38 -9.87
C GLN B 396 -2.54 -10.38 -8.80
N LYS B 397 -3.09 -9.88 -7.70
CA LYS B 397 -3.61 -10.76 -6.67
C LYS B 397 -4.61 -11.76 -7.26
N GLU B 398 -5.52 -11.27 -8.10
CA GLU B 398 -6.48 -12.15 -8.74
C GLU B 398 -5.79 -13.16 -9.66
N THR B 399 -4.67 -12.77 -10.25
CA THR B 399 -3.90 -13.72 -11.06
C THR B 399 -3.41 -14.89 -10.21
N TRP B 400 -2.97 -14.60 -8.98
CA TRP B 400 -2.48 -15.66 -8.11
C TRP B 400 -3.62 -16.53 -7.60
N GLU B 401 -4.70 -15.90 -7.12
CA GLU B 401 -5.79 -16.66 -6.53
C GLU B 401 -6.39 -17.65 -7.53
N THR B 402 -6.50 -17.25 -8.79
CA THR B 402 -7.05 -18.17 -9.79
C THR B 402 -6.08 -19.32 -10.08
N TRP B 403 -4.78 -19.08 -9.97
CA TRP B 403 -3.80 -20.13 -10.23
C TRP B 403 -3.72 -21.11 -9.08
N TRP B 404 -3.45 -20.61 -7.87
CA TRP B 404 -3.29 -21.49 -6.72
C TRP B 404 -4.54 -22.34 -6.48
N THR B 405 -5.72 -21.80 -6.76
CA THR B 405 -6.96 -22.51 -6.45
C THR B 405 -7.19 -23.71 -7.37
N GLU B 406 -6.61 -23.72 -8.57
CA GLU B 406 -6.86 -24.77 -9.54
C GLU B 406 -5.65 -25.62 -9.89
N TYR B 407 -4.47 -25.27 -9.38
CA TYR B 407 -3.28 -26.07 -9.63
C TYR B 407 -3.32 -27.34 -8.78
N TRP B 408 -3.10 -28.49 -9.42
CA TRP B 408 -3.22 -29.76 -8.70
C TRP B 408 -2.20 -29.84 -7.56
N GLN B 409 -1.02 -29.26 -7.75
CA GLN B 409 0.00 -29.30 -6.71
C GLN B 409 -0.34 -28.34 -5.59
N ALA B 410 0.44 -28.41 -4.51
CA ALA B 410 0.28 -27.52 -3.37
C ALA B 410 1.32 -26.41 -3.47
N THR B 411 0.84 -25.16 -3.45
CA THR B 411 1.71 -24.00 -3.58
C THR B 411 1.34 -22.95 -2.54
N TRP B 412 2.34 -22.20 -2.10
CA TRP B 412 2.13 -21.10 -1.17
C TRP B 412 3.17 -20.03 -1.46
N ILE B 413 2.80 -18.78 -1.17
CA ILE B 413 3.67 -17.64 -1.41
C ILE B 413 3.67 -16.75 -0.16
N PRO B 414 4.84 -16.37 0.35
CA PRO B 414 4.87 -15.52 1.55
C PRO B 414 4.10 -14.23 1.32
N GLU B 415 3.82 -13.54 2.43
CA GLU B 415 3.10 -12.27 2.37
C GLU B 415 3.73 -11.35 1.33
N TRP B 416 2.95 -11.01 0.31
CA TRP B 416 3.47 -10.25 -0.82
C TRP B 416 2.48 -9.16 -1.21
N GLU B 417 2.99 -8.17 -1.92
CA GLU B 417 2.20 -7.05 -2.42
C GLU B 417 2.50 -6.82 -3.89
N PHE B 418 1.47 -6.53 -4.67
CA PHE B 418 1.61 -6.36 -6.10
C PHE B 418 2.34 -5.05 -6.42
N VAL B 419 3.20 -5.09 -7.43
CA VAL B 419 3.90 -3.91 -7.93
C VAL B 419 3.75 -3.89 -9.45
N ASN B 420 3.26 -2.78 -9.98
CA ASN B 420 2.97 -2.66 -11.41
C ASN B 420 4.26 -2.34 -12.17
N THR B 421 5.13 -3.35 -12.25
CA THR B 421 6.38 -3.27 -13.00
C THR B 421 6.31 -4.24 -14.17
N PRO B 422 5.83 -3.79 -15.34
CA PRO B 422 5.70 -4.70 -16.48
C PRO B 422 7.06 -5.25 -16.89
N PRO B 423 7.08 -6.39 -17.59
CA PRO B 423 5.93 -7.20 -18.02
C PRO B 423 5.31 -7.98 -16.86
N LEU B 424 4.06 -7.71 -16.52
CA LEU B 424 3.41 -8.41 -15.42
C LEU B 424 3.30 -9.90 -15.72
N VAL B 425 3.20 -10.70 -14.66
CA VAL B 425 3.08 -12.14 -14.77
C VAL B 425 1.60 -12.48 -14.88
N LYS B 426 1.21 -13.03 -16.03
CA LYS B 426 -0.18 -13.41 -16.29
C LYS B 426 -0.20 -14.80 -16.91
N LEU B 427 -1.42 -15.29 -17.16
CA LEU B 427 -1.63 -16.60 -17.78
C LEU B 427 -2.19 -16.39 -19.18
N TRP B 428 -1.53 -16.97 -20.17
CA TRP B 428 -1.87 -16.67 -21.56
C TRP B 428 -3.17 -17.33 -22.00
N TYR B 429 -3.56 -18.43 -21.37
CA TYR B 429 -4.79 -19.10 -21.77
C TYR B 429 -5.35 -19.91 -20.61
N GLN B 430 -6.67 -19.98 -20.55
CA GLN B 430 -7.40 -20.74 -19.53
C GLN B 430 -8.37 -21.66 -20.24
N LEU B 431 -8.27 -22.96 -19.98
CA LEU B 431 -9.17 -23.93 -20.59
C LEU B 431 -10.55 -23.87 -19.95
N GLU B 432 -11.58 -24.12 -20.76
CA GLU B 432 -12.93 -24.15 -20.25
C GLU B 432 -13.13 -25.35 -19.32
N LYS B 433 -14.07 -25.22 -18.39
CA LYS B 433 -14.39 -26.29 -17.46
C LYS B 433 -15.59 -27.12 -17.91
N GLU B 434 -16.43 -26.59 -18.79
CA GLU B 434 -17.59 -27.31 -19.31
C GLU B 434 -17.55 -27.30 -20.83
N PRO B 435 -18.07 -28.35 -21.47
CA PRO B 435 -18.10 -28.38 -22.93
C PRO B 435 -18.82 -27.16 -23.49
N ILE B 436 -18.40 -26.76 -24.68
CA ILE B 436 -18.92 -25.55 -25.32
C ILE B 436 -20.11 -25.94 -26.19
N VAL B 437 -21.27 -25.36 -25.89
CA VAL B 437 -22.47 -25.61 -26.68
C VAL B 437 -22.39 -24.82 -27.97
N GLY B 438 -22.63 -25.49 -29.10
CA GLY B 438 -22.49 -24.86 -30.40
C GLY B 438 -21.10 -24.90 -30.99
N ALA B 439 -20.12 -25.39 -30.25
CA ALA B 439 -18.76 -25.53 -30.74
C ALA B 439 -18.55 -26.90 -31.35
N GLU B 440 -17.65 -26.97 -32.34
CA GLU B 440 -17.39 -28.23 -33.02
C GLU B 440 -16.59 -29.17 -32.14
N THR B 441 -16.88 -30.46 -32.27
CA THR B 441 -16.30 -31.50 -31.41
C THR B 441 -15.30 -32.30 -32.23
N PHE B 442 -14.01 -32.10 -31.96
CA PHE B 442 -12.94 -32.78 -32.67
C PHE B 442 -12.48 -33.99 -31.86
N TYR B 443 -12.51 -35.16 -32.47
CA TYR B 443 -11.99 -36.39 -31.88
C TYR B 443 -10.64 -36.67 -32.52
N VAL B 444 -9.56 -36.44 -31.79
CA VAL B 444 -8.20 -36.49 -32.31
C VAL B 444 -7.48 -37.71 -31.75
N ASP B 445 -6.67 -38.35 -32.59
CA ASP B 445 -5.81 -39.44 -32.17
C ASP B 445 -4.58 -39.44 -33.07
N GLY B 446 -3.60 -40.26 -32.70
CA GLY B 446 -2.38 -40.37 -33.47
C GLY B 446 -1.72 -41.71 -33.25
N ALA B 447 -0.74 -42.00 -34.11
CA ALA B 447 -0.03 -43.27 -34.03
C ALA B 447 1.31 -43.13 -34.77
N ALA B 448 2.24 -44.01 -34.42
CA ALA B 448 3.56 -44.02 -35.04
C ALA B 448 4.10 -45.44 -35.00
N ASN B 449 5.20 -45.65 -35.71
CA ASN B 449 5.84 -46.95 -35.81
C ASN B 449 7.28 -46.85 -35.36
N ARG B 450 7.70 -47.76 -34.47
CA ARG B 450 9.09 -47.78 -34.04
C ARG B 450 10.01 -48.17 -35.19
N GLU B 451 9.59 -49.10 -36.03
CA GLU B 451 10.41 -49.51 -37.17
C GLU B 451 10.59 -48.36 -38.14
N THR B 452 9.48 -47.75 -38.59
CA THR B 452 9.51 -46.61 -39.49
C THR B 452 9.04 -45.39 -38.70
N LYS B 453 9.96 -44.45 -38.46
CA LYS B 453 9.62 -43.26 -37.69
C LYS B 453 8.44 -42.50 -38.28
N LEU B 454 8.10 -42.76 -39.54
CA LEU B 454 6.93 -42.13 -40.14
C LEU B 454 5.68 -42.47 -39.34
N GLY B 455 4.73 -41.53 -39.33
CA GLY B 455 3.51 -41.70 -38.57
C GLY B 455 2.34 -40.97 -39.21
N LYS B 456 1.20 -41.02 -38.53
CA LYS B 456 -0.02 -40.40 -39.01
C LYS B 456 -0.75 -39.73 -37.86
N ALA B 457 -1.45 -38.64 -38.16
CA ALA B 457 -2.21 -37.91 -37.17
C ALA B 457 -3.41 -37.27 -37.85
N GLY B 458 -4.57 -37.38 -37.22
CA GLY B 458 -5.78 -36.85 -37.81
C GLY B 458 -6.85 -36.57 -36.77
N TYR B 459 -8.06 -36.31 -37.27
CA TYR B 459 -9.19 -36.02 -36.39
C TYR B 459 -10.49 -36.26 -37.14
N VAL B 460 -11.57 -36.33 -36.38
CA VAL B 460 -12.93 -36.42 -36.91
C VAL B 460 -13.83 -35.56 -36.05
N THR B 461 -14.83 -34.93 -36.68
CA THR B 461 -15.73 -34.03 -35.98
C THR B 461 -17.18 -34.49 -36.17
N ASN B 462 -18.06 -33.87 -35.39
CA ASN B 462 -19.49 -34.17 -35.47
C ASN B 462 -20.13 -33.60 -36.72
N LYS B 463 -19.52 -32.60 -37.34
CA LYS B 463 -20.08 -31.97 -38.53
C LYS B 463 -19.71 -32.71 -39.81
N GLY B 464 -18.76 -33.63 -39.76
CA GLY B 464 -18.34 -34.39 -40.92
C GLY B 464 -16.87 -34.24 -41.28
N ARG B 465 -16.20 -33.22 -40.77
CA ARG B 465 -14.80 -33.01 -41.08
C ARG B 465 -13.99 -34.24 -40.71
N GLN B 466 -13.06 -34.61 -41.59
CA GLN B 466 -12.14 -35.71 -41.35
C GLN B 466 -10.80 -35.37 -42.00
N LYS B 467 -9.72 -35.53 -41.24
CA LYS B 467 -8.40 -35.17 -41.73
C LYS B 467 -7.38 -36.15 -41.19
N VAL B 468 -6.38 -36.46 -42.02
CA VAL B 468 -5.29 -37.35 -41.65
C VAL B 468 -4.04 -36.96 -42.42
N VAL B 469 -3.02 -36.50 -41.73
CA VAL B 469 -1.79 -36.03 -42.38
C VAL B 469 -0.66 -37.02 -42.14
N PRO B 470 0.16 -37.33 -43.14
CA PRO B 470 1.31 -38.20 -42.91
C PRO B 470 2.40 -37.48 -42.14
N LEU B 471 3.13 -38.24 -41.34
CA LEU B 471 4.18 -37.69 -40.48
C LEU B 471 5.47 -38.49 -40.65
N THR B 472 6.58 -37.83 -40.37
CA THR B 472 7.90 -38.44 -40.50
C THR B 472 8.75 -38.09 -39.29
N ASN B 473 9.58 -39.04 -38.86
CA ASN B 473 10.48 -38.84 -37.74
C ASN B 473 9.71 -38.40 -36.49
N THR B 474 8.57 -39.02 -36.24
CA THR B 474 7.71 -38.68 -35.12
C THR B 474 7.60 -39.86 -34.17
N THR B 475 7.59 -39.57 -32.87
CA THR B 475 7.31 -40.58 -31.86
C THR B 475 5.81 -40.66 -31.61
N ASN B 476 5.39 -41.73 -30.96
CA ASN B 476 3.97 -41.88 -30.64
C ASN B 476 3.45 -40.68 -29.86
N GLN B 477 4.31 -40.06 -29.04
CA GLN B 477 3.86 -38.91 -28.26
C GLN B 477 3.69 -37.68 -29.13
N LYS B 478 4.56 -37.49 -30.13
CA LYS B 478 4.46 -36.31 -30.98
C LYS B 478 3.20 -36.33 -31.82
N THR B 479 2.76 -37.51 -32.26
CA THR B 479 1.55 -37.60 -33.06
C THR B 479 0.32 -37.16 -32.25
N GLU B 480 0.20 -37.65 -31.02
CA GLU B 480 -0.89 -37.20 -30.16
C GLU B 480 -0.81 -35.71 -29.90
N LEU B 481 0.40 -35.19 -29.68
CA LEU B 481 0.58 -33.76 -29.52
C LEU B 481 0.39 -33.01 -30.83
N GLN B 482 0.58 -33.69 -31.96
CA GLN B 482 0.37 -33.06 -33.26
C GLN B 482 -1.11 -33.02 -33.61
N ALA B 483 -1.81 -34.15 -33.45
CA ALA B 483 -3.23 -34.21 -33.76
C ALA B 483 -4.00 -33.10 -33.06
N ILE B 484 -3.65 -32.83 -31.79
CA ILE B 484 -4.31 -31.74 -31.08
C ILE B 484 -3.99 -30.41 -31.72
N TYR B 485 -2.83 -30.28 -32.37
CA TYR B 485 -2.48 -29.03 -33.03
C TYR B 485 -3.33 -28.82 -34.28
N LEU B 486 -3.62 -29.89 -35.01
CA LEU B 486 -4.49 -29.78 -36.17
C LEU B 486 -5.86 -29.24 -35.78
N ALA B 487 -6.46 -29.79 -34.72
CA ALA B 487 -7.78 -29.36 -34.30
C ALA B 487 -7.80 -27.86 -33.98
N LEU B 488 -6.76 -27.37 -33.31
CA LEU B 488 -6.67 -25.93 -33.07
C LEU B 488 -6.50 -25.16 -34.38
N GLN B 489 -5.71 -25.69 -35.31
CA GLN B 489 -5.50 -25.02 -36.58
C GLN B 489 -6.80 -24.95 -37.40
N ASP B 490 -7.55 -26.05 -37.45
CA ASP B 490 -8.71 -26.16 -38.30
C ASP B 490 -10.01 -25.77 -37.59
N SER B 491 -9.92 -25.29 -36.36
CA SER B 491 -11.11 -24.92 -35.60
C SER B 491 -11.29 -23.41 -35.55
N GLY B 492 -12.52 -23.01 -35.26
CA GLY B 492 -12.84 -21.60 -35.10
C GLY B 492 -12.34 -21.05 -33.78
N LEU B 493 -13.04 -20.02 -33.29
CA LEU B 493 -12.67 -19.40 -32.02
C LEU B 493 -13.11 -20.22 -30.82
N GLU B 494 -14.09 -21.11 -30.99
CA GLU B 494 -14.55 -21.99 -29.93
C GLU B 494 -14.56 -23.42 -30.45
N VAL B 495 -14.00 -24.34 -29.65
CA VAL B 495 -13.84 -25.71 -30.09
C VAL B 495 -13.81 -26.62 -28.87
N ASN B 496 -14.29 -27.85 -29.06
CA ASN B 496 -14.18 -28.92 -28.07
C ASN B 496 -13.31 -30.02 -28.69
N ILE B 497 -12.34 -30.49 -27.92
CA ILE B 497 -11.35 -31.45 -28.41
C ILE B 497 -11.33 -32.66 -27.48
N VAL B 498 -11.46 -33.85 -28.06
CA VAL B 498 -11.56 -35.10 -27.31
C VAL B 498 -10.34 -35.94 -27.66
N THR B 499 -9.41 -36.07 -26.73
CA THR B 499 -8.20 -36.86 -26.91
C THR B 499 -8.18 -38.03 -25.93
N ASP B 500 -7.48 -39.08 -26.33
CA ASP B 500 -7.24 -40.23 -25.47
C ASP B 500 -5.80 -40.29 -24.98
N SER B 501 -5.06 -39.19 -25.12
CA SER B 501 -3.66 -39.14 -24.73
C SER B 501 -3.54 -38.43 -23.38
N GLN B 502 -3.10 -39.18 -22.37
CA GLN B 502 -2.87 -38.57 -21.07
C GLN B 502 -1.60 -37.73 -21.07
N TYR B 503 -0.63 -38.09 -21.92
CA TYR B 503 0.58 -37.28 -22.06
C TYR B 503 0.26 -35.91 -22.65
N ALA B 504 -0.56 -35.87 -23.70
CA ALA B 504 -0.95 -34.60 -24.29
C ALA B 504 -1.85 -33.81 -23.36
N LEU B 505 -2.86 -34.47 -22.78
CA LEU B 505 -3.76 -33.79 -21.85
C LEU B 505 -2.99 -33.22 -20.67
N GLY B 506 -1.98 -33.94 -20.20
CA GLY B 506 -1.22 -33.47 -19.05
C GLY B 506 -0.47 -32.18 -19.33
N ILE B 507 0.24 -32.14 -20.46
CA ILE B 507 1.05 -30.97 -20.78
C ILE B 507 0.16 -29.73 -20.95
N ILE B 508 -0.96 -29.88 -21.66
CA ILE B 508 -1.82 -28.73 -21.94
C ILE B 508 -2.41 -28.18 -20.64
N GLN B 509 -2.84 -29.06 -19.75
CA GLN B 509 -3.46 -28.60 -18.50
C GLN B 509 -2.47 -27.92 -17.57
N ALA B 510 -1.17 -28.04 -17.82
CA ALA B 510 -0.19 -27.27 -17.08
C ALA B 510 -0.21 -25.79 -17.44
N GLN B 511 -1.04 -25.41 -18.41
CA GLN B 511 -1.15 -24.04 -18.90
C GLN B 511 0.24 -23.42 -19.15
N PRO B 512 1.14 -24.15 -19.82
CA PRO B 512 2.48 -23.60 -20.04
C PRO B 512 2.46 -22.46 -21.05
N ASP B 513 3.28 -21.44 -20.80
CA ASP B 513 3.41 -20.31 -21.69
C ASP B 513 4.68 -20.37 -22.54
N LYS B 514 5.49 -21.42 -22.37
CA LYS B 514 6.69 -21.61 -23.16
C LYS B 514 7.13 -23.05 -23.02
N SER B 515 7.73 -23.59 -24.08
CA SER B 515 8.15 -24.98 -24.10
C SER B 515 9.43 -25.13 -24.90
N GLU B 516 10.20 -26.16 -24.57
CA GLU B 516 11.40 -26.46 -25.33
C GLU B 516 11.08 -27.16 -26.64
N SER B 517 10.02 -27.98 -26.66
CA SER B 517 9.59 -28.63 -27.89
C SER B 517 8.93 -27.59 -28.81
N GLU B 518 9.40 -27.52 -30.05
CA GLU B 518 8.85 -26.55 -30.99
C GLU B 518 7.37 -26.79 -31.23
N LEU B 519 6.92 -28.04 -31.16
CA LEU B 519 5.50 -28.34 -31.38
C LEU B 519 4.63 -27.71 -30.30
N VAL B 520 5.05 -27.82 -29.04
CA VAL B 520 4.22 -27.36 -27.93
C VAL B 520 3.99 -25.85 -28.03
N ASN B 521 5.04 -25.10 -28.37
CA ASN B 521 4.88 -23.65 -28.50
C ASN B 521 3.87 -23.31 -29.58
N GLN B 522 3.85 -24.08 -30.67
CA GLN B 522 2.85 -23.86 -31.71
C GLN B 522 1.46 -24.15 -31.18
N ILE B 523 1.31 -25.21 -30.39
CA ILE B 523 0.02 -25.48 -29.75
C ILE B 523 -0.36 -24.33 -28.82
N ILE B 524 0.62 -23.77 -28.13
CA ILE B 524 0.34 -22.66 -27.20
C ILE B 524 -0.21 -21.47 -27.95
N GLU B 525 0.44 -21.08 -29.05
CA GLU B 525 -0.04 -19.96 -29.85
C GLU B 525 -1.50 -20.13 -30.23
N GLN B 526 -1.86 -21.33 -30.71
CA GLN B 526 -3.24 -21.60 -31.08
C GLN B 526 -4.18 -21.41 -29.89
N LEU B 527 -3.79 -21.96 -28.74
CA LEU B 527 -4.65 -21.86 -27.55
C LEU B 527 -4.92 -20.42 -27.17
N ILE B 528 -3.89 -19.57 -27.24
CA ILE B 528 -4.06 -18.17 -26.88
C ILE B 528 -4.99 -17.47 -27.85
N LYS B 529 -5.02 -17.91 -29.11
CA LYS B 529 -5.88 -17.27 -30.10
C LYS B 529 -7.34 -17.64 -29.89
N LYS B 530 -7.62 -18.92 -29.63
CA LYS B 530 -9.00 -19.36 -29.45
C LYS B 530 -9.64 -18.66 -28.27
N GLU B 531 -10.95 -18.42 -28.37
CA GLU B 531 -11.68 -17.80 -27.28
C GLU B 531 -12.08 -18.83 -26.23
N LYS B 532 -12.61 -19.97 -26.66
CA LYS B 532 -13.03 -21.04 -25.77
C LYS B 532 -12.46 -22.36 -26.27
N VAL B 533 -11.59 -22.98 -25.48
CA VAL B 533 -11.10 -24.32 -25.73
C VAL B 533 -11.49 -25.19 -24.53
N TYR B 534 -12.01 -26.38 -24.82
CA TYR B 534 -12.39 -27.34 -23.78
C TYR B 534 -11.81 -28.69 -24.14
N LEU B 535 -10.80 -29.13 -23.37
CA LEU B 535 -10.16 -30.40 -23.61
C LEU B 535 -10.83 -31.50 -22.79
N ALA B 536 -11.04 -32.65 -23.42
CA ALA B 536 -11.65 -33.80 -22.78
C ALA B 536 -10.75 -35.01 -22.97
N TRP B 537 -10.96 -36.02 -22.12
CA TRP B 537 -10.20 -37.26 -22.17
C TRP B 537 -11.14 -38.44 -22.12
N VAL B 538 -10.73 -39.54 -22.75
CA VAL B 538 -11.50 -40.79 -22.75
C VAL B 538 -10.54 -41.96 -22.84
N PRO B 539 -10.89 -43.12 -22.30
CA PRO B 539 -10.00 -44.29 -22.42
C PRO B 539 -9.90 -44.74 -23.86
N ALA B 540 -8.68 -45.13 -24.26
CA ALA B 540 -8.46 -45.64 -25.59
C ALA B 540 -8.92 -47.09 -25.70
N HIS B 541 -9.22 -47.50 -26.94
CA HIS B 541 -9.64 -48.87 -27.24
C HIS B 541 -10.89 -49.28 -26.48
N LYS B 542 -11.71 -48.30 -26.06
CA LYS B 542 -12.95 -48.56 -25.37
C LYS B 542 -14.16 -48.42 -26.27
N GLY B 543 -13.97 -48.02 -27.52
CA GLY B 543 -15.10 -47.83 -28.43
C GLY B 543 -15.93 -46.60 -28.12
N ILE B 544 -15.32 -45.54 -27.60
CA ILE B 544 -16.04 -44.35 -27.19
C ILE B 544 -16.09 -43.38 -28.37
N GLY B 545 -17.27 -43.27 -28.98
CA GLY B 545 -17.50 -42.32 -30.06
C GLY B 545 -16.34 -42.19 -31.04
N GLY B 546 -15.93 -40.96 -31.30
CA GLY B 546 -14.93 -40.72 -32.33
C GLY B 546 -13.60 -41.38 -32.07
N ASN B 547 -13.28 -41.66 -30.80
CA ASN B 547 -11.97 -42.22 -30.47
C ASN B 547 -11.73 -43.53 -31.21
N GLU B 548 -12.75 -44.39 -31.30
CA GLU B 548 -12.55 -45.69 -31.95
C GLU B 548 -12.34 -45.53 -33.45
N GLN B 549 -13.12 -44.66 -34.10
CA GLN B 549 -12.96 -44.46 -35.54
C GLN B 549 -11.64 -43.76 -35.84
N VAL B 550 -11.41 -42.59 -35.23
CA VAL B 550 -10.20 -41.82 -35.51
C VAL B 550 -8.96 -42.66 -35.24
N ASP B 551 -9.02 -43.57 -34.25
CA ASP B 551 -7.91 -44.47 -34.03
C ASP B 551 -7.74 -45.43 -35.21
N LYS B 552 -8.84 -45.85 -35.84
CA LYS B 552 -8.73 -46.69 -37.03
C LYS B 552 -8.14 -45.91 -38.20
N LEU B 553 -8.58 -44.65 -38.38
CA LEU B 553 -8.05 -43.85 -39.48
C LEU B 553 -6.55 -43.64 -39.34
N VAL B 554 -6.06 -43.44 -38.11
CA VAL B 554 -4.64 -43.18 -37.94
C VAL B 554 -3.86 -44.47 -37.86
N SER B 555 -4.42 -45.50 -37.24
CA SER B 555 -3.75 -46.78 -37.13
C SER B 555 -3.88 -47.64 -38.38
N ALA B 556 -4.70 -47.21 -39.35
CA ALA B 556 -4.82 -47.97 -40.60
C ALA B 556 -3.46 -48.16 -41.25
N GLY B 557 -2.66 -47.11 -41.32
CA GLY B 557 -1.30 -47.25 -41.81
C GLY B 557 -0.37 -47.93 -40.82
N ILE B 558 -0.63 -47.76 -39.53
CA ILE B 558 0.16 -48.40 -38.49
C ILE B 558 -0.42 -49.76 -38.15
N ILE C 5 21.34 -45.91 35.93
CA ILE C 5 21.25 -47.36 35.78
C ILE C 5 22.23 -47.85 34.73
N GLU C 6 22.35 -49.17 34.59
CA GLU C 6 23.28 -49.75 33.63
C GLU C 6 22.84 -49.41 32.21
N THR C 7 23.80 -49.00 31.38
CA THR C 7 23.51 -48.60 30.01
C THR C 7 23.51 -49.82 29.09
N VAL C 8 22.50 -49.90 28.22
CA VAL C 8 22.39 -50.99 27.27
C VAL C 8 23.22 -50.66 26.03
N PRO C 9 24.27 -51.41 25.73
CA PRO C 9 25.07 -51.12 24.54
C PRO C 9 24.23 -51.22 23.27
N VAL C 10 24.51 -50.34 22.32
CA VAL C 10 23.74 -50.25 21.08
C VAL C 10 24.71 -50.36 19.92
N LYS C 11 24.48 -51.35 19.06
CA LYS C 11 25.27 -51.54 17.85
C LYS C 11 24.60 -50.86 16.66
N LEU C 12 25.38 -50.61 15.63
CA LEU C 12 24.87 -50.15 14.35
C LEU C 12 24.69 -51.34 13.41
N LYS C 13 24.02 -51.08 12.29
CA LYS C 13 23.89 -52.11 11.27
C LYS C 13 25.25 -52.39 10.64
N PRO C 14 25.58 -53.65 10.38
CA PRO C 14 26.89 -53.95 9.79
C PRO C 14 27.08 -53.25 8.46
N GLY C 15 28.25 -52.66 8.27
CA GLY C 15 28.55 -51.89 7.09
C GLY C 15 27.86 -50.54 7.01
N MET C 16 27.22 -50.11 8.09
CA MET C 16 26.51 -48.82 8.13
C MET C 16 27.26 -47.88 9.06
N ASP C 17 27.70 -46.75 8.51
CA ASP C 17 28.40 -45.73 9.28
C ASP C 17 27.41 -44.77 9.92
N GLY C 18 27.93 -43.88 10.76
CA GLY C 18 27.11 -42.92 11.46
C GLY C 18 26.43 -41.93 10.54
N PRO C 19 25.45 -41.19 11.06
CA PRO C 19 24.75 -40.21 10.23
C PRO C 19 25.64 -39.03 9.87
N LYS C 20 25.54 -38.60 8.61
CA LYS C 20 26.31 -37.47 8.09
C LYS C 20 25.39 -36.44 7.43
N VAL C 21 24.15 -36.34 7.90
CA VAL C 21 23.19 -35.45 7.26
C VAL C 21 23.53 -34.01 7.58
N LYS C 22 23.24 -33.12 6.63
CA LYS C 22 23.50 -31.69 6.82
C LYS C 22 22.35 -31.04 7.57
N GLN C 23 22.62 -29.85 8.10
CA GLN C 23 21.65 -29.09 8.87
C GLN C 23 21.02 -28.03 7.96
N TRP C 24 19.69 -28.08 7.81
CA TRP C 24 19.01 -27.09 7.00
C TRP C 24 19.10 -25.71 7.66
N PRO C 25 19.23 -24.65 6.88
CA PRO C 25 19.26 -23.31 7.47
C PRO C 25 18.00 -23.03 8.28
N LEU C 26 18.18 -22.37 9.42
CA LEU C 26 17.10 -22.13 10.36
C LEU C 26 16.95 -20.63 10.60
N THR C 27 15.70 -20.21 10.83
CA THR C 27 15.43 -18.82 11.12
C THR C 27 16.09 -18.41 12.43
N GLU C 28 16.37 -17.11 12.56
CA GLU C 28 17.06 -16.63 13.76
C GLU C 28 16.26 -16.94 15.01
N GLU C 29 14.93 -16.74 14.97
CA GLU C 29 14.11 -17.02 16.14
C GLU C 29 14.24 -18.48 16.57
N LYS C 30 14.22 -19.41 15.60
CA LYS C 30 14.40 -20.82 15.93
C LYS C 30 15.78 -21.05 16.53
N ILE C 31 16.81 -20.42 15.97
CA ILE C 31 18.17 -20.58 16.49
C ILE C 31 18.25 -20.07 17.92
N LYS C 32 17.72 -18.88 18.17
CA LYS C 32 17.71 -18.34 19.53
C LYS C 32 17.02 -19.29 20.50
N ALA C 33 15.86 -19.82 20.11
CA ALA C 33 15.14 -20.73 20.99
C ALA C 33 15.90 -22.03 21.21
N LEU C 34 16.69 -22.46 20.22
CA LEU C 34 17.43 -23.72 20.37
C LEU C 34 18.56 -23.59 21.38
N VAL C 35 19.27 -22.45 21.37
CA VAL C 35 20.39 -22.28 22.29
C VAL C 35 19.89 -22.22 23.72
N GLU C 36 18.75 -21.55 23.95
CA GLU C 36 18.16 -21.52 25.29
C GLU C 36 17.83 -22.92 25.77
N ILE C 37 17.39 -23.79 24.86
CA ILE C 37 17.02 -25.15 25.23
C ILE C 37 18.27 -26.01 25.41
N CYS C 38 19.24 -25.88 24.52
CA CYS C 38 20.45 -26.70 24.62
C CYS C 38 21.36 -26.23 25.74
N THR C 39 21.42 -24.91 25.99
CA THR C 39 22.25 -24.42 27.09
C THR C 39 21.76 -24.98 28.42
N GLU C 40 20.45 -24.95 28.66
CA GLU C 40 19.91 -25.54 29.87
C GLU C 40 19.94 -27.06 29.85
N MET C 41 19.95 -27.67 28.65
CA MET C 41 20.09 -29.12 28.56
C MET C 41 21.52 -29.57 28.84
N GLU C 42 22.52 -28.78 28.44
CA GLU C 42 23.89 -29.11 28.77
C GLU C 42 24.11 -29.04 30.28
N LYS C 43 23.46 -28.08 30.94
CA LYS C 43 23.53 -28.00 32.39
C LYS C 43 22.89 -29.22 33.05
N GLU C 44 21.90 -29.82 32.40
CA GLU C 44 21.30 -31.06 32.88
C GLU C 44 22.17 -32.28 32.60
N GLY C 45 23.24 -32.12 31.82
CA GLY C 45 24.11 -33.23 31.47
C GLY C 45 23.57 -34.16 30.42
N LYS C 46 22.32 -33.98 29.98
CA LYS C 46 21.75 -34.86 28.97
C LYS C 46 22.47 -34.72 27.64
N ILE C 47 23.07 -33.57 27.35
CA ILE C 47 23.88 -33.35 26.17
C ILE C 47 25.15 -32.63 26.59
N SER C 48 26.20 -32.79 25.78
CA SER C 48 27.49 -32.18 26.05
C SER C 48 28.18 -31.86 24.74
N LYS C 49 29.08 -30.88 24.79
CA LYS C 49 29.79 -30.42 23.60
C LYS C 49 30.73 -31.51 23.09
N ILE C 50 30.96 -31.49 21.78
CA ILE C 50 31.93 -32.39 21.14
C ILE C 50 32.86 -31.56 20.27
N GLY C 51 34.01 -32.14 19.95
CA GLY C 51 34.99 -31.48 19.13
C GLY C 51 34.90 -31.91 17.67
N PRO C 52 35.89 -31.50 16.87
CA PRO C 52 35.88 -31.87 15.45
C PRO C 52 36.17 -33.33 15.18
N GLU C 53 36.56 -34.10 16.20
CA GLU C 53 36.80 -35.53 15.99
C GLU C 53 35.53 -36.27 15.59
N ASN C 54 34.36 -35.69 15.87
CA ASN C 54 33.08 -36.32 15.51
C ASN C 54 32.66 -35.83 14.13
N PRO C 55 32.69 -36.68 13.10
CA PRO C 55 32.23 -36.25 11.77
C PRO C 55 30.73 -36.41 11.54
N TYR C 56 30.02 -37.08 12.45
CA TYR C 56 28.61 -37.36 12.28
C TYR C 56 27.76 -36.13 12.61
N ASN C 57 26.57 -36.08 12.01
CA ASN C 57 25.66 -34.98 12.26
C ASN C 57 24.25 -35.40 11.85
N THR C 58 23.27 -34.93 12.61
CA THR C 58 21.87 -35.22 12.35
C THR C 58 21.09 -33.91 12.40
N PRO C 59 20.20 -33.65 11.43
CA PRO C 59 19.49 -32.37 11.40
C PRO C 59 18.63 -32.18 12.64
N VAL C 60 18.58 -30.93 13.12
CA VAL C 60 17.84 -30.58 14.32
C VAL C 60 17.10 -29.27 14.07
N PHE C 61 15.94 -29.13 14.71
CA PHE C 61 15.12 -27.93 14.53
C PHE C 61 14.11 -27.84 15.67
N ALA C 62 13.56 -26.65 15.85
CA ALA C 62 12.60 -26.37 16.91
C ALA C 62 11.22 -26.14 16.32
N ILE C 63 10.20 -26.70 16.97
CA ILE C 63 8.83 -26.65 16.47
C ILE C 63 7.90 -26.49 17.67
N LYS C 64 7.27 -25.31 17.79
CA LYS C 64 6.27 -25.09 18.82
C LYS C 64 5.18 -26.16 18.72
N LYS C 65 4.76 -26.67 19.87
CA LYS C 65 3.76 -27.73 19.96
C LYS C 65 2.40 -27.13 20.29
N LYS C 66 1.39 -27.48 19.49
CA LYS C 66 0.03 -26.98 19.68
C LYS C 66 0.06 -25.46 19.77
N ASP C 67 -0.67 -24.89 20.73
CA ASP C 67 -0.68 -23.45 20.97
C ASP C 67 0.28 -23.04 22.08
N SER C 68 1.04 -23.98 22.64
CA SER C 68 1.96 -23.65 23.71
C SER C 68 3.01 -22.66 23.23
N THR C 69 3.34 -21.70 24.10
CA THR C 69 4.36 -20.70 23.77
C THR C 69 5.77 -21.25 23.84
N LYS C 70 5.99 -22.32 24.62
CA LYS C 70 7.32 -22.88 24.77
C LYS C 70 7.73 -23.67 23.53
N TRP C 71 8.94 -23.42 23.06
CA TRP C 71 9.48 -24.17 21.93
C TRP C 71 10.04 -25.51 22.39
N ARG C 72 9.98 -26.49 21.49
CA ARG C 72 10.48 -27.82 21.75
C ARG C 72 11.47 -28.21 20.66
N LYS C 73 12.66 -28.65 21.06
CA LYS C 73 13.63 -29.10 20.08
C LYS C 73 13.17 -30.40 19.44
N LEU C 74 13.41 -30.52 18.13
CA LEU C 74 13.06 -31.70 17.37
C LEU C 74 14.26 -32.13 16.54
N VAL C 75 14.60 -33.40 16.60
CA VAL C 75 15.75 -33.95 15.90
C VAL C 75 15.26 -34.97 14.88
N ASP C 76 15.82 -34.90 13.67
CA ASP C 76 15.44 -35.81 12.58
C ASP C 76 16.40 -36.99 12.57
N PHE C 77 16.12 -37.97 13.42
CA PHE C 77 16.91 -39.18 13.53
C PHE C 77 16.48 -40.26 12.54
N ARG C 78 15.67 -39.90 11.53
CA ARG C 78 15.14 -40.92 10.62
C ARG C 78 16.28 -41.67 9.93
N GLU C 79 17.37 -40.99 9.61
CA GLU C 79 18.52 -41.68 9.04
C GLU C 79 19.22 -42.54 10.09
N LEU C 80 19.45 -41.97 11.28
CA LEU C 80 20.06 -42.75 12.35
C LEU C 80 19.18 -43.92 12.74
N ASN C 81 17.86 -43.72 12.75
CA ASN C 81 16.95 -44.81 13.10
C ASN C 81 17.01 -45.94 12.08
N LYS C 82 17.19 -45.59 10.80
CA LYS C 82 17.32 -46.63 9.78
C LYS C 82 18.55 -47.50 10.01
N ARG C 83 19.64 -46.88 10.48
CA ARG C 83 20.88 -47.62 10.72
C ARG C 83 20.81 -48.51 11.96
N THR C 84 20.04 -48.09 12.96
CA THR C 84 19.97 -48.81 14.24
C THR C 84 18.67 -49.57 14.45
N GLN C 85 17.52 -48.96 14.13
CA GLN C 85 16.24 -49.55 14.47
C GLN C 85 15.81 -50.67 13.52
N ASP C 86 16.44 -50.79 12.35
CA ASP C 86 16.06 -51.87 11.43
C ASP C 86 16.24 -53.23 12.10
N PHE C 87 17.33 -53.43 12.82
CA PHE C 87 17.53 -54.63 13.62
C PHE C 87 17.20 -54.42 15.08
N TRP C 88 17.36 -53.19 15.59
CA TRP C 88 17.06 -52.92 16.99
C TRP C 88 15.57 -53.07 17.29
N GLU C 89 14.72 -52.70 16.33
CA GLU C 89 13.28 -52.84 16.53
C GLU C 89 12.91 -54.30 16.74
N VAL C 90 13.39 -55.18 15.87
CA VAL C 90 13.20 -56.61 16.09
C VAL C 90 13.89 -57.03 17.38
N GLN C 91 14.99 -56.36 17.75
CA GLN C 91 15.67 -56.67 18.99
C GLN C 91 14.78 -56.37 20.19
N LEU C 92 14.25 -55.15 20.25
CA LEU C 92 13.39 -54.71 21.34
C LEU C 92 11.94 -54.75 20.88
N GLY C 93 11.17 -55.69 21.41
CA GLY C 93 9.81 -55.87 20.94
C GLY C 93 8.96 -54.65 21.21
N ILE C 94 8.12 -54.31 20.23
CA ILE C 94 7.15 -53.21 20.36
C ILE C 94 5.82 -53.71 19.82
N PRO C 95 5.21 -54.71 20.45
CA PRO C 95 3.96 -55.27 19.91
C PRO C 95 2.87 -54.21 19.81
N HIS C 96 2.09 -54.29 18.74
CA HIS C 96 1.00 -53.35 18.51
C HIS C 96 -0.34 -54.01 18.80
N PRO C 97 -1.19 -53.38 19.61
CA PRO C 97 -2.49 -53.98 19.95
C PRO C 97 -3.49 -53.80 18.82
N ALA C 98 -3.98 -54.92 18.28
CA ALA C 98 -4.98 -54.86 17.22
C ALA C 98 -6.29 -54.25 17.67
N GLY C 99 -6.49 -54.09 18.98
CA GLY C 99 -7.72 -53.55 19.53
C GLY C 99 -7.69 -52.07 19.88
N LEU C 100 -6.61 -51.36 19.56
CA LEU C 100 -6.57 -49.93 19.85
C LEU C 100 -7.59 -49.16 19.02
N LYS C 101 -7.79 -49.58 17.76
CA LYS C 101 -8.74 -48.90 16.89
C LYS C 101 -10.18 -49.04 17.40
N LYS C 102 -10.51 -50.18 18.01
CA LYS C 102 -11.88 -50.39 18.49
C LYS C 102 -12.23 -49.44 19.62
N LYS C 103 -11.23 -48.95 20.35
CA LYS C 103 -11.50 -48.12 21.52
C LYS C 103 -12.34 -46.91 21.16
N LYS C 104 -13.39 -46.67 21.95
CA LYS C 104 -14.26 -45.52 21.72
C LYS C 104 -13.50 -44.20 21.78
N SER C 105 -12.37 -44.16 22.47
CA SER C 105 -11.56 -42.96 22.57
C SER C 105 -10.13 -43.34 22.88
N VAL C 106 -9.19 -42.52 22.42
CA VAL C 106 -7.77 -42.76 22.60
C VAL C 106 -7.06 -41.44 22.85
N THR C 107 -6.31 -41.36 23.94
CA THR C 107 -5.56 -40.16 24.31
C THR C 107 -4.07 -40.39 24.06
N VAL C 108 -3.39 -39.32 23.66
CA VAL C 108 -1.98 -39.36 23.32
C VAL C 108 -1.22 -38.45 24.27
N LEU C 109 -0.20 -39.00 24.93
CA LEU C 109 0.66 -38.25 25.83
C LEU C 109 2.11 -38.50 25.46
N ASP C 110 2.97 -37.53 25.77
CA ASP C 110 4.37 -37.55 25.36
C ASP C 110 5.25 -38.03 26.51
N VAL C 111 6.08 -39.04 26.22
CA VAL C 111 7.03 -39.53 27.22
C VAL C 111 8.01 -38.42 27.61
N GLY C 112 8.76 -37.93 26.62
CA GLY C 112 9.62 -36.78 26.84
C GLY C 112 10.81 -37.04 27.73
N ASP C 113 10.83 -36.39 28.90
CA ASP C 113 12.00 -36.44 29.78
C ASP C 113 12.29 -37.84 30.30
N ALA C 114 11.33 -38.77 30.19
CA ALA C 114 11.56 -40.13 30.68
C ALA C 114 12.78 -40.74 30.02
N TYR C 115 12.90 -40.60 28.70
CA TYR C 115 14.09 -41.09 28.02
C TYR C 115 15.36 -40.39 28.49
N PHE C 116 15.24 -39.11 28.87
CA PHE C 116 16.41 -38.37 29.36
C PHE C 116 16.94 -38.98 30.65
N SER C 117 16.07 -39.59 31.46
CA SER C 117 16.52 -40.15 32.73
C SER C 117 17.54 -41.26 32.51
N VAL C 118 17.31 -42.13 31.53
CA VAL C 118 18.20 -43.26 31.27
C VAL C 118 19.43 -42.77 30.52
N PRO C 119 20.64 -43.18 30.92
CA PRO C 119 21.84 -42.78 30.19
C PRO C 119 21.93 -43.50 28.85
N LEU C 120 22.92 -43.07 28.06
CA LEU C 120 23.14 -43.61 26.73
C LEU C 120 24.48 -44.30 26.67
N ASP C 121 24.56 -45.36 25.86
CA ASP C 121 25.81 -46.10 25.71
C ASP C 121 26.90 -45.17 25.18
N GLU C 122 27.97 -45.03 25.96
CA GLU C 122 29.05 -44.10 25.61
C GLU C 122 29.66 -44.39 24.25
N ASP C 123 29.59 -45.64 23.78
CA ASP C 123 30.11 -45.97 22.45
C ASP C 123 29.19 -45.48 21.34
N PHE C 124 27.91 -45.29 21.62
CA PHE C 124 26.92 -44.91 20.62
C PHE C 124 26.62 -43.41 20.62
N ARG C 125 27.20 -42.66 21.57
CA ARG C 125 26.84 -41.25 21.69
C ARG C 125 27.37 -40.41 20.52
N LYS C 126 28.47 -40.84 19.89
CA LYS C 126 29.01 -40.07 18.78
C LYS C 126 28.03 -39.98 17.62
N TYR C 127 27.16 -40.99 17.47
CA TYR C 127 26.21 -41.00 16.36
C TYR C 127 25.08 -39.99 16.52
N THR C 128 24.85 -39.51 17.74
CA THR C 128 23.79 -38.55 18.02
C THR C 128 24.20 -37.11 17.79
N ALA C 129 25.27 -36.87 17.02
CA ALA C 129 25.76 -35.52 16.82
C ALA C 129 24.73 -34.67 16.08
N PHE C 130 24.54 -33.44 16.54
CA PHE C 130 23.69 -32.47 15.88
C PHE C 130 24.31 -31.09 16.00
N THR C 131 24.06 -30.24 15.01
CA THR C 131 24.69 -28.93 14.91
C THR C 131 23.64 -27.84 15.00
N ILE C 132 23.98 -26.74 15.67
CA ILE C 132 23.18 -25.53 15.69
C ILE C 132 23.77 -24.56 14.68
N PRO C 133 23.16 -24.38 13.52
CA PRO C 133 23.78 -23.54 12.48
C PRO C 133 23.84 -22.08 12.90
N SER C 134 24.77 -21.36 12.29
CA SER C 134 24.96 -19.94 12.53
C SER C 134 24.40 -19.13 11.38
N ILE C 135 23.96 -17.91 11.68
CA ILE C 135 23.39 -17.02 10.67
C ILE C 135 24.54 -16.40 9.88
N ASN C 136 24.46 -16.50 8.55
CA ASN C 136 25.43 -15.92 7.63
C ASN C 136 26.79 -16.59 7.72
N ASN C 137 26.89 -17.73 8.41
CA ASN C 137 28.16 -18.42 8.63
C ASN C 137 29.15 -17.52 9.39
N GLU C 138 28.61 -16.62 10.22
CA GLU C 138 29.48 -15.70 10.96
C GLU C 138 30.25 -16.39 12.05
N THR C 139 29.68 -17.41 12.67
CA THR C 139 30.33 -18.22 13.69
C THR C 139 30.46 -19.66 13.22
N PRO C 140 31.38 -20.42 13.79
CA PRO C 140 31.60 -21.81 13.30
C PRO C 140 30.40 -22.72 13.51
N GLY C 141 29.47 -22.36 14.37
CA GLY C 141 28.38 -23.24 14.72
C GLY C 141 28.68 -24.07 15.96
N ILE C 142 27.63 -24.58 16.57
CA ILE C 142 27.72 -25.32 17.83
C ILE C 142 27.50 -26.80 17.55
N ARG C 143 28.41 -27.64 18.04
CA ARG C 143 28.34 -29.08 17.90
C ARG C 143 28.05 -29.70 19.26
N TYR C 144 27.05 -30.59 19.29
CA TYR C 144 26.61 -31.22 20.53
C TYR C 144 26.57 -32.73 20.36
N GLN C 145 26.40 -33.42 21.49
CA GLN C 145 26.27 -34.87 21.51
C GLN C 145 25.38 -35.26 22.68
N TYR C 146 24.68 -36.38 22.53
CA TYR C 146 23.72 -36.84 23.52
C TYR C 146 24.35 -37.84 24.47
N ASN C 147 24.11 -37.67 25.77
CA ASN C 147 24.58 -38.57 26.80
C ASN C 147 23.49 -39.47 27.37
N VAL C 148 22.24 -39.00 27.37
CA VAL C 148 21.11 -39.80 27.81
C VAL C 148 20.35 -40.30 26.59
N LEU C 149 19.26 -41.03 26.83
CA LEU C 149 18.44 -41.51 25.73
C LEU C 149 17.80 -40.33 25.01
N PRO C 150 18.07 -40.13 23.72
CA PRO C 150 17.42 -39.01 23.01
C PRO C 150 15.93 -39.23 22.86
N GLN C 151 15.24 -38.24 22.28
CA GLN C 151 13.80 -38.32 22.08
C GLN C 151 13.42 -38.88 20.70
N GLY C 152 13.96 -38.31 19.62
CA GLY C 152 13.56 -38.75 18.30
C GLY C 152 14.00 -40.17 18.00
N TRP C 153 15.05 -40.64 18.67
CA TRP C 153 15.59 -41.95 18.40
C TRP C 153 14.55 -43.02 18.71
N LYS C 154 14.52 -44.06 17.87
CA LYS C 154 13.60 -45.16 18.07
C LYS C 154 14.07 -46.15 19.13
N GLY C 155 15.38 -46.21 19.39
CA GLY C 155 15.88 -47.08 20.45
C GLY C 155 15.50 -46.60 21.84
N SER C 156 15.44 -45.29 22.05
CA SER C 156 15.05 -44.73 23.35
C SER C 156 13.76 -45.34 23.89
N PRO C 157 12.66 -45.39 23.13
CA PRO C 157 11.46 -46.05 23.66
C PRO C 157 11.63 -47.55 23.82
N ALA C 158 12.45 -48.18 22.98
CA ALA C 158 12.66 -49.62 23.10
C ALA C 158 13.40 -49.97 24.39
N ILE C 159 14.42 -49.18 24.74
CA ILE C 159 15.14 -49.42 25.98
C ILE C 159 14.24 -49.14 27.18
N PHE C 160 13.52 -48.01 27.15
CA PHE C 160 12.61 -47.63 28.21
C PHE C 160 11.39 -48.54 28.31
N GLN C 161 11.30 -49.58 27.49
CA GLN C 161 10.12 -50.44 27.50
C GLN C 161 9.98 -51.18 28.83
N SER C 162 11.09 -51.70 29.36
CA SER C 162 11.01 -52.46 30.61
C SER C 162 10.58 -51.56 31.76
N SER C 163 11.21 -50.41 31.91
CA SER C 163 10.82 -49.47 32.96
C SER C 163 9.42 -48.93 32.74
N MET C 164 9.01 -48.77 31.48
CA MET C 164 7.66 -48.32 31.20
C MET C 164 6.63 -49.32 31.72
N THR C 165 6.88 -50.62 31.53
CA THR C 165 5.97 -51.64 32.02
C THR C 165 5.77 -51.51 33.52
N LYS C 166 6.84 -51.25 34.27
CA LYS C 166 6.73 -51.14 35.71
C LYS C 166 5.83 -49.99 36.12
N ILE C 167 5.97 -48.84 35.47
CA ILE C 167 5.16 -47.68 35.82
C ILE C 167 3.71 -47.88 35.41
N LEU C 168 3.47 -48.57 34.29
CA LEU C 168 2.11 -48.82 33.85
C LEU C 168 1.48 -50.03 34.53
N GLU C 169 2.29 -50.90 35.12
CA GLU C 169 1.76 -52.11 35.73
C GLU C 169 0.69 -51.83 36.78
N PRO C 170 0.87 -50.86 37.69
CA PRO C 170 -0.23 -50.55 38.62
C PRO C 170 -1.48 -50.09 37.90
N PHE C 171 -1.37 -49.10 37.02
CA PHE C 171 -2.55 -48.59 36.33
C PHE C 171 -3.17 -49.65 35.42
N LYS C 172 -2.34 -50.47 34.79
CA LYS C 172 -2.87 -51.50 33.89
C LYS C 172 -3.68 -52.53 34.67
N LYS C 173 -3.15 -52.99 35.81
CA LYS C 173 -3.88 -53.95 36.62
C LYS C 173 -5.18 -53.37 37.16
N GLN C 174 -5.18 -52.07 37.47
CA GLN C 174 -6.40 -51.42 37.95
C GLN C 174 -7.45 -51.33 36.85
N ASN C 175 -7.04 -50.94 35.65
CA ASN C 175 -7.93 -50.79 34.49
C ASN C 175 -7.43 -51.71 33.39
N PRO C 176 -7.74 -53.01 33.47
CA PRO C 176 -7.28 -53.93 32.41
C PRO C 176 -7.90 -53.62 31.05
N ASP C 177 -9.15 -53.14 31.01
CA ASP C 177 -9.79 -52.88 29.74
C ASP C 177 -9.11 -51.75 28.98
N ILE C 178 -8.68 -50.71 29.69
CA ILE C 178 -7.95 -49.63 29.04
C ILE C 178 -6.67 -50.17 28.42
N VAL C 179 -6.37 -49.73 27.21
CA VAL C 179 -5.20 -50.18 26.46
C VAL C 179 -4.22 -49.02 26.36
N ILE C 180 -2.93 -49.32 26.49
CA ILE C 180 -1.86 -48.33 26.43
C ILE C 180 -0.84 -48.80 25.41
N TYR C 181 -0.72 -48.09 24.30
CA TYR C 181 0.27 -48.37 23.27
C TYR C 181 1.31 -47.25 23.24
N GLN C 182 2.55 -47.64 22.96
CA GLN C 182 3.68 -46.71 23.00
C GLN C 182 4.34 -46.65 21.63
N TYR C 183 4.41 -45.45 21.07
CA TYR C 183 5.22 -45.18 19.89
C TYR C 183 6.24 -44.10 20.25
N MET C 184 7.30 -44.01 19.43
CA MET C 184 8.42 -43.12 19.69
C MET C 184 7.96 -41.77 20.25
N ASP C 185 8.28 -41.51 21.52
CA ASP C 185 7.96 -40.26 22.18
C ASP C 185 6.46 -40.07 22.40
N ASP C 186 5.67 -41.14 22.33
CA ASP C 186 4.22 -41.01 22.40
C ASP C 186 3.62 -42.18 23.16
N LEU C 187 2.57 -41.89 23.93
CA LEU C 187 1.80 -42.90 24.65
C LEU C 187 0.35 -42.83 24.18
N TYR C 188 -0.17 -43.96 23.72
CA TYR C 188 -1.54 -44.06 23.23
C TYR C 188 -2.37 -44.82 24.26
N VAL C 189 -3.30 -44.14 24.91
CA VAL C 189 -4.14 -44.71 25.96
C VAL C 189 -5.59 -44.57 25.52
N GLY C 190 -6.21 -45.69 25.16
CA GLY C 190 -7.59 -45.69 24.67
C GLY C 190 -8.53 -46.31 25.68
N SER C 191 -9.66 -45.64 25.90
CA SER C 191 -10.66 -46.08 26.86
C SER C 191 -12.05 -46.02 26.21
N ASP C 192 -12.87 -47.02 26.52
CA ASP C 192 -14.26 -47.04 26.10
C ASP C 192 -15.18 -46.35 27.09
N LEU C 193 -14.63 -45.77 28.16
CA LEU C 193 -15.44 -45.12 29.17
C LEU C 193 -15.97 -43.78 28.66
N GLU C 194 -16.95 -43.24 29.37
CA GLU C 194 -17.48 -41.93 29.04
C GLU C 194 -16.36 -40.90 29.05
N ILE C 195 -16.53 -39.84 28.25
CA ILE C 195 -15.49 -38.82 28.13
C ILE C 195 -15.13 -38.25 29.49
N GLY C 196 -16.14 -38.02 30.34
CA GLY C 196 -15.86 -37.57 31.69
C GLY C 196 -14.95 -38.53 32.44
N GLN C 197 -15.31 -39.82 32.44
CA GLN C 197 -14.45 -40.83 33.04
C GLN C 197 -13.13 -40.96 32.28
N HIS C 198 -13.15 -40.78 30.95
CA HIS C 198 -11.92 -40.85 30.18
C HIS C 198 -10.93 -39.79 30.63
N ARG C 199 -11.39 -38.55 30.76
CA ARG C 199 -10.52 -37.48 31.24
C ARG C 199 -9.93 -37.84 32.61
N THR C 200 -10.74 -38.42 33.48
CA THR C 200 -10.26 -38.77 34.82
C THR C 200 -9.26 -39.91 34.77
N LYS C 201 -9.59 -40.98 34.06
CA LYS C 201 -8.67 -42.11 33.96
C LYS C 201 -7.35 -41.69 33.34
N ILE C 202 -7.39 -40.86 32.30
CA ILE C 202 -6.15 -40.33 31.73
C ILE C 202 -5.40 -39.54 32.78
N GLU C 203 -6.10 -38.64 33.48
CA GLU C 203 -5.49 -37.98 34.63
C GLU C 203 -5.05 -39.00 35.67
N GLU C 204 -5.83 -40.07 35.85
CA GLU C 204 -5.44 -41.15 36.74
C GLU C 204 -4.08 -41.71 36.33
N LEU C 205 -3.94 -42.07 35.05
CA LEU C 205 -2.64 -42.50 34.55
C LEU C 205 -1.64 -41.35 34.50
N ARG C 206 -2.12 -40.11 34.47
CA ARG C 206 -1.21 -38.97 34.47
C ARG C 206 -0.48 -38.84 35.81
N GLN C 207 -1.22 -38.96 36.92
CA GLN C 207 -0.59 -38.81 38.22
C GLN C 207 0.38 -39.93 38.53
N HIS C 208 0.11 -41.14 38.05
CA HIS C 208 1.03 -42.25 38.31
C HIS C 208 2.39 -41.99 37.67
N LEU C 209 2.39 -41.40 36.47
CA LEU C 209 3.67 -41.09 35.82
C LEU C 209 4.48 -40.09 36.62
N LEU C 210 3.81 -39.13 37.28
CA LEU C 210 4.52 -38.18 38.11
C LEU C 210 5.19 -38.87 39.30
N ARG C 211 4.45 -39.74 39.99
CA ARG C 211 5.00 -40.46 41.13
C ARG C 211 6.32 -41.14 40.76
N TRP C 212 6.33 -41.85 39.64
CA TRP C 212 7.56 -42.47 39.16
C TRP C 212 8.47 -41.43 38.51
N GLY C 213 9.74 -41.79 38.40
CA GLY C 213 10.73 -40.91 37.82
C GLY C 213 10.43 -40.52 36.38
N TYR C 232 -7.02 -32.93 23.60
CA TYR C 232 -7.80 -33.54 22.54
C TYR C 232 -7.46 -35.02 22.39
N GLU C 233 -8.45 -35.80 22.00
CA GLU C 233 -8.29 -37.24 21.82
C GLU C 233 -8.84 -37.64 20.46
N LEU C 234 -8.32 -38.73 19.92
CA LEU C 234 -8.76 -39.27 18.64
C LEU C 234 -9.68 -40.46 18.87
N HIS C 235 -10.77 -40.51 18.10
CA HIS C 235 -11.80 -41.54 18.24
C HIS C 235 -11.70 -42.51 17.06
N PRO C 236 -10.99 -43.63 17.21
CA PRO C 236 -10.79 -44.52 16.05
C PRO C 236 -12.06 -45.18 15.57
N ASP C 237 -13.04 -45.42 16.44
CA ASP C 237 -14.25 -46.10 16.01
C ASP C 237 -15.05 -45.25 15.02
N LYS C 238 -14.89 -43.93 15.05
CA LYS C 238 -15.60 -43.07 14.12
C LYS C 238 -14.98 -43.05 12.74
N TRP C 239 -13.69 -43.40 12.63
CA TRP C 239 -13.02 -43.38 11.34
C TRP C 239 -13.69 -44.36 10.38
N THR C 240 -13.94 -43.89 9.14
CA THR C 240 -14.56 -44.72 8.11
C THR C 240 -13.89 -44.41 6.78
N VAL C 241 -13.89 -45.41 5.90
CA VAL C 241 -13.24 -45.27 4.60
C VAL C 241 -14.14 -44.44 3.67
N GLN C 242 -13.50 -43.85 2.66
CA GLN C 242 -14.20 -43.00 1.69
C GLN C 242 -14.55 -43.82 0.45
N PRO C 243 -15.83 -44.02 0.15
CA PRO C 243 -16.19 -44.82 -1.03
C PRO C 243 -16.06 -44.03 -2.32
N ILE C 244 -15.90 -44.78 -3.42
CA ILE C 244 -15.99 -44.19 -4.74
C ILE C 244 -17.44 -43.81 -5.01
N VAL C 245 -17.66 -42.57 -5.42
CA VAL C 245 -19.00 -42.03 -5.60
C VAL C 245 -19.28 -41.92 -7.09
N LEU C 246 -20.46 -42.39 -7.50
CA LEU C 246 -20.95 -42.21 -8.86
C LEU C 246 -22.15 -41.27 -8.83
N PRO C 247 -22.11 -40.15 -9.53
CA PRO C 247 -23.29 -39.27 -9.59
C PRO C 247 -24.41 -39.92 -10.39
N GLU C 248 -25.58 -39.32 -10.30
CA GLU C 248 -26.71 -39.72 -11.13
C GLU C 248 -27.45 -38.47 -11.57
N LYS C 249 -27.58 -38.29 -12.88
CA LYS C 249 -28.21 -37.12 -13.46
C LYS C 249 -29.52 -37.50 -14.11
N ASP C 250 -30.37 -36.48 -14.29
CA ASP C 250 -31.65 -36.68 -14.99
C ASP C 250 -31.48 -36.70 -16.50
N SER C 251 -30.45 -36.03 -17.01
CA SER C 251 -30.13 -36.06 -18.44
C SER C 251 -28.61 -36.12 -18.59
N TRP C 252 -28.14 -37.03 -19.43
CA TRP C 252 -26.72 -37.27 -19.61
C TRP C 252 -26.28 -36.75 -20.98
N THR C 253 -25.34 -35.82 -20.98
CA THR C 253 -24.75 -35.34 -22.21
C THR C 253 -23.65 -36.30 -22.67
N VAL C 254 -23.28 -36.19 -23.95
CA VAL C 254 -22.21 -37.03 -24.49
C VAL C 254 -20.96 -36.89 -23.65
N ASN C 255 -20.62 -35.65 -23.27
CA ASN C 255 -19.44 -35.42 -22.44
C ASN C 255 -19.60 -36.07 -21.07
N ASP C 256 -20.81 -35.99 -20.50
CA ASP C 256 -21.05 -36.62 -19.20
C ASP C 256 -20.85 -38.13 -19.27
N ILE C 257 -21.53 -38.78 -20.21
CA ILE C 257 -21.41 -40.23 -20.34
C ILE C 257 -19.97 -40.63 -20.61
N GLN C 258 -19.20 -39.74 -21.24
CA GLN C 258 -17.77 -40.01 -21.42
C GLN C 258 -17.05 -40.04 -20.08
N LYS C 259 -17.24 -38.99 -19.27
CA LYS C 259 -16.61 -38.94 -17.95
C LYS C 259 -16.97 -40.18 -17.13
N LEU C 260 -18.25 -40.55 -17.13
CA LEU C 260 -18.68 -41.74 -16.39
C LEU C 260 -17.88 -42.96 -16.83
N VAL C 261 -17.84 -43.24 -18.13
CA VAL C 261 -17.05 -44.36 -18.63
C VAL C 261 -15.58 -44.20 -18.24
N GLY C 262 -15.10 -42.96 -18.18
CA GLY C 262 -13.73 -42.73 -17.78
C GLY C 262 -13.46 -43.17 -16.35
N LYS C 263 -14.29 -42.70 -15.41
CA LYS C 263 -14.08 -43.04 -14.01
C LYS C 263 -14.25 -44.55 -13.78
N LEU C 264 -15.37 -45.11 -14.23
CA LEU C 264 -15.59 -46.54 -14.08
C LEU C 264 -14.41 -47.35 -14.61
N ASN C 265 -13.75 -46.88 -15.66
CA ASN C 265 -12.57 -47.58 -16.17
C ASN C 265 -11.47 -47.64 -15.12
N TRP C 266 -11.28 -46.55 -14.38
CA TRP C 266 -10.29 -46.56 -13.31
C TRP C 266 -10.68 -47.52 -12.19
N ALA C 267 -11.94 -47.44 -11.75
CA ALA C 267 -12.40 -48.31 -10.67
C ALA C 267 -12.21 -49.77 -11.00
N SER C 268 -12.22 -50.12 -12.30
CA SER C 268 -11.98 -51.50 -12.70
C SER C 268 -10.63 -52.00 -12.19
N GLN C 269 -9.64 -51.11 -12.09
CA GLN C 269 -8.34 -51.50 -11.57
C GLN C 269 -8.42 -51.89 -10.10
N ILE C 270 -9.28 -51.21 -9.34
CA ILE C 270 -9.44 -51.47 -7.91
C ILE C 270 -10.61 -52.41 -7.65
N TYR C 271 -11.79 -52.09 -8.19
CA TYR C 271 -12.96 -52.93 -8.05
C TYR C 271 -13.15 -53.75 -9.31
N PRO C 272 -12.69 -55.00 -9.36
CA PRO C 272 -12.88 -55.80 -10.57
C PRO C 272 -14.35 -56.17 -10.77
N GLY C 273 -14.72 -56.33 -12.03
CA GLY C 273 -16.09 -56.65 -12.39
C GLY C 273 -16.89 -55.50 -12.96
N ILE C 274 -16.34 -54.29 -12.93
CA ILE C 274 -17.03 -53.15 -13.51
C ILE C 274 -17.10 -53.33 -15.02
N LYS C 275 -18.22 -52.90 -15.61
CA LYS C 275 -18.45 -53.04 -17.04
C LYS C 275 -18.96 -51.71 -17.59
N VAL C 276 -18.35 -51.24 -18.68
CA VAL C 276 -18.73 -50.00 -19.32
C VAL C 276 -19.11 -50.22 -20.79
N ARG C 277 -19.35 -51.47 -21.17
CA ARG C 277 -19.70 -51.78 -22.56
C ARG C 277 -20.97 -51.05 -22.99
N GLN C 278 -22.11 -51.44 -22.43
CA GLN C 278 -23.38 -50.84 -22.84
C GLN C 278 -23.39 -49.34 -22.61
N LEU C 279 -22.79 -48.88 -21.50
CA LEU C 279 -22.66 -47.44 -21.29
C LEU C 279 -21.92 -46.79 -22.45
N SER C 280 -20.83 -47.42 -22.91
CA SER C 280 -20.07 -46.86 -24.02
C SER C 280 -20.83 -46.99 -25.34
N LYS C 281 -21.48 -48.13 -25.54
CA LYS C 281 -22.27 -48.34 -26.75
C LYS C 281 -23.27 -47.21 -26.98
N LEU C 282 -23.66 -46.51 -25.92
CA LEU C 282 -24.54 -45.37 -26.07
C LEU C 282 -23.90 -44.26 -26.91
N LEU C 283 -22.57 -44.16 -26.85
CA LEU C 283 -21.83 -43.16 -27.62
C LEU C 283 -21.30 -43.75 -28.92
N ARG C 284 -22.19 -44.38 -29.69
CA ARG C 284 -21.84 -44.99 -30.96
C ARG C 284 -21.93 -43.93 -32.06
N GLY C 285 -20.80 -43.61 -32.67
CA GLY C 285 -20.76 -42.62 -33.72
C GLY C 285 -20.26 -41.27 -33.22
N THR C 286 -19.76 -40.46 -34.15
CA THR C 286 -19.26 -39.14 -33.81
C THR C 286 -20.41 -38.21 -33.46
N LYS C 287 -20.41 -37.71 -32.22
CA LYS C 287 -21.47 -36.85 -31.72
C LYS C 287 -20.87 -35.65 -31.00
N ALA C 288 -21.63 -34.56 -30.97
CA ALA C 288 -21.21 -33.39 -30.22
C ALA C 288 -21.30 -33.66 -28.72
N LEU C 289 -20.34 -33.13 -27.96
CA LEU C 289 -20.28 -33.41 -26.53
C LEU C 289 -21.53 -32.90 -25.81
N THR C 290 -22.09 -31.78 -26.25
CA THR C 290 -23.28 -31.24 -25.61
C THR C 290 -24.53 -32.08 -25.88
N GLU C 291 -24.55 -32.82 -26.98
CA GLU C 291 -25.73 -33.60 -27.34
C GLU C 291 -26.16 -34.50 -26.19
N VAL C 292 -27.46 -34.47 -25.88
CA VAL C 292 -28.03 -35.32 -24.85
C VAL C 292 -28.23 -36.72 -25.41
N ILE C 293 -27.81 -37.73 -24.64
CA ILE C 293 -27.85 -39.12 -25.07
C ILE C 293 -28.80 -39.87 -24.14
N PRO C 294 -29.73 -40.67 -24.67
CA PRO C 294 -30.62 -41.43 -23.80
C PRO C 294 -29.89 -42.62 -23.18
N LEU C 295 -30.55 -43.25 -22.21
CA LEU C 295 -30.01 -44.39 -21.49
C LEU C 295 -30.78 -45.64 -21.89
N THR C 296 -30.06 -46.65 -22.37
CA THR C 296 -30.67 -47.92 -22.72
C THR C 296 -31.04 -48.71 -21.46
N GLU C 297 -32.11 -49.50 -21.56
CA GLU C 297 -32.44 -50.42 -20.48
C GLU C 297 -31.22 -51.23 -20.06
N GLU C 298 -30.44 -51.70 -21.04
CA GLU C 298 -29.23 -52.44 -20.73
C GLU C 298 -28.22 -51.55 -20.01
N ALA C 299 -28.05 -50.31 -20.48
CA ALA C 299 -27.13 -49.39 -19.82
C ALA C 299 -27.54 -49.16 -18.37
N GLU C 300 -28.83 -48.91 -18.13
CA GLU C 300 -29.29 -48.67 -16.77
C GLU C 300 -29.00 -49.85 -15.86
N LEU C 301 -29.17 -51.08 -16.37
CA LEU C 301 -28.82 -52.25 -15.58
C LEU C 301 -27.32 -52.31 -15.33
N GLU C 302 -26.51 -52.03 -16.36
CA GLU C 302 -25.07 -51.99 -16.17
C GLU C 302 -24.67 -50.94 -15.15
N LEU C 303 -25.30 -49.76 -15.21
CA LEU C 303 -24.98 -48.71 -14.24
C LEU C 303 -25.40 -49.14 -12.83
N ALA C 304 -26.53 -49.84 -12.70
CA ALA C 304 -26.98 -50.29 -11.39
C ALA C 304 -26.04 -51.35 -10.83
N GLU C 305 -25.65 -52.32 -11.66
CA GLU C 305 -24.76 -53.37 -11.19
C GLU C 305 -23.39 -52.82 -10.82
N ASN C 306 -22.91 -51.82 -11.56
CA ASN C 306 -21.68 -51.15 -11.18
C ASN C 306 -21.83 -50.41 -9.86
N ARG C 307 -22.97 -49.76 -9.64
CA ARG C 307 -23.22 -49.12 -8.35
C ARG C 307 -23.27 -50.15 -7.23
N GLU C 308 -23.96 -51.28 -7.46
CA GLU C 308 -23.97 -52.36 -6.48
C GLU C 308 -22.56 -52.78 -6.12
N ILE C 309 -21.70 -52.97 -7.13
CA ILE C 309 -20.33 -53.38 -6.87
C ILE C 309 -19.61 -52.34 -6.03
N LEU C 310 -19.80 -51.05 -6.36
CA LEU C 310 -19.09 -49.99 -5.66
C LEU C 310 -19.53 -49.86 -4.20
N LYS C 311 -20.81 -50.12 -3.91
CA LYS C 311 -21.28 -49.97 -2.54
C LYS C 311 -20.69 -51.01 -1.60
N GLU C 312 -20.46 -52.24 -2.10
CA GLU C 312 -19.88 -53.28 -1.27
C GLU C 312 -18.38 -53.04 -1.09
N PRO C 313 -17.82 -53.49 0.02
CA PRO C 313 -16.39 -53.31 0.26
C PRO C 313 -15.54 -54.23 -0.62
N VAL C 314 -14.29 -53.82 -0.81
CA VAL C 314 -13.35 -54.61 -1.60
C VAL C 314 -12.88 -55.80 -0.78
N HIS C 315 -12.81 -56.96 -1.43
CA HIS C 315 -12.41 -58.20 -0.79
C HIS C 315 -10.99 -58.56 -1.23
N GLY C 316 -10.22 -59.15 -0.30
CA GLY C 316 -8.87 -59.55 -0.57
C GLY C 316 -7.80 -58.59 -0.06
N VAL C 317 -8.19 -57.45 0.50
CA VAL C 317 -7.23 -56.49 1.03
C VAL C 317 -6.82 -56.95 2.43
N TYR C 318 -5.56 -57.37 2.57
CA TYR C 318 -5.03 -57.83 3.84
C TYR C 318 -3.71 -57.13 4.12
N TYR C 319 -3.55 -56.63 5.34
CA TYR C 319 -2.31 -55.99 5.74
C TYR C 319 -1.18 -57.01 5.86
N ASP C 320 0.04 -56.54 5.57
CA ASP C 320 1.24 -57.37 5.68
C ASP C 320 2.24 -56.65 6.57
N PRO C 321 2.70 -57.27 7.67
CA PRO C 321 3.71 -56.60 8.50
C PRO C 321 5.02 -56.37 7.78
N SER C 322 5.40 -57.24 6.85
CA SER C 322 6.67 -57.08 6.15
C SER C 322 6.61 -55.92 5.16
N LYS C 323 5.58 -55.91 4.30
CA LYS C 323 5.46 -54.84 3.32
C LYS C 323 5.29 -53.50 4.02
N ASP C 324 5.75 -52.45 3.35
CA ASP C 324 5.68 -51.10 3.88
C ASP C 324 4.39 -50.41 3.44
N LEU C 325 3.92 -49.48 4.26
CA LEU C 325 2.72 -48.72 3.97
C LEU C 325 3.07 -47.41 3.31
N ILE C 326 2.33 -47.06 2.26
CA ILE C 326 2.53 -45.81 1.52
C ILE C 326 1.20 -45.06 1.46
N ALA C 327 1.25 -43.75 1.66
CA ALA C 327 0.09 -42.89 1.64
C ALA C 327 0.16 -41.94 0.46
N GLU C 328 -0.96 -41.78 -0.23
CA GLU C 328 -1.07 -40.89 -1.38
C GLU C 328 -2.10 -39.82 -1.09
N ILE C 329 -1.69 -38.55 -1.22
CA ILE C 329 -2.53 -37.41 -0.89
C ILE C 329 -2.90 -36.71 -2.19
N GLN C 330 -4.21 -36.57 -2.43
CA GLN C 330 -4.73 -35.88 -3.61
C GLN C 330 -5.36 -34.57 -3.18
N LYS C 331 -4.88 -33.47 -3.75
CA LYS C 331 -5.42 -32.15 -3.43
C LYS C 331 -6.72 -31.92 -4.19
N GLN C 332 -7.66 -31.25 -3.52
CA GLN C 332 -8.93 -30.88 -4.12
C GLN C 332 -9.34 -29.52 -3.60
N GLY C 333 -10.21 -28.85 -4.34
CA GLY C 333 -10.56 -27.48 -4.04
C GLY C 333 -11.18 -27.32 -2.66
N GLN C 334 -11.35 -26.05 -2.28
CA GLN C 334 -11.98 -25.66 -1.02
C GLN C 334 -11.32 -26.36 0.16
N GLY C 335 -9.99 -26.31 0.21
CA GLY C 335 -9.27 -26.84 1.35
C GLY C 335 -9.63 -28.27 1.69
N GLN C 336 -9.84 -29.10 0.67
CA GLN C 336 -10.18 -30.51 0.87
C GLN C 336 -9.10 -31.39 0.26
N TRP C 337 -8.75 -32.45 0.97
CA TRP C 337 -7.67 -33.34 0.56
C TRP C 337 -8.11 -34.79 0.74
N THR C 338 -7.69 -35.64 -0.18
CA THR C 338 -7.98 -37.07 -0.13
C THR C 338 -6.67 -37.85 0.05
N TYR C 339 -6.79 -39.06 0.56
CA TYR C 339 -5.62 -39.90 0.76
C TYR C 339 -6.05 -41.37 0.77
N GLN C 340 -5.09 -42.24 0.47
CA GLN C 340 -5.31 -43.67 0.50
C GLN C 340 -4.04 -44.35 1.00
N ILE C 341 -4.18 -45.17 2.04
CA ILE C 341 -3.08 -45.94 2.59
C ILE C 341 -3.16 -47.35 2.01
N TYR C 342 -2.11 -47.75 1.28
CA TYR C 342 -2.13 -49.01 0.56
C TYR C 342 -0.73 -49.61 0.56
N GLN C 343 -0.67 -50.93 0.75
CA GLN C 343 0.60 -51.64 0.61
C GLN C 343 0.83 -52.10 -0.83
N GLU C 344 -0.23 -52.47 -1.52
CA GLU C 344 -0.18 -52.81 -2.94
C GLU C 344 -0.85 -51.72 -3.77
N PRO C 345 -0.50 -51.61 -5.05
CA PRO C 345 -0.92 -50.42 -5.82
C PRO C 345 -2.43 -50.22 -5.87
N PHE C 346 -3.18 -51.25 -6.24
CA PHE C 346 -4.62 -51.14 -6.41
C PHE C 346 -5.41 -51.74 -5.24
N LYS C 347 -4.73 -52.10 -4.15
CA LYS C 347 -5.38 -52.64 -2.96
C LYS C 347 -5.18 -51.63 -1.83
N ASN C 348 -6.25 -50.94 -1.46
CA ASN C 348 -6.19 -49.89 -0.45
C ASN C 348 -6.68 -50.44 0.89
N LEU C 349 -5.81 -50.38 1.90
CA LEU C 349 -6.22 -50.75 3.25
C LEU C 349 -7.02 -49.66 3.94
N LYS C 350 -6.99 -48.44 3.41
CA LYS C 350 -7.79 -47.35 3.96
C LYS C 350 -7.72 -46.15 3.03
N THR C 351 -8.86 -45.48 2.88
CA THR C 351 -8.95 -44.24 2.12
C THR C 351 -9.84 -43.28 2.89
N GLY C 352 -9.60 -41.98 2.71
CA GLY C 352 -10.37 -41.00 3.46
C GLY C 352 -10.31 -39.63 2.82
N LYS C 353 -11.04 -38.71 3.42
CA LYS C 353 -11.12 -37.33 2.96
C LYS C 353 -10.92 -36.39 4.15
N TYR C 354 -10.15 -35.32 3.93
CA TYR C 354 -9.88 -34.32 4.95
C TYR C 354 -10.38 -32.96 4.49
N ALA C 355 -10.99 -32.22 5.41
CA ALA C 355 -11.47 -30.87 5.15
C ALA C 355 -10.90 -29.93 6.20
N ARG C 356 -10.40 -28.78 5.75
CA ARG C 356 -9.74 -27.83 6.62
C ARG C 356 -10.37 -26.45 6.44
N MET C 357 -10.04 -25.54 7.35
CA MET C 357 -10.56 -24.19 7.32
C MET C 357 -10.16 -23.48 6.03
N HIS C 361 -8.79 -21.12 4.01
CA HIS C 361 -7.65 -21.43 3.16
C HIS C 361 -6.44 -20.58 3.53
N THR C 362 -6.01 -20.68 4.79
CA THR C 362 -4.87 -19.90 5.24
C THR C 362 -3.62 -20.21 4.42
N ASN C 363 -3.28 -21.50 4.30
CA ASN C 363 -2.11 -21.92 3.55
C ASN C 363 -2.37 -23.31 2.98
N ASP C 364 -1.84 -23.55 1.78
CA ASP C 364 -1.98 -24.87 1.17
C ASP C 364 -0.97 -25.87 1.73
N VAL C 365 0.27 -25.43 1.92
CA VAL C 365 1.27 -26.33 2.49
C VAL C 365 0.95 -26.64 3.96
N LYS C 366 0.43 -25.65 4.68
CA LYS C 366 -0.01 -25.90 6.05
C LYS C 366 -1.09 -26.97 6.10
N GLN C 367 -2.12 -26.82 5.25
CA GLN C 367 -3.17 -27.83 5.20
C GLN C 367 -2.62 -29.19 4.84
N LEU C 368 -1.52 -29.25 4.09
CA LEU C 368 -0.94 -30.53 3.71
C LEU C 368 -0.19 -31.17 4.87
N THR C 369 0.67 -30.40 5.54
CA THR C 369 1.41 -30.94 6.68
C THR C 369 0.45 -31.46 7.75
N GLU C 370 -0.55 -30.65 8.12
CA GLU C 370 -1.57 -31.12 9.04
C GLU C 370 -2.21 -32.39 8.55
N ALA C 371 -2.51 -32.46 7.26
CA ALA C 371 -3.08 -33.68 6.69
C ALA C 371 -2.10 -34.83 6.76
N VAL C 372 -0.81 -34.56 6.52
CA VAL C 372 0.20 -35.60 6.61
C VAL C 372 0.30 -36.11 8.05
N GLN C 373 0.22 -35.21 9.01
CA GLN C 373 0.28 -35.61 10.42
C GLN C 373 -0.93 -36.44 10.81
N LYS C 374 -2.13 -35.95 10.48
CA LYS C 374 -3.34 -36.71 10.79
C LYS C 374 -3.29 -38.10 10.14
N ILE C 375 -2.78 -38.18 8.92
CA ILE C 375 -2.66 -39.48 8.26
C ILE C 375 -1.65 -40.36 8.99
N THR C 376 -0.53 -39.78 9.41
CA THR C 376 0.46 -40.54 10.16
C THR C 376 -0.10 -41.01 11.50
N THR C 377 -0.78 -40.11 12.22
CA THR C 377 -1.39 -40.47 13.50
C THR C 377 -2.32 -41.68 13.33
N GLU C 378 -3.13 -41.66 12.27
CA GLU C 378 -4.07 -42.76 12.05
C GLU C 378 -3.34 -44.07 11.77
N SER C 379 -2.28 -44.01 10.95
CA SER C 379 -1.54 -45.23 10.63
C SER C 379 -0.90 -45.84 11.87
N ILE C 380 -0.48 -45.01 12.82
CA ILE C 380 0.07 -45.53 14.07
C ILE C 380 -0.99 -46.29 14.85
N VAL C 381 -2.18 -45.70 14.99
CA VAL C 381 -3.24 -46.34 15.76
C VAL C 381 -3.66 -47.66 15.12
N ILE C 382 -3.78 -47.67 13.79
CA ILE C 382 -4.29 -48.86 13.11
C ILE C 382 -3.23 -49.95 13.08
N TRP C 383 -2.01 -49.62 12.67
CA TRP C 383 -0.95 -50.61 12.49
C TRP C 383 0.28 -50.36 13.35
N GLY C 384 0.39 -49.20 13.99
CA GLY C 384 1.58 -48.92 14.77
C GLY C 384 2.82 -48.61 13.96
N LYS C 385 2.69 -48.48 12.64
CA LYS C 385 3.80 -48.14 11.78
C LYS C 385 3.51 -46.82 11.06
N THR C 386 4.55 -46.23 10.49
CA THR C 386 4.41 -44.97 9.77
C THR C 386 4.47 -45.21 8.26
N PRO C 387 3.58 -44.58 7.49
CA PRO C 387 3.54 -44.81 6.04
C PRO C 387 4.40 -43.83 5.25
N LYS C 388 5.00 -44.34 4.19
CA LYS C 388 5.74 -43.48 3.27
C LYS C 388 4.76 -42.62 2.47
N PHE C 389 5.03 -41.31 2.42
CA PHE C 389 4.10 -40.36 1.82
C PHE C 389 4.57 -39.95 0.44
N LYS C 390 3.65 -39.93 -0.51
CA LYS C 390 3.86 -39.37 -1.84
C LYS C 390 3.14 -38.01 -1.87
N LEU C 391 3.91 -36.93 -1.71
CA LEU C 391 3.28 -35.63 -1.51
C LEU C 391 3.11 -34.89 -2.84
N PRO C 392 1.94 -34.28 -3.05
CA PRO C 392 1.71 -33.47 -4.26
C PRO C 392 2.15 -32.01 -4.08
N ILE C 393 3.46 -31.80 -4.08
CA ILE C 393 4.03 -30.48 -3.86
C ILE C 393 5.46 -30.49 -4.36
N GLN C 394 6.01 -29.30 -4.60
CA GLN C 394 7.39 -29.18 -5.04
C GLN C 394 8.35 -29.33 -3.87
N LYS C 395 9.43 -30.07 -4.10
CA LYS C 395 10.39 -30.35 -3.03
C LYS C 395 10.88 -29.07 -2.36
N GLU C 396 11.19 -28.04 -3.16
CA GLU C 396 11.70 -26.80 -2.60
C GLU C 396 10.67 -26.12 -1.71
N THR C 397 9.42 -26.07 -2.16
CA THR C 397 8.36 -25.46 -1.35
C THR C 397 8.17 -26.22 -0.04
N TRP C 398 8.05 -27.55 -0.13
CA TRP C 398 7.83 -28.36 1.06
C TRP C 398 8.98 -28.21 2.05
N GLU C 399 10.22 -28.42 1.58
CA GLU C 399 11.37 -28.37 2.47
C GLU C 399 11.57 -26.98 3.08
N THR C 400 10.98 -25.95 2.49
CA THR C 400 11.14 -24.60 3.03
C THR C 400 10.33 -24.41 4.30
N TRP C 401 9.02 -24.61 4.21
CA TRP C 401 8.10 -24.29 5.31
C TRP C 401 7.54 -25.50 6.03
N TRP C 402 7.83 -26.73 5.57
CA TRP C 402 7.25 -27.89 6.24
C TRP C 402 7.54 -27.90 7.73
N THR C 403 8.64 -27.25 8.15
CA THR C 403 8.98 -27.18 9.55
C THR C 403 8.14 -26.18 10.32
N GLU C 404 7.53 -25.21 9.63
CA GLU C 404 6.80 -24.15 10.33
C GLU C 404 5.47 -24.64 10.88
N TYR C 405 4.87 -25.66 10.26
CA TYR C 405 3.56 -26.14 10.65
C TYR C 405 3.61 -27.55 11.25
N TRP C 406 4.81 -28.07 11.52
CA TRP C 406 4.93 -29.40 12.08
C TRP C 406 4.76 -29.36 13.59
N GLN C 407 4.02 -30.34 14.11
CA GLN C 407 3.71 -30.38 15.54
C GLN C 407 3.91 -31.77 16.13
N ALA C 408 4.59 -32.66 15.44
CA ALA C 408 4.79 -34.03 15.89
C ALA C 408 6.27 -34.37 15.89
N THR C 409 6.60 -35.45 16.61
CA THR C 409 7.98 -35.91 16.75
C THR C 409 8.31 -37.09 15.85
N TRP C 410 7.44 -37.43 14.91
CA TRP C 410 7.66 -38.59 14.05
C TRP C 410 8.57 -38.25 12.87
N ILE C 411 8.17 -37.26 12.09
CA ILE C 411 8.93 -36.85 10.90
C ILE C 411 8.91 -38.00 9.90
N PRO C 412 7.74 -38.37 9.38
CA PRO C 412 7.66 -39.55 8.52
C PRO C 412 8.44 -39.38 7.22
N GLU C 413 8.72 -40.50 6.58
CA GLU C 413 9.40 -40.49 5.29
C GLU C 413 8.44 -40.00 4.21
N TRP C 414 8.96 -39.21 3.27
CA TRP C 414 8.13 -38.62 2.23
C TRP C 414 8.88 -38.56 0.92
N GLU C 415 8.13 -38.61 -0.18
CA GLU C 415 8.64 -38.43 -1.52
C GLU C 415 7.73 -37.47 -2.27
N PHE C 416 8.26 -36.88 -3.33
CA PHE C 416 7.56 -35.85 -4.09
C PHE C 416 7.25 -36.37 -5.49
N VAL C 417 5.97 -36.37 -5.85
CA VAL C 417 5.52 -36.97 -7.10
C VAL C 417 4.55 -36.02 -7.78
N ASN C 418 4.59 -36.01 -9.12
CA ASN C 418 3.60 -35.28 -9.91
C ASN C 418 2.31 -36.09 -9.99
N THR C 419 1.18 -35.37 -10.03
CA THR C 419 -0.11 -36.01 -9.87
C THR C 419 -0.86 -36.12 -11.20
N PRO C 420 -1.33 -37.30 -11.57
CA PRO C 420 -2.25 -37.42 -12.71
C PRO C 420 -3.64 -36.98 -12.32
N PRO C 421 -4.61 -37.06 -13.25
CA PRO C 421 -5.99 -36.62 -12.97
C PRO C 421 -6.81 -37.61 -12.14
N LEU C 422 -6.19 -38.13 -11.07
CA LEU C 422 -6.90 -39.04 -10.17
C LEU C 422 -7.91 -38.31 -9.30
N VAL C 423 -8.07 -37.00 -9.46
CA VAL C 423 -9.00 -36.24 -8.64
C VAL C 423 -10.44 -36.64 -8.96
N LYS C 424 -10.75 -36.87 -10.23
CA LYS C 424 -12.10 -37.23 -10.62
C LYS C 424 -12.59 -38.45 -9.85
N LEU C 425 -11.70 -39.44 -9.65
CA LEU C 425 -12.08 -40.64 -8.93
C LEU C 425 -12.29 -40.38 -7.43
N TRP C 426 -11.73 -39.30 -6.90
CA TRP C 426 -11.86 -38.96 -5.49
C TRP C 426 -11.33 -40.07 -4.59
N TYR C 427 -10.30 -40.77 -5.05
CA TYR C 427 -9.69 -41.84 -4.27
C TYR C 427 -8.53 -42.47 -5.05
N GLU D 6 6.92 7.42 25.86
CA GLU D 6 6.41 8.79 25.95
C GLU D 6 5.80 9.24 24.61
N THR D 7 6.63 9.84 23.77
CA THR D 7 6.20 10.37 22.49
C THR D 7 7.13 9.89 21.39
N VAL D 8 6.64 9.98 20.15
CA VAL D 8 7.41 9.58 18.96
C VAL D 8 7.81 10.83 18.20
N PRO D 9 9.04 10.93 17.73
CA PRO D 9 9.47 12.13 16.99
C PRO D 9 8.71 12.29 15.69
N VAL D 10 8.38 13.54 15.36
CA VAL D 10 7.70 13.86 14.11
C VAL D 10 8.20 15.21 13.64
N LYS D 11 8.48 15.31 12.33
CA LYS D 11 8.92 16.56 11.72
C LYS D 11 8.28 16.71 10.36
N LEU D 12 8.20 17.95 9.89
CA LEU D 12 7.63 18.21 8.57
C LEU D 12 8.58 17.75 7.48
N LYS D 13 8.02 17.53 6.30
CA LYS D 13 8.84 17.22 5.14
C LYS D 13 9.88 18.32 4.94
N PRO D 14 11.12 17.98 4.63
CA PRO D 14 12.16 19.01 4.52
C PRO D 14 11.75 20.12 3.55
N GLY D 15 12.01 21.36 3.95
CA GLY D 15 11.70 22.51 3.12
C GLY D 15 10.25 22.94 3.14
N MET D 16 9.45 22.42 4.06
CA MET D 16 8.03 22.75 4.15
C MET D 16 7.74 23.34 5.52
N ASP D 17 7.19 24.55 5.54
CA ASP D 17 6.86 25.24 6.77
C ASP D 17 5.51 24.75 7.30
N GLY D 18 5.21 25.17 8.54
CA GLY D 18 3.96 24.81 9.16
C GLY D 18 2.76 25.29 8.38
N PRO D 19 1.67 24.53 8.41
CA PRO D 19 0.48 24.91 7.64
C PRO D 19 -0.18 26.14 8.24
N LYS D 20 -0.51 27.10 7.38
CA LYS D 20 -1.20 28.33 7.77
C LYS D 20 -2.39 28.51 6.82
N VAL D 21 -3.58 28.20 7.31
CA VAL D 21 -4.80 28.31 6.52
C VAL D 21 -5.79 29.15 7.30
N LYS D 22 -6.36 30.17 6.66
CA LYS D 22 -7.30 31.05 7.33
C LYS D 22 -8.57 30.30 7.71
N GLN D 23 -9.11 30.63 8.88
CA GLN D 23 -10.32 30.00 9.39
C GLN D 23 -11.53 30.63 8.70
N TRP D 24 -12.20 29.84 7.86
CA TRP D 24 -13.38 30.36 7.17
C TRP D 24 -14.45 30.74 8.19
N PRO D 25 -15.21 31.81 7.95
CA PRO D 25 -16.21 32.24 8.94
C PRO D 25 -17.19 31.12 9.24
N LEU D 26 -17.56 30.99 10.51
CA LEU D 26 -18.43 29.93 10.98
C LEU D 26 -19.75 30.51 11.48
N THR D 27 -20.79 29.68 11.39
CA THR D 27 -22.09 30.05 11.94
C THR D 27 -22.01 30.11 13.46
N GLU D 28 -22.85 30.97 14.05
CA GLU D 28 -22.82 31.14 15.49
C GLU D 28 -23.05 29.81 16.21
N GLU D 29 -23.94 28.97 15.68
CA GLU D 29 -24.19 27.67 16.30
C GLU D 29 -22.91 26.85 16.34
N LYS D 30 -22.17 26.81 15.23
CA LYS D 30 -20.93 26.05 15.20
C LYS D 30 -19.86 26.70 16.08
N ILE D 31 -19.84 28.04 16.13
CA ILE D 31 -18.87 28.72 16.99
C ILE D 31 -19.09 28.36 18.45
N LYS D 32 -20.34 28.33 18.89
CA LYS D 32 -20.64 27.95 20.27
C LYS D 32 -20.21 26.51 20.54
N ALA D 33 -20.59 25.59 19.65
CA ALA D 33 -20.25 24.19 19.84
C ALA D 33 -18.75 23.99 19.98
N LEU D 34 -17.96 24.70 19.17
CA LEU D 34 -16.52 24.58 19.27
C LEU D 34 -16.00 25.12 20.60
N VAL D 35 -16.59 26.23 21.08
CA VAL D 35 -16.15 26.80 22.34
C VAL D 35 -16.37 25.81 23.48
N GLU D 36 -17.52 25.12 23.48
CA GLU D 36 -17.79 24.16 24.54
C GLU D 36 -16.87 22.95 24.44
N ILE D 37 -16.70 22.41 23.23
CA ILE D 37 -15.81 21.26 23.04
C ILE D 37 -14.38 21.65 23.41
N CYS D 38 -13.92 22.80 22.92
CA CYS D 38 -12.56 23.23 23.21
C CYS D 38 -12.38 23.57 24.70
N THR D 39 -13.39 24.18 25.31
CA THR D 39 -13.28 24.55 26.72
C THR D 39 -13.11 23.32 27.59
N GLU D 40 -13.87 22.26 27.30
CA GLU D 40 -13.73 21.03 28.06
C GLU D 40 -12.40 20.33 27.76
N MET D 41 -12.01 20.30 26.49
CA MET D 41 -10.74 19.66 26.13
C MET D 41 -9.57 20.35 26.80
N GLU D 42 -9.62 21.67 26.95
CA GLU D 42 -8.58 22.38 27.69
C GLU D 42 -8.55 21.91 29.15
N LYS D 43 -9.71 21.78 29.77
CA LYS D 43 -9.77 21.19 31.11
C LYS D 43 -9.15 19.80 31.12
N GLU D 44 -9.45 19.00 30.10
CA GLU D 44 -8.84 17.69 29.93
C GLU D 44 -7.37 17.78 29.53
N GLY D 45 -6.85 18.98 29.29
CA GLY D 45 -5.47 19.16 28.89
C GLY D 45 -5.16 18.73 27.47
N LYS D 46 -6.14 18.21 26.73
CA LYS D 46 -5.88 17.76 25.36
C LYS D 46 -5.50 18.90 24.43
N ILE D 47 -5.90 20.14 24.76
CA ILE D 47 -5.55 21.32 23.99
C ILE D 47 -5.24 22.45 24.94
N SER D 48 -4.40 23.38 24.49
CA SER D 48 -3.96 24.48 25.33
C SER D 48 -3.88 25.76 24.50
N LYS D 49 -4.03 26.89 25.17
CA LYS D 49 -3.97 28.19 24.51
C LYS D 49 -2.59 28.43 23.92
N ILE D 50 -2.55 29.34 22.94
CA ILE D 50 -1.30 29.70 22.25
C ILE D 50 -1.26 31.21 22.10
N GLY D 51 -0.07 31.78 22.22
CA GLY D 51 0.13 33.19 22.01
C GLY D 51 0.34 33.51 20.56
N PRO D 52 0.70 34.76 20.25
CA PRO D 52 0.94 35.15 18.85
C PRO D 52 2.19 34.54 18.25
N GLU D 53 3.05 33.91 19.07
CA GLU D 53 4.29 33.36 18.54
C GLU D 53 4.05 32.32 17.46
N ASN D 54 2.92 31.61 17.54
CA ASN D 54 2.59 30.58 16.55
C ASN D 54 1.87 31.20 15.36
N PRO D 55 2.55 31.37 14.23
CA PRO D 55 1.88 31.93 13.04
C PRO D 55 1.09 30.91 12.24
N TYR D 56 1.22 29.62 12.55
CA TYR D 56 0.50 28.59 11.82
C TYR D 56 -0.96 28.55 12.25
N ASN D 57 -1.82 28.14 11.32
CA ASN D 57 -3.24 28.00 11.61
C ASN D 57 -3.84 26.90 10.73
N THR D 58 -4.72 26.11 11.32
CA THR D 58 -5.42 25.05 10.62
C THR D 58 -6.93 25.27 10.76
N PRO D 59 -7.69 25.21 9.68
CA PRO D 59 -9.14 25.45 9.78
C PRO D 59 -9.81 24.42 10.67
N VAL D 60 -10.84 24.87 11.38
CA VAL D 60 -11.64 24.00 12.24
C VAL D 60 -13.11 24.37 12.05
N PHE D 61 -13.97 23.36 12.09
CA PHE D 61 -15.41 23.56 12.02
C PHE D 61 -16.10 22.37 12.65
N ALA D 62 -17.38 22.52 12.92
CA ALA D 62 -18.17 21.50 13.58
C ALA D 62 -19.07 20.79 12.59
N ILE D 63 -19.35 19.51 12.86
CA ILE D 63 -20.25 18.70 12.05
C ILE D 63 -21.03 17.77 12.97
N LYS D 64 -22.05 17.14 12.40
CA LYS D 64 -22.89 16.18 13.12
C LYS D 64 -23.06 14.95 12.25
N LYS D 65 -22.57 13.81 12.74
CA LYS D 65 -22.66 12.55 12.00
C LYS D 65 -24.09 12.27 11.58
N LYS D 66 -24.27 11.37 10.61
CA LYS D 66 -25.61 11.03 10.15
C LYS D 66 -26.43 10.42 11.28
N ASP D 67 -27.62 10.98 11.51
CA ASP D 67 -28.49 10.54 12.60
C ASP D 67 -27.82 10.74 13.95
N SER D 68 -27.12 11.86 14.11
CA SER D 68 -26.41 12.20 15.33
C SER D 68 -26.78 13.62 15.74
N THR D 69 -27.20 13.78 16.99
CA THR D 69 -27.54 15.09 17.53
C THR D 69 -26.36 15.77 18.23
N LYS D 70 -25.20 15.12 18.26
CA LYS D 70 -24.04 15.63 18.99
C LYS D 70 -23.05 16.26 18.02
N TRP D 71 -22.63 17.48 18.32
CA TRP D 71 -21.63 18.14 17.49
C TRP D 71 -20.27 17.48 17.67
N ARG D 72 -19.57 17.28 16.55
CA ARG D 72 -18.22 16.74 16.55
C ARG D 72 -17.27 17.79 16.00
N LYS D 73 -16.24 18.11 16.78
CA LYS D 73 -15.20 19.00 16.28
C LYS D 73 -14.46 18.35 15.12
N LEU D 74 -14.14 19.15 14.11
CA LEU D 74 -13.44 18.65 12.93
C LEU D 74 -12.44 19.71 12.47
N VAL D 75 -11.22 19.26 12.18
CA VAL D 75 -10.12 20.15 11.80
C VAL D 75 -9.64 19.74 10.41
N ASP D 76 -9.48 20.72 9.52
CA ASP D 76 -9.04 20.48 8.16
C ASP D 76 -7.51 20.44 8.15
N PHE D 77 -6.96 19.25 8.40
CA PHE D 77 -5.52 19.04 8.43
C PHE D 77 -4.94 18.71 7.06
N ARG D 78 -5.72 18.86 5.99
CA ARG D 78 -5.25 18.47 4.66
C ARG D 78 -3.95 19.19 4.30
N GLU D 79 -3.82 20.45 4.70
CA GLU D 79 -2.58 21.17 4.43
C GLU D 79 -1.46 20.69 5.34
N LEU D 80 -1.76 20.44 6.60
CA LEU D 80 -0.75 19.89 7.52
C LEU D 80 -0.35 18.48 7.11
N ASN D 81 -1.33 17.66 6.69
CA ASN D 81 -1.02 16.29 6.29
C ASN D 81 -0.04 16.27 5.12
N LYS D 82 -0.24 17.15 4.13
CA LYS D 82 0.69 17.20 3.00
C LYS D 82 2.07 17.68 3.45
N ARG D 83 2.13 18.58 4.44
CA ARG D 83 3.42 19.04 4.93
C ARG D 83 4.07 18.04 5.88
N THR D 84 3.26 17.26 6.60
CA THR D 84 3.81 16.25 7.49
C THR D 84 4.63 15.24 6.70
N GLN D 85 5.77 14.86 7.27
CA GLN D 85 6.64 13.89 6.61
C GLN D 85 5.93 12.54 6.50
N ASP D 86 6.13 11.86 5.38
CA ASP D 86 5.53 10.55 5.18
C ASP D 86 6.03 9.57 6.23
N PHE D 87 5.16 8.63 6.60
CA PHE D 87 5.52 7.59 7.55
C PHE D 87 6.60 6.70 6.95
N TRP D 88 7.00 5.65 7.68
CA TRP D 88 8.08 4.75 7.26
C TRP D 88 9.25 5.51 6.65
N ILE D 94 -0.02 0.49 6.20
CA ILE D 94 -0.99 -0.55 6.46
C ILE D 94 -1.43 -1.21 5.16
N PRO D 95 -1.34 -2.55 5.10
CA PRO D 95 -1.84 -3.26 3.93
C PRO D 95 -3.36 -3.20 3.87
N HIS D 96 -3.89 -3.07 2.66
CA HIS D 96 -5.33 -2.93 2.47
C HIS D 96 -5.94 -4.27 2.13
N PRO D 97 -6.82 -4.82 2.95
CA PRO D 97 -7.40 -6.14 2.66
C PRO D 97 -8.45 -6.06 1.56
N ALA D 98 -8.42 -7.06 0.67
CA ALA D 98 -9.42 -7.16 -0.39
C ALA D 98 -10.70 -7.84 0.07
N GLY D 99 -10.69 -8.49 1.24
CA GLY D 99 -11.89 -9.17 1.70
C GLY D 99 -13.02 -8.22 2.04
N LEU D 100 -12.70 -6.99 2.42
CA LEU D 100 -13.74 -6.02 2.76
C LEU D 100 -14.76 -5.89 1.64
N LYS D 101 -14.29 -5.67 0.41
CA LYS D 101 -15.20 -5.52 -0.72
C LYS D 101 -16.09 -6.76 -0.88
N LYS D 102 -15.53 -7.94 -0.61
CA LYS D 102 -16.30 -9.17 -0.76
C LYS D 102 -17.15 -9.47 0.46
N LYS D 103 -16.75 -9.00 1.64
CA LYS D 103 -17.51 -9.26 2.85
C LYS D 103 -18.95 -8.79 2.70
N LYS D 104 -19.88 -9.57 3.24
CA LYS D 104 -21.29 -9.25 3.09
C LYS D 104 -21.65 -7.95 3.81
N SER D 105 -20.92 -7.62 4.87
CA SER D 105 -21.23 -6.43 5.66
C SER D 105 -19.95 -5.86 6.25
N VAL D 106 -19.87 -4.53 6.30
CA VAL D 106 -18.72 -3.82 6.86
C VAL D 106 -19.24 -2.64 7.66
N THR D 107 -18.92 -2.60 8.95
CA THR D 107 -19.38 -1.55 9.85
C THR D 107 -18.22 -0.61 10.19
N VAL D 108 -18.52 0.67 10.29
CA VAL D 108 -17.54 1.70 10.59
C VAL D 108 -17.76 2.20 12.01
N LEU D 109 -16.67 2.40 12.75
CA LEU D 109 -16.73 2.88 14.12
C LEU D 109 -15.75 4.04 14.28
N ASP D 110 -16.20 5.10 14.94
CA ASP D 110 -15.37 6.28 15.17
C ASP D 110 -14.47 6.01 16.37
N VAL D 111 -13.21 5.66 16.09
CA VAL D 111 -12.25 5.35 17.15
C VAL D 111 -11.29 6.51 17.41
N GLY D 112 -11.60 7.69 16.89
CA GLY D 112 -10.72 8.84 17.08
C GLY D 112 -10.49 9.21 18.53
N ASP D 113 -11.38 8.79 19.43
CA ASP D 113 -11.22 9.15 20.84
C ASP D 113 -9.94 8.56 21.41
N ALA D 114 -9.60 7.33 21.03
CA ALA D 114 -8.38 6.72 21.53
C ALA D 114 -7.14 7.53 21.18
N TYR D 115 -7.16 8.21 20.02
CA TYR D 115 -6.02 9.02 19.61
C TYR D 115 -5.65 10.07 20.66
N PHE D 116 -6.60 10.47 21.50
CA PHE D 116 -6.32 11.53 22.49
C PHE D 116 -5.44 11.04 23.63
N SER D 117 -5.36 9.72 23.85
CA SER D 117 -4.59 9.22 24.98
C SER D 117 -3.09 9.42 24.78
N VAL D 118 -2.62 9.35 23.53
CA VAL D 118 -1.19 9.40 23.23
C VAL D 118 -0.78 10.85 23.08
N PRO D 119 0.20 11.33 23.84
CA PRO D 119 0.69 12.70 23.62
C PRO D 119 1.50 12.79 22.34
N LEU D 120 1.80 14.02 21.94
CA LEU D 120 2.52 14.28 20.70
C LEU D 120 3.73 15.16 20.99
N ASP D 121 4.72 15.06 20.11
CA ASP D 121 5.95 15.84 20.26
C ASP D 121 5.63 17.32 20.38
N GLU D 122 6.45 18.03 21.15
CA GLU D 122 6.21 19.45 21.38
C GLU D 122 6.44 20.28 20.12
N ASP D 123 7.51 19.98 19.38
CA ASP D 123 7.81 20.76 18.19
C ASP D 123 6.68 20.68 17.18
N PHE D 124 6.10 19.49 17.00
CA PHE D 124 5.02 19.34 16.04
C PHE D 124 3.71 19.92 16.54
N ARG D 125 3.56 20.11 17.86
CA ARG D 125 2.33 20.68 18.39
C ARG D 125 2.07 22.07 17.85
N LYS D 126 3.13 22.81 17.50
CA LYS D 126 2.96 24.15 16.95
C LYS D 126 2.28 24.12 15.59
N TYR D 127 2.32 22.99 14.89
CA TYR D 127 1.68 22.87 13.59
C TYR D 127 0.21 22.48 13.67
N THR D 128 -0.31 22.22 14.87
CA THR D 128 -1.70 21.87 15.07
C THR D 128 -2.56 23.06 15.46
N ALA D 129 -2.04 24.27 15.32
CA ALA D 129 -2.76 25.47 15.75
C ALA D 129 -4.03 25.66 14.95
N PHE D 130 -5.15 25.86 15.65
CA PHE D 130 -6.42 26.20 15.04
C PHE D 130 -7.06 27.31 15.85
N THR D 131 -7.84 28.15 15.17
CA THR D 131 -8.45 29.32 15.78
C THR D 131 -9.97 29.20 15.73
N ILE D 132 -10.61 29.45 16.87
CA ILE D 132 -12.06 29.55 16.93
C ILE D 132 -12.45 30.97 16.53
N PRO D 133 -13.17 31.15 15.43
CA PRO D 133 -13.46 32.51 14.95
C PRO D 133 -14.45 33.24 15.86
N SER D 134 -14.50 34.55 15.69
CA SER D 134 -15.42 35.41 16.40
C SER D 134 -16.32 36.13 15.41
N ILE D 135 -17.55 36.39 15.84
CA ILE D 135 -18.56 36.98 14.96
C ILE D 135 -18.32 38.48 14.83
N ASN D 136 -18.47 39.00 13.62
CA ASN D 136 -18.41 40.44 13.34
C ASN D 136 -17.09 41.05 13.82
N ASN D 137 -16.03 40.25 13.88
CA ASN D 137 -14.71 40.72 14.32
C ASN D 137 -14.80 41.49 15.63
N GLU D 138 -15.81 41.16 16.46
CA GLU D 138 -15.99 41.89 17.71
C GLU D 138 -14.85 41.62 18.68
N THR D 139 -14.36 40.38 18.73
CA THR D 139 -13.30 40.00 19.65
C THR D 139 -12.29 39.13 18.91
N PRO D 140 -11.01 39.22 19.27
CA PRO D 140 -10.01 38.33 18.66
C PRO D 140 -10.38 36.87 18.89
N GLY D 141 -10.30 36.08 17.82
CA GLY D 141 -10.63 34.67 17.92
C GLY D 141 -9.74 33.94 18.91
N ILE D 142 -10.25 32.81 19.39
CA ILE D 142 -9.52 31.99 20.35
C ILE D 142 -8.54 31.10 19.60
N ARG D 143 -7.34 30.93 20.15
CA ARG D 143 -6.28 30.18 19.51
C ARG D 143 -5.92 28.98 20.38
N TYR D 144 -5.98 27.78 19.81
CA TYR D 144 -5.71 26.54 20.51
C TYR D 144 -4.63 25.76 19.79
N GLN D 145 -4.05 24.79 20.50
CA GLN D 145 -3.02 23.92 19.96
C GLN D 145 -3.16 22.55 20.61
N TYR D 146 -3.03 21.50 19.79
CA TYR D 146 -3.16 20.13 20.27
C TYR D 146 -1.92 19.72 21.05
N ASN D 147 -2.13 19.18 22.25
CA ASN D 147 -1.05 18.59 23.04
C ASN D 147 -1.01 17.07 22.89
N VAL D 148 -2.00 16.47 22.24
CA VAL D 148 -2.10 15.03 22.05
C VAL D 148 -2.29 14.75 20.56
N LEU D 149 -2.43 13.46 20.24
CA LEU D 149 -2.69 13.07 18.86
C LEU D 149 -4.03 13.64 18.43
N PRO D 150 -4.05 14.56 17.48
CA PRO D 150 -5.31 15.19 17.08
C PRO D 150 -6.06 14.36 16.05
N GLN D 151 -7.38 14.29 16.23
CA GLN D 151 -8.23 13.63 15.24
C GLN D 151 -8.10 14.32 13.89
N GLY D 152 -8.13 13.53 12.83
CA GLY D 152 -7.99 14.06 11.48
C GLY D 152 -6.57 14.25 11.01
N TRP D 153 -5.58 13.88 11.81
CA TRP D 153 -4.18 13.97 11.40
C TRP D 153 -3.72 12.64 10.81
N LYS D 154 -2.75 12.71 9.90
CA LYS D 154 -2.21 11.49 9.32
C LYS D 154 -1.38 10.70 10.33
N GLY D 155 -0.53 11.39 11.09
CA GLY D 155 0.31 10.71 12.07
C GLY D 155 -0.45 10.11 13.22
N SER D 156 -1.66 10.61 13.51
CA SER D 156 -2.43 10.09 14.63
C SER D 156 -2.76 8.61 14.47
N PRO D 157 -3.32 8.15 13.36
CA PRO D 157 -3.60 6.71 13.23
C PRO D 157 -2.34 5.87 13.14
N ALA D 158 -1.23 6.44 12.67
CA ALA D 158 0.01 5.67 12.54
C ALA D 158 0.68 5.48 13.90
N ILE D 159 0.84 6.55 14.67
CA ILE D 159 1.48 6.45 15.97
C ILE D 159 0.70 5.51 16.88
N PHE D 160 -0.64 5.62 16.86
CA PHE D 160 -1.49 4.76 17.67
C PHE D 160 -1.66 3.36 17.09
N GLN D 161 -1.26 3.14 15.83
CA GLN D 161 -1.50 1.86 15.17
C GLN D 161 -1.05 0.69 16.03
N SER D 162 0.20 0.72 16.49
CA SER D 162 0.71 -0.37 17.31
C SER D 162 -0.19 -0.64 18.50
N SER D 163 -0.62 0.43 19.19
CA SER D 163 -1.53 0.26 20.31
C SER D 163 -2.85 -0.36 19.88
N MET D 164 -3.39 0.09 18.74
CA MET D 164 -4.63 -0.48 18.23
C MET D 164 -4.50 -1.98 18.02
N THR D 165 -3.36 -2.42 17.47
CA THR D 165 -3.16 -3.86 17.25
C THR D 165 -3.16 -4.61 18.57
N LYS D 166 -2.39 -4.13 19.56
CA LYS D 166 -2.37 -4.78 20.86
C LYS D 166 -3.77 -4.81 21.47
N ILE D 167 -4.54 -3.75 21.29
CA ILE D 167 -5.91 -3.73 21.80
C ILE D 167 -6.76 -4.76 21.07
N LEU D 168 -6.66 -4.80 19.74
CA LEU D 168 -7.46 -5.69 18.92
C LEU D 168 -6.87 -7.09 18.77
N GLU D 169 -5.71 -7.35 19.39
CA GLU D 169 -5.11 -8.68 19.28
C GLU D 169 -6.05 -9.77 19.77
N PRO D 170 -6.58 -9.72 20.99
CA PRO D 170 -7.44 -10.82 21.46
C PRO D 170 -8.65 -11.06 20.57
N PHE D 171 -9.38 -9.99 20.21
CA PHE D 171 -10.58 -10.17 19.39
C PHE D 171 -10.23 -10.71 18.02
N LYS D 172 -9.11 -10.25 17.45
CA LYS D 172 -8.69 -10.74 16.14
C LYS D 172 -8.48 -12.25 16.16
N LYS D 173 -7.78 -12.74 17.18
CA LYS D 173 -7.59 -14.19 17.31
C LYS D 173 -8.93 -14.90 17.50
N GLN D 174 -9.85 -14.27 18.23
CA GLN D 174 -11.15 -14.88 18.45
C GLN D 174 -11.95 -14.99 17.15
N ASN D 175 -11.81 -14.02 16.25
CA ASN D 175 -12.54 -13.99 14.98
C ASN D 175 -11.56 -13.73 13.86
N PRO D 176 -10.89 -14.78 13.37
CA PRO D 176 -9.94 -14.57 12.26
C PRO D 176 -10.61 -14.26 10.93
N ASP D 177 -11.79 -14.83 10.68
CA ASP D 177 -12.47 -14.57 9.42
C ASP D 177 -12.87 -13.10 9.27
N ILE D 178 -13.06 -12.41 10.39
CA ILE D 178 -13.47 -11.01 10.34
C ILE D 178 -12.30 -10.15 9.91
N VAL D 179 -12.57 -9.23 8.98
CA VAL D 179 -11.56 -8.33 8.44
C VAL D 179 -11.70 -6.97 9.10
N ILE D 180 -10.60 -6.44 9.65
CA ILE D 180 -10.57 -5.13 10.27
C ILE D 180 -9.59 -4.26 9.49
N TYR D 181 -10.04 -3.06 9.11
CA TYR D 181 -9.20 -2.07 8.45
C TYR D 181 -9.39 -0.73 9.14
N GLN D 182 -8.29 -0.01 9.32
CA GLN D 182 -8.30 1.25 10.05
C GLN D 182 -7.94 2.39 9.11
N TYR D 183 -8.84 3.36 9.00
CA TYR D 183 -8.58 4.63 8.35
C TYR D 183 -8.58 5.73 9.40
N MET D 184 -7.82 6.79 9.15
CA MET D 184 -7.64 7.87 10.11
C MET D 184 -8.96 8.26 10.76
N ASP D 185 -9.04 8.09 12.09
CA ASP D 185 -10.19 8.41 12.92
C ASP D 185 -11.34 7.42 12.76
N ASP D 186 -11.20 6.40 11.92
CA ASP D 186 -12.27 5.44 11.68
C ASP D 186 -11.73 4.02 11.74
N LEU D 187 -12.64 3.06 11.78
CA LEU D 187 -12.29 1.65 11.81
C LEU D 187 -13.37 0.86 11.10
N TYR D 188 -12.97 -0.03 10.20
CA TYR D 188 -13.89 -0.82 9.39
C TYR D 188 -13.75 -2.29 9.76
N VAL D 189 -14.86 -2.93 10.08
CA VAL D 189 -14.88 -4.33 10.49
C VAL D 189 -15.87 -5.07 9.57
N GLY D 190 -15.38 -6.08 8.87
CA GLY D 190 -16.20 -6.79 7.91
C GLY D 190 -16.27 -8.29 8.10
N SER D 191 -17.47 -8.85 8.04
CA SER D 191 -17.67 -10.29 8.11
C SER D 191 -18.86 -10.64 7.23
N ASP D 192 -19.01 -11.95 6.98
CA ASP D 192 -20.11 -12.47 6.19
C ASP D 192 -21.25 -13.01 7.05
N LEU D 193 -21.22 -12.75 8.36
CA LEU D 193 -22.24 -13.27 9.24
C LEU D 193 -23.55 -12.50 9.06
N GLU D 194 -24.60 -13.02 9.69
CA GLU D 194 -25.88 -12.32 9.70
C GLU D 194 -25.73 -10.98 10.40
N ILE D 195 -26.66 -10.06 10.10
CA ILE D 195 -26.57 -8.72 10.66
C ILE D 195 -26.72 -8.75 12.16
N GLY D 196 -27.60 -9.61 12.68
CA GLY D 196 -27.75 -9.74 14.11
C GLY D 196 -26.47 -10.12 14.81
N GLN D 197 -25.85 -11.22 14.34
CA GLN D 197 -24.55 -11.62 14.89
C GLN D 197 -23.49 -10.57 14.59
N HIS D 198 -23.56 -9.95 13.41
CA HIS D 198 -22.59 -8.91 13.06
C HIS D 198 -22.63 -7.77 14.06
N ARG D 199 -23.84 -7.26 14.35
CA ARG D 199 -23.97 -6.20 15.35
C ARG D 199 -23.47 -6.66 16.71
N THR D 200 -23.78 -7.91 17.08
CA THR D 200 -23.29 -8.45 18.35
C THR D 200 -21.77 -8.43 18.39
N LYS D 201 -21.13 -8.98 17.35
CA LYS D 201 -19.67 -8.93 17.27
C LYS D 201 -19.18 -7.48 17.34
N ILE D 202 -19.87 -6.56 16.68
CA ILE D 202 -19.49 -5.16 16.72
C ILE D 202 -19.56 -4.64 18.16
N GLU D 203 -20.67 -4.93 18.85
CA GLU D 203 -20.78 -4.52 20.24
C GLU D 203 -19.66 -5.13 21.09
N GLU D 204 -19.36 -6.40 20.86
CA GLU D 204 -18.23 -7.02 21.54
C GLU D 204 -16.95 -6.25 21.27
N LEU D 205 -16.75 -5.83 20.02
CA LEU D 205 -15.56 -5.04 19.70
C LEU D 205 -15.63 -3.66 20.35
N ARG D 206 -16.83 -3.07 20.41
CA ARG D 206 -16.99 -1.80 21.11
C ARG D 206 -16.57 -1.93 22.57
N GLN D 207 -17.15 -2.89 23.29
CA GLN D 207 -16.74 -3.14 24.67
C GLN D 207 -15.24 -3.39 24.76
N HIS D 208 -14.68 -4.08 23.76
CA HIS D 208 -13.24 -4.33 23.75
C HIS D 208 -12.47 -3.02 23.82
N LEU D 209 -12.81 -2.06 22.95
CA LEU D 209 -12.17 -0.74 23.02
C LEU D 209 -12.53 -0.03 24.33
N LEU D 210 -13.79 -0.14 24.76
CA LEU D 210 -14.19 0.50 26.01
C LEU D 210 -13.38 -0.02 27.18
N ARG D 211 -13.17 -1.34 27.26
CA ARG D 211 -12.43 -1.91 28.38
C ARG D 211 -10.97 -1.44 28.37
N TRP D 212 -10.31 -1.52 27.20
CA TRP D 212 -8.94 -1.04 27.11
C TRP D 212 -8.84 0.47 27.24
N GLY D 213 -9.93 1.20 27.00
CA GLY D 213 -9.93 2.64 27.11
C GLY D 213 -9.87 3.14 28.55
N PRO D 225 -15.35 7.52 24.77
CA PRO D 225 -15.85 7.38 23.39
C PRO D 225 -17.26 7.94 23.21
N PRO D 226 -17.36 9.23 22.93
CA PRO D 226 -18.71 9.83 22.77
C PRO D 226 -19.44 9.33 21.55
N PHE D 227 -18.74 8.99 20.47
CA PHE D 227 -19.37 8.53 19.24
C PHE D 227 -19.05 7.06 18.95
N LEU D 228 -18.57 6.32 19.94
CA LEU D 228 -18.25 4.91 19.74
C LEU D 228 -19.50 4.03 19.65
N TRP D 229 -20.63 4.51 20.18
CA TRP D 229 -21.85 3.70 20.15
C TRP D 229 -22.44 3.60 18.75
N MET D 230 -22.26 4.64 17.94
CA MET D 230 -22.86 4.66 16.61
C MET D 230 -22.18 3.64 15.69
N GLY D 231 -22.94 3.13 14.73
CA GLY D 231 -22.43 2.17 13.77
C GLY D 231 -22.96 2.41 12.37
N TYR D 232 -22.06 2.52 11.40
CA TYR D 232 -22.42 2.73 10.01
C TYR D 232 -22.28 1.41 9.25
N GLU D 233 -23.37 0.95 8.67
CA GLU D 233 -23.42 -0.36 8.02
C GLU D 233 -23.24 -0.22 6.51
N LEU D 234 -22.40 -1.09 5.95
CA LEU D 234 -22.17 -1.16 4.51
C LEU D 234 -22.34 -2.60 4.05
N HIS D 235 -22.56 -2.76 2.75
CA HIS D 235 -22.74 -4.07 2.12
C HIS D 235 -21.98 -4.08 0.80
N PRO D 236 -20.64 -4.08 0.85
CA PRO D 236 -19.85 -4.07 -0.39
C PRO D 236 -20.21 -5.20 -1.34
N ASP D 237 -20.78 -6.29 -0.81
CA ASP D 237 -21.27 -7.35 -1.67
C ASP D 237 -22.37 -6.84 -2.61
N LYS D 238 -23.19 -5.90 -2.14
CA LYS D 238 -24.22 -5.32 -2.97
C LYS D 238 -23.67 -4.29 -3.96
N TRP D 239 -22.46 -3.80 -3.73
CA TRP D 239 -21.87 -2.81 -4.63
C TRP D 239 -21.67 -3.42 -6.01
N THR D 240 -22.00 -2.65 -7.04
CA THR D 240 -21.81 -3.06 -8.42
C THR D 240 -21.43 -1.85 -9.26
N VAL D 241 -20.81 -2.12 -10.40
CA VAL D 241 -20.33 -1.07 -11.31
C VAL D 241 -21.36 -0.88 -12.42
N GLN D 242 -21.56 0.38 -12.80
CA GLN D 242 -22.51 0.72 -13.86
C GLN D 242 -21.80 0.70 -15.20
N PRO D 243 -22.24 -0.11 -16.17
CA PRO D 243 -21.57 -0.18 -17.46
C PRO D 243 -22.16 0.80 -18.47
N ILE D 244 -21.38 1.03 -19.53
CA ILE D 244 -21.83 1.86 -20.65
C ILE D 244 -22.63 0.97 -21.59
N VAL D 245 -23.92 1.30 -21.78
CA VAL D 245 -24.81 0.48 -22.57
C VAL D 245 -25.36 1.31 -23.74
N LEU D 246 -25.83 0.61 -24.77
CA LEU D 246 -26.43 1.22 -25.93
C LEU D 246 -27.91 0.94 -25.95
N PRO D 247 -28.76 1.96 -26.05
CA PRO D 247 -30.21 1.71 -26.08
C PRO D 247 -30.60 0.82 -27.25
N GLU D 248 -31.42 -0.18 -26.96
CA GLU D 248 -31.96 -1.07 -27.98
C GLU D 248 -33.33 -0.57 -28.39
N LYS D 249 -33.46 -0.14 -29.64
CA LYS D 249 -34.68 0.43 -30.16
C LYS D 249 -35.09 -0.31 -31.42
N ASP D 250 -36.33 -0.07 -31.86
CA ASP D 250 -36.84 -0.62 -33.11
C ASP D 250 -36.95 0.40 -34.21
N SER D 251 -37.26 1.65 -33.88
CA SER D 251 -37.33 2.74 -34.85
C SER D 251 -36.18 3.71 -34.56
N TRP D 252 -35.15 3.70 -35.40
CA TRP D 252 -33.99 4.54 -35.24
C TRP D 252 -34.13 5.77 -36.12
N THR D 253 -34.17 6.94 -35.49
CA THR D 253 -34.23 8.20 -36.23
C THR D 253 -32.83 8.70 -36.54
N VAL D 254 -32.77 9.74 -37.37
CA VAL D 254 -31.48 10.34 -37.74
C VAL D 254 -30.79 10.89 -36.50
N ASN D 255 -31.52 11.63 -35.67
CA ASN D 255 -30.94 12.18 -34.46
C ASN D 255 -30.47 11.07 -33.52
N ASP D 256 -31.24 9.98 -33.43
CA ASP D 256 -30.79 8.84 -32.64
C ASP D 256 -29.48 8.30 -33.16
N ILE D 257 -29.36 8.14 -34.49
CA ILE D 257 -28.11 7.66 -35.07
C ILE D 257 -26.99 8.67 -34.85
N GLN D 258 -27.31 9.96 -34.94
CA GLN D 258 -26.30 10.99 -34.70
C GLN D 258 -25.75 10.87 -33.28
N LYS D 259 -26.64 10.90 -32.28
CA LYS D 259 -26.20 10.75 -30.90
C LYS D 259 -25.57 9.38 -30.67
N LEU D 260 -26.14 8.34 -31.26
CA LEU D 260 -25.56 7.00 -31.14
C LEU D 260 -24.14 6.96 -31.71
N VAL D 261 -23.94 7.58 -32.88
CA VAL D 261 -22.61 7.57 -33.49
C VAL D 261 -21.63 8.39 -32.65
N GLY D 262 -22.05 9.56 -32.17
CA GLY D 262 -21.16 10.38 -31.38
C GLY D 262 -20.67 9.67 -30.14
N LYS D 263 -21.58 9.01 -29.42
CA LYS D 263 -21.19 8.26 -28.23
C LYS D 263 -20.18 7.18 -28.57
N LEU D 264 -20.43 6.42 -29.63
CA LEU D 264 -19.52 5.35 -30.02
C LEU D 264 -18.14 5.91 -30.37
N ASN D 265 -18.09 7.03 -31.09
CA ASN D 265 -16.80 7.63 -31.40
C ASN D 265 -16.08 8.10 -30.14
N TRP D 266 -16.84 8.51 -29.12
CA TRP D 266 -16.24 8.87 -27.85
C TRP D 266 -15.71 7.64 -27.12
N ALA D 267 -16.53 6.58 -27.07
CA ALA D 267 -16.10 5.36 -26.39
C ALA D 267 -14.91 4.71 -27.07
N SER D 268 -14.63 5.06 -28.33
CA SER D 268 -13.47 4.50 -29.01
C SER D 268 -12.18 4.78 -28.25
N GLN D 269 -12.12 5.91 -27.56
CA GLN D 269 -10.93 6.23 -26.77
C GLN D 269 -10.69 5.18 -25.68
N ILE D 270 -11.76 4.72 -25.04
CA ILE D 270 -11.62 3.67 -24.04
C ILE D 270 -11.38 2.33 -24.72
N TYR D 271 -12.20 1.98 -25.70
CA TYR D 271 -12.10 0.71 -26.41
C TYR D 271 -11.76 0.97 -27.86
N PRO D 272 -10.55 0.61 -28.32
CA PRO D 272 -10.20 0.85 -29.73
C PRO D 272 -11.05 0.06 -30.71
N GLY D 273 -11.56 -1.11 -30.30
CA GLY D 273 -12.26 -1.99 -31.23
C GLY D 273 -13.57 -1.44 -31.77
N ILE D 274 -14.13 -0.43 -31.10
CA ILE D 274 -15.42 0.10 -31.53
C ILE D 274 -15.32 0.65 -32.95
N LYS D 275 -16.32 0.34 -33.77
CA LYS D 275 -16.37 0.78 -35.15
C LYS D 275 -17.70 1.48 -35.41
N VAL D 276 -17.65 2.54 -36.23
CA VAL D 276 -18.81 3.39 -36.47
C VAL D 276 -19.02 3.57 -37.97
N ARG D 277 -18.34 2.76 -38.78
CA ARG D 277 -18.40 2.93 -40.22
C ARG D 277 -19.82 2.75 -40.74
N GLN D 278 -20.42 1.59 -40.47
CA GLN D 278 -21.75 1.29 -41.01
C GLN D 278 -22.78 2.30 -40.54
N LEU D 279 -22.76 2.65 -39.26
CA LEU D 279 -23.71 3.64 -38.75
C LEU D 279 -23.55 4.98 -39.48
N SER D 280 -22.30 5.35 -39.81
CA SER D 280 -22.08 6.57 -40.57
C SER D 280 -22.70 6.47 -41.96
N LYS D 281 -22.64 5.28 -42.58
CA LYS D 281 -23.25 5.10 -43.89
C LYS D 281 -24.74 5.42 -43.85
N LEU D 282 -25.42 4.99 -42.80
CA LEU D 282 -26.83 5.33 -42.64
C LEU D 282 -27.04 6.85 -42.62
N LEU D 283 -26.06 7.58 -42.09
CA LEU D 283 -26.14 9.03 -41.99
C LEU D 283 -25.90 9.73 -43.32
N ARG D 284 -25.35 9.04 -44.32
CA ARG D 284 -25.03 9.67 -45.59
C ARG D 284 -26.24 10.41 -46.14
N GLY D 285 -26.01 11.64 -46.61
CA GLY D 285 -27.06 12.49 -47.11
C GLY D 285 -27.52 13.50 -46.08
N THR D 286 -28.13 14.57 -46.58
CA THR D 286 -28.64 15.64 -45.72
C THR D 286 -30.15 15.43 -45.54
N LYS D 287 -30.52 14.85 -44.40
CA LYS D 287 -31.92 14.54 -44.10
C LYS D 287 -32.29 15.15 -42.76
N ALA D 288 -33.59 15.22 -42.51
CA ALA D 288 -34.10 15.80 -41.28
C ALA D 288 -33.86 14.87 -40.10
N LEU D 289 -33.64 15.46 -38.93
CA LEU D 289 -33.35 14.67 -37.74
C LEU D 289 -34.51 13.74 -37.39
N THR D 290 -35.74 14.23 -37.55
CA THR D 290 -36.91 13.47 -37.13
C THR D 290 -37.26 12.30 -38.05
N GLU D 291 -36.63 12.21 -39.22
CA GLU D 291 -36.92 11.12 -40.13
C GLU D 291 -36.32 9.82 -39.61
N VAL D 292 -37.08 8.73 -39.72
CA VAL D 292 -36.64 7.42 -39.24
C VAL D 292 -35.82 6.75 -40.33
N ILE D 293 -34.66 6.22 -39.95
CA ILE D 293 -33.77 5.54 -40.87
C ILE D 293 -33.66 4.06 -40.50
N PRO D 294 -34.17 3.14 -41.33
CA PRO D 294 -33.96 1.72 -41.04
C PRO D 294 -32.48 1.38 -40.99
N LEU D 295 -32.14 0.43 -40.13
CA LEU D 295 -30.76 0.03 -39.92
C LEU D 295 -30.42 -1.14 -40.83
N THR D 296 -29.41 -0.98 -41.66
CA THR D 296 -28.96 -2.07 -42.51
C THR D 296 -28.48 -3.24 -41.66
N GLU D 297 -28.67 -4.46 -42.16
CA GLU D 297 -28.25 -5.65 -41.44
C GLU D 297 -26.78 -5.55 -41.04
N GLU D 298 -25.94 -5.01 -41.92
CA GLU D 298 -24.53 -4.85 -41.58
C GLU D 298 -24.35 -3.83 -40.47
N ALA D 299 -25.10 -2.73 -40.50
CA ALA D 299 -25.05 -1.76 -39.42
C ALA D 299 -25.54 -2.36 -38.11
N GLU D 300 -26.62 -3.14 -38.17
CA GLU D 300 -27.10 -3.83 -36.99
C GLU D 300 -26.03 -4.77 -36.44
N LEU D 301 -25.25 -5.38 -37.33
CA LEU D 301 -24.14 -6.22 -36.90
C LEU D 301 -23.05 -5.39 -36.24
N GLU D 302 -22.74 -4.22 -36.81
CA GLU D 302 -21.75 -3.35 -36.20
C GLU D 302 -22.21 -2.89 -34.83
N LEU D 303 -23.50 -2.57 -34.68
CA LEU D 303 -24.04 -2.25 -33.36
C LEU D 303 -23.96 -3.46 -32.43
N ALA D 304 -24.23 -4.65 -32.96
CA ALA D 304 -24.13 -5.86 -32.16
C ALA D 304 -22.69 -6.09 -31.71
N GLU D 305 -21.73 -5.94 -32.61
CA GLU D 305 -20.34 -6.13 -32.25
C GLU D 305 -19.89 -5.07 -31.25
N ASN D 306 -20.40 -3.85 -31.39
CA ASN D 306 -20.11 -2.81 -30.40
C ASN D 306 -20.80 -3.10 -29.07
N ARG D 307 -22.04 -3.61 -29.13
CA ARG D 307 -22.73 -3.99 -27.91
C ARG D 307 -21.97 -5.08 -27.16
N GLU D 308 -21.32 -5.97 -27.89
CA GLU D 308 -20.50 -7.00 -27.23
C GLU D 308 -19.25 -6.41 -26.61
N ILE D 309 -18.54 -5.58 -27.38
CA ILE D 309 -17.28 -5.00 -26.89
C ILE D 309 -17.47 -4.27 -25.58
N LEU D 310 -18.66 -3.69 -25.37
CA LEU D 310 -18.91 -2.95 -24.13
C LEU D 310 -19.28 -3.86 -22.97
N LYS D 311 -19.76 -5.08 -23.24
CA LYS D 311 -20.04 -6.03 -22.19
C LYS D 311 -18.77 -6.68 -21.63
N GLU D 312 -17.61 -6.40 -22.22
CA GLU D 312 -16.34 -6.97 -21.81
C GLU D 312 -15.46 -5.91 -21.16
N PRO D 313 -14.59 -6.29 -20.23
CA PRO D 313 -13.78 -5.30 -19.53
C PRO D 313 -12.65 -4.76 -20.40
N VAL D 314 -12.26 -3.52 -20.12
CA VAL D 314 -11.19 -2.88 -20.88
C VAL D 314 -9.86 -3.50 -20.50
N HIS D 315 -9.03 -3.77 -21.51
CA HIS D 315 -7.77 -4.46 -21.30
C HIS D 315 -6.73 -3.52 -20.72
N GLY D 316 -5.83 -4.09 -19.92
CA GLY D 316 -4.74 -3.31 -19.35
C GLY D 316 -5.17 -2.31 -18.31
N VAL D 317 -6.29 -2.55 -17.64
CA VAL D 317 -6.83 -1.64 -16.64
C VAL D 317 -6.70 -2.32 -15.28
N TYR D 318 -5.72 -1.88 -14.49
CA TYR D 318 -5.54 -2.40 -13.15
C TYR D 318 -5.01 -1.28 -12.25
N TYR D 319 -5.51 -1.24 -11.02
CA TYR D 319 -5.11 -0.21 -10.07
C TYR D 319 -3.61 -0.28 -9.80
N ASP D 320 -2.95 0.87 -9.87
CA ASP D 320 -1.54 0.97 -9.50
C ASP D 320 -1.44 1.65 -8.15
N PRO D 321 -0.88 0.99 -7.13
CA PRO D 321 -0.83 1.61 -5.80
C PRO D 321 -0.13 2.96 -5.77
N SER D 322 0.87 3.18 -6.63
CA SER D 322 1.60 4.44 -6.59
C SER D 322 0.77 5.60 -7.13
N LYS D 323 -0.07 5.35 -8.13
CA LYS D 323 -0.86 6.40 -8.74
C LYS D 323 -2.07 6.75 -7.87
N ASP D 324 -2.34 8.04 -7.75
CA ASP D 324 -3.46 8.51 -6.95
C ASP D 324 -4.77 8.34 -7.71
N LEU D 325 -5.84 8.08 -6.96
CA LEU D 325 -7.16 7.92 -7.54
C LEU D 325 -7.78 9.28 -7.85
N ILE D 326 -8.54 9.33 -8.93
CA ILE D 326 -9.26 10.53 -9.34
C ILE D 326 -10.72 10.16 -9.55
N ALA D 327 -11.63 11.06 -9.15
CA ALA D 327 -13.06 10.81 -9.24
C ALA D 327 -13.74 12.00 -9.90
N GLU D 328 -14.63 11.72 -10.85
CA GLU D 328 -15.42 12.73 -11.54
C GLU D 328 -16.89 12.44 -11.36
N ILE D 329 -17.68 13.49 -11.17
CA ILE D 329 -19.12 13.38 -10.96
C ILE D 329 -19.83 14.21 -12.02
N GLN D 330 -20.92 13.67 -12.56
CA GLN D 330 -21.73 14.36 -13.55
C GLN D 330 -23.18 14.41 -13.07
N LYS D 331 -23.79 15.58 -13.20
CA LYS D 331 -25.18 15.79 -12.77
C LYS D 331 -26.09 15.44 -13.95
N GLN D 332 -26.65 14.24 -13.93
CA GLN D 332 -27.51 13.80 -15.02
C GLN D 332 -28.90 14.41 -14.94
N GLY D 333 -29.41 14.63 -13.73
CA GLY D 333 -30.72 15.18 -13.54
C GLY D 333 -31.69 14.16 -12.96
N GLN D 334 -32.84 14.67 -12.53
CA GLN D 334 -33.86 13.85 -11.87
C GLN D 334 -33.31 13.22 -10.59
N GLY D 335 -32.40 13.91 -9.92
CA GLY D 335 -31.78 13.37 -8.73
C GLY D 335 -30.81 12.26 -8.99
N GLN D 336 -30.26 12.17 -10.19
CA GLN D 336 -29.33 11.12 -10.56
C GLN D 336 -27.95 11.71 -10.84
N TRP D 337 -26.91 11.01 -10.38
CA TRP D 337 -25.54 11.48 -10.50
C TRP D 337 -24.66 10.32 -10.93
N THR D 338 -23.67 10.62 -11.76
CA THR D 338 -22.73 9.62 -12.26
C THR D 338 -21.32 9.98 -11.82
N TYR D 339 -20.52 8.94 -11.55
CA TYR D 339 -19.15 9.11 -11.08
C TYR D 339 -18.27 8.01 -11.67
N GLN D 340 -17.02 8.38 -11.95
CA GLN D 340 -16.02 7.42 -12.44
C GLN D 340 -14.73 7.65 -11.68
N ILE D 341 -14.14 6.57 -11.16
CA ILE D 341 -12.88 6.62 -10.44
C ILE D 341 -11.81 6.03 -11.33
N TYR D 342 -10.73 6.79 -11.56
CA TYR D 342 -9.68 6.37 -12.46
C TYR D 342 -8.34 6.89 -11.97
N GLN D 343 -7.27 6.21 -12.38
CA GLN D 343 -5.91 6.70 -12.19
C GLN D 343 -5.29 7.26 -13.46
N GLU D 344 -5.79 6.88 -14.63
CA GLU D 344 -5.33 7.38 -15.91
C GLU D 344 -6.49 8.02 -16.67
N PRO D 345 -6.20 8.86 -17.66
CA PRO D 345 -7.28 9.64 -18.31
C PRO D 345 -8.48 8.82 -18.73
N PHE D 346 -8.28 7.67 -19.38
CA PHE D 346 -9.38 6.85 -19.87
C PHE D 346 -9.43 5.45 -19.28
N LYS D 347 -8.51 5.10 -18.38
CA LYS D 347 -8.52 3.80 -17.73
C LYS D 347 -9.39 3.90 -16.47
N ASN D 348 -10.65 3.52 -16.61
CA ASN D 348 -11.62 3.61 -15.52
C ASN D 348 -11.56 2.36 -14.66
N LEU D 349 -11.28 2.55 -13.36
CA LEU D 349 -11.30 1.42 -12.43
C LEU D 349 -12.71 1.11 -11.95
N LYS D 350 -13.56 2.13 -11.80
CA LYS D 350 -14.92 1.93 -11.33
C LYS D 350 -15.82 2.99 -11.96
N THR D 351 -17.10 2.64 -12.10
CA THR D 351 -18.09 3.55 -12.67
C THR D 351 -19.45 3.21 -12.07
N GLY D 352 -20.18 4.24 -11.66
CA GLY D 352 -21.49 4.04 -11.05
C GLY D 352 -22.32 5.31 -11.09
N LYS D 353 -23.56 5.18 -10.63
CA LYS D 353 -24.49 6.30 -10.59
C LYS D 353 -25.34 6.21 -9.33
N TYR D 354 -25.43 7.32 -8.60
CA TYR D 354 -26.25 7.43 -7.42
C TYR D 354 -27.59 8.08 -7.76
N ALA D 355 -28.59 7.82 -6.92
CA ALA D 355 -29.92 8.35 -7.13
C ALA D 355 -30.64 8.52 -5.80
N ARG D 356 -31.28 9.67 -5.61
CA ARG D 356 -32.13 9.93 -4.46
C ARG D 356 -31.34 10.03 -3.16
N MET D 357 -30.09 10.45 -3.24
CA MET D 357 -29.21 10.49 -2.07
C MET D 357 -29.82 11.33 -0.95
N ARG D 358 -30.03 12.61 -1.21
CA ARG D 358 -30.52 13.57 -0.22
C ARG D 358 -30.93 14.84 -0.94
N GLY D 359 -32.04 15.44 -0.52
CA GLY D 359 -32.55 16.61 -1.20
C GLY D 359 -32.55 16.42 -2.70
N ALA D 360 -33.01 15.25 -3.13
CA ALA D 360 -32.86 14.85 -4.52
C ALA D 360 -33.40 15.91 -5.48
N HIS D 361 -34.50 16.55 -5.12
CA HIS D 361 -35.16 17.51 -5.99
C HIS D 361 -35.32 18.85 -5.32
N THR D 362 -34.32 19.28 -4.55
CA THR D 362 -34.35 20.58 -3.90
C THR D 362 -32.97 21.21 -3.82
N ASN D 363 -31.93 20.41 -3.57
CA ASN D 363 -30.59 20.94 -3.33
C ASN D 363 -29.56 19.99 -3.94
N ASP D 364 -28.85 20.47 -4.97
CA ASP D 364 -27.78 19.68 -5.56
C ASP D 364 -26.55 19.67 -4.66
N VAL D 365 -26.20 20.83 -4.10
CA VAL D 365 -25.00 20.94 -3.27
C VAL D 365 -24.98 19.85 -2.22
N LYS D 366 -26.15 19.50 -1.69
CA LYS D 366 -26.22 18.41 -0.72
C LYS D 366 -26.04 17.05 -1.41
N GLN D 367 -26.67 16.87 -2.56
CA GLN D 367 -26.52 15.62 -3.30
C GLN D 367 -25.06 15.42 -3.72
N LEU D 368 -24.40 16.49 -4.14
CA LEU D 368 -22.98 16.38 -4.49
C LEU D 368 -22.13 16.11 -3.26
N THR D 369 -22.48 16.71 -2.13
CA THR D 369 -21.76 16.43 -0.89
C THR D 369 -21.98 14.98 -0.44
N GLU D 370 -23.20 14.49 -0.56
CA GLU D 370 -23.46 13.08 -0.26
C GLU D 370 -22.73 12.18 -1.26
N ALA D 371 -22.70 12.57 -2.53
CA ALA D 371 -22.01 11.77 -3.53
C ALA D 371 -20.51 11.72 -3.26
N VAL D 372 -19.91 12.87 -2.92
CA VAL D 372 -18.48 12.89 -2.62
C VAL D 372 -18.17 11.96 -1.46
N GLN D 373 -19.04 11.93 -0.44
CA GLN D 373 -18.84 11.05 0.70
C GLN D 373 -18.90 9.59 0.28
N LYS D 374 -20.01 9.19 -0.36
CA LYS D 374 -20.18 7.80 -0.76
C LYS D 374 -19.01 7.32 -1.61
N ILE D 375 -18.66 8.09 -2.65
CA ILE D 375 -17.55 7.71 -3.53
C ILE D 375 -16.29 7.47 -2.71
N THR D 376 -15.99 8.38 -1.77
CA THR D 376 -14.81 8.22 -0.92
C THR D 376 -14.90 6.93 -0.12
N THR D 377 -16.05 6.69 0.51
CA THR D 377 -16.25 5.44 1.26
C THR D 377 -15.97 4.23 0.38
N GLU D 378 -16.61 4.17 -0.80
CA GLU D 378 -16.36 3.08 -1.72
C GLU D 378 -14.88 3.01 -2.10
N SER D 379 -14.23 4.17 -2.26
CA SER D 379 -12.81 4.19 -2.57
C SER D 379 -11.98 3.65 -1.42
N ILE D 380 -12.34 4.01 -0.19
CA ILE D 380 -11.57 3.55 0.97
C ILE D 380 -11.71 2.05 1.14
N VAL D 381 -12.93 1.52 1.02
CA VAL D 381 -13.16 0.10 1.23
C VAL D 381 -12.39 -0.74 0.23
N ILE D 382 -12.13 -0.20 -0.97
CA ILE D 382 -11.57 -0.97 -2.06
C ILE D 382 -10.07 -0.75 -2.21
N TRP D 383 -9.61 0.50 -2.05
CA TRP D 383 -8.19 0.80 -2.26
C TRP D 383 -7.56 1.53 -1.07
N GLY D 384 -8.25 1.61 0.07
CA GLY D 384 -7.68 2.20 1.26
C GLY D 384 -7.18 3.62 1.12
N LYS D 385 -7.71 4.38 0.17
CA LYS D 385 -7.34 5.79 0.05
C LYS D 385 -8.42 6.53 -0.72
N THR D 386 -8.47 7.84 -0.52
CA THR D 386 -9.47 8.76 -1.03
C THR D 386 -9.01 9.37 -2.35
N PRO D 387 -9.91 9.45 -3.33
CA PRO D 387 -9.56 10.02 -4.63
C PRO D 387 -9.54 11.55 -4.59
N LYS D 388 -9.01 12.13 -5.67
CA LYS D 388 -9.09 13.56 -5.93
C LYS D 388 -10.33 13.82 -6.77
N PHE D 389 -11.26 14.59 -6.23
CA PHE D 389 -12.57 14.75 -6.85
C PHE D 389 -12.60 15.91 -7.83
N LYS D 390 -13.28 15.70 -8.95
CA LYS D 390 -13.61 16.74 -9.91
C LYS D 390 -15.07 17.12 -9.69
N LEU D 391 -15.31 18.28 -9.07
CA LEU D 391 -16.65 18.65 -8.64
C LEU D 391 -17.34 19.48 -9.71
N PRO D 392 -18.41 18.99 -10.35
CA PRO D 392 -19.14 19.80 -11.31
C PRO D 392 -19.90 20.94 -10.64
N ILE D 393 -19.18 21.93 -10.14
CA ILE D 393 -19.79 23.02 -9.38
C ILE D 393 -18.79 24.16 -9.31
N GLN D 394 -19.32 25.38 -9.30
CA GLN D 394 -18.46 26.55 -9.13
C GLN D 394 -17.84 26.56 -7.73
N LYS D 395 -16.67 27.19 -7.62
CA LYS D 395 -15.94 27.17 -6.37
C LYS D 395 -16.72 27.86 -5.25
N GLU D 396 -17.21 29.07 -5.52
CA GLU D 396 -17.92 29.83 -4.49
C GLU D 396 -19.17 29.10 -4.02
N THR D 397 -19.86 28.40 -4.93
CA THR D 397 -21.06 27.66 -4.53
C THR D 397 -20.72 26.52 -3.58
N TRP D 398 -19.64 25.78 -3.87
CA TRP D 398 -19.28 24.66 -3.03
C TRP D 398 -18.70 25.11 -1.69
N GLU D 399 -17.83 26.13 -1.71
CA GLU D 399 -17.21 26.58 -0.47
C GLU D 399 -18.20 27.22 0.49
N THR D 400 -19.35 27.68 0.00
CA THR D 400 -20.28 28.39 0.87
C THR D 400 -21.15 27.44 1.68
N TRP D 401 -21.56 26.31 1.11
CA TRP D 401 -22.48 25.41 1.78
C TRP D 401 -21.93 24.00 2.02
N TRP D 402 -20.80 23.64 1.44
CA TRP D 402 -20.33 22.26 1.56
C TRP D 402 -20.13 21.85 3.02
N THR D 403 -19.87 22.83 3.89
CA THR D 403 -19.70 22.53 5.32
C THR D 403 -21.02 22.17 6.00
N GLU D 404 -22.15 22.60 5.46
CA GLU D 404 -23.44 22.39 6.12
C GLU D 404 -23.98 20.98 5.97
N TYR D 405 -23.46 20.21 5.01
CA TYR D 405 -24.00 18.88 4.71
C TYR D 405 -22.97 17.77 4.88
N TRP D 406 -21.79 18.08 5.43
CA TRP D 406 -20.75 17.08 5.58
C TRP D 406 -21.02 16.23 6.83
N GLN D 407 -20.91 14.91 6.67
CA GLN D 407 -21.19 13.97 7.76
C GLN D 407 -20.08 12.94 7.91
N ALA D 408 -18.83 13.34 7.71
CA ALA D 408 -17.70 12.41 7.76
C ALA D 408 -16.54 13.06 8.50
N THR D 409 -15.65 12.20 9.01
CA THR D 409 -14.49 12.67 9.75
C THR D 409 -13.32 13.08 8.84
N TRP D 410 -13.31 12.62 7.60
CA TRP D 410 -12.26 12.92 6.64
C TRP D 410 -12.75 13.92 5.61
N ILE D 411 -11.79 14.44 4.83
CA ILE D 411 -12.08 15.44 3.81
C ILE D 411 -11.16 15.20 2.62
N PRO D 412 -11.65 14.64 1.51
CA PRO D 412 -10.77 14.36 0.37
C PRO D 412 -10.33 15.63 -0.36
N GLU D 413 -9.55 15.46 -1.42
CA GLU D 413 -9.13 16.57 -2.27
C GLU D 413 -10.14 16.78 -3.39
N TRP D 414 -10.20 18.02 -3.88
CA TRP D 414 -11.13 18.31 -4.96
C TRP D 414 -10.70 19.57 -5.69
N GLU D 415 -11.09 19.64 -6.96
CA GLU D 415 -11.03 20.85 -7.77
C GLU D 415 -12.31 20.93 -8.58
N PHE D 416 -12.55 22.09 -9.19
CA PHE D 416 -13.82 22.38 -9.84
C PHE D 416 -13.65 22.44 -11.35
N VAL D 417 -14.64 21.88 -12.05
CA VAL D 417 -14.64 21.83 -13.51
C VAL D 417 -15.73 22.80 -13.99
N ASN D 418 -15.31 24.00 -14.38
CA ASN D 418 -16.23 25.04 -14.83
C ASN D 418 -16.52 24.99 -16.32
N THR D 419 -16.10 23.92 -17.00
CA THR D 419 -16.35 23.78 -18.43
C THR D 419 -17.43 22.75 -18.68
N PRO D 420 -18.42 23.05 -19.51
CA PRO D 420 -19.49 22.08 -19.78
C PRO D 420 -18.93 20.85 -20.47
N PRO D 421 -19.06 19.67 -19.83
CA PRO D 421 -18.46 18.46 -20.41
C PRO D 421 -19.12 18.03 -21.71
N LEU D 422 -20.44 17.99 -21.74
CA LEU D 422 -21.19 17.52 -22.91
C LEU D 422 -21.07 16.01 -23.08
N VAL D 423 -20.12 15.39 -22.37
CA VAL D 423 -19.92 13.94 -22.40
C VAL D 423 -20.77 13.22 -21.36
N LYS D 424 -21.63 13.94 -20.65
CA LYS D 424 -22.46 13.28 -19.65
C LYS D 424 -23.41 12.29 -20.32
N LEU D 425 -23.91 12.62 -21.51
CA LEU D 425 -24.79 11.70 -22.22
C LEU D 425 -24.12 10.34 -22.45
N TRP D 426 -22.80 10.33 -22.66
CA TRP D 426 -22.09 9.07 -22.79
C TRP D 426 -22.15 8.29 -21.49
N TYR D 427 -21.92 8.95 -20.36
CA TYR D 427 -22.01 8.33 -19.04
C TYR D 427 -23.45 8.40 -18.53
N GLN D 428 -24.34 7.72 -19.25
CA GLN D 428 -25.76 7.75 -18.93
C GLN D 428 -26.19 6.51 -18.15
CAH 7N1 E . -19.35 49.39 20.70
CAI 7N1 E . -18.80 50.58 20.23
CAJ 7N1 E . -18.04 50.59 19.06
CAK 7N1 E . -17.82 49.40 18.36
CAL 7N1 E . -18.38 48.22 18.83
CAM 7N1 E . -19.14 48.21 20.01
CAY 7N1 E . -19.01 51.77 20.92
CAZ 7N1 E . -18.46 52.95 20.46
CBA 7N1 E . -17.69 52.96 19.30
CBB 7N1 E . -17.49 51.78 18.59
CBC 7N1 E . -17.10 54.27 18.79
NBD 7N1 E . -16.65 55.24 18.41
C0P 7N1 E . -23.73 51.75 20.34
C00 7N1 E . -22.66 46.76 22.05
C0D 7N1 E . -23.90 48.53 20.34
C0E 7N1 E . -24.40 49.65 19.40
C0K 7N1 E . -25.87 51.01 20.81
C0N 7N1 E . -25.16 53.03 21.68
C0O 7N1 E . -23.96 52.86 21.07
N0H 7N1 E . -24.67 50.84 20.20
N0M 7N1 E . -26.11 52.12 21.54
O0A 7N1 E . -20.11 49.45 21.89
O0B 7N1 E . -22.70 48.95 20.96
O0Q 7N1 E . -26.72 50.19 20.69
O0S 7N1 E . -25.37 54.01 22.32
C01 7N1 E . -22.00 45.81 22.82
C02 7N1 E . -20.71 46.06 23.29
C03 7N1 E . -20.09 47.27 22.98
C04 7N1 E . -20.75 48.23 22.20
C05 7N1 E . -22.04 47.98 21.74
F01 7N1 E . -18.17 47.06 18.15
F02 7N1 E . -22.62 44.63 23.12
H1 7N1 E . -17.23 49.40 17.45
H2 7N1 E . -19.57 47.29 20.36
H3 7N1 E . -19.59 51.76 21.83
H4 7N1 E . -18.62 53.89 21.00
H5 7N1 E . -16.88 51.79 17.68
H6 7N1 E . -22.77 51.61 19.84
H7 7N1 E . -23.67 46.56 21.70
H8 7N1 E . -24.65 48.33 21.11
H9 7N1 E . -23.72 47.63 19.77
H10 7N1 E . -25.32 49.32 18.91
H11 7N1 E . -23.66 49.86 18.66
H12 7N1 E . -23.19 53.61 21.18
H13 7N1 E . -27.00 52.24 22.00
H14 7N1 E . -20.20 45.32 23.89
H15 7N1 E . -19.08 47.47 23.34
MG MG F . -15.03 21.93 -40.03
CAH 7N1 G . 33.59 -8.22 9.07
CAI 7N1 G . 34.72 -8.45 8.28
CAJ 7N1 G . 34.84 -9.63 7.55
CAK 7N1 G . 33.82 -10.59 7.60
CAL 7N1 G . 32.69 -10.34 8.37
CAM 7N1 G . 32.58 -9.17 9.10
CAY 7N1 G . 35.74 -7.51 8.23
CAZ 7N1 G . 36.87 -7.73 7.46
CBA 7N1 G . 36.99 -8.92 6.73
CBB 7N1 G . 35.97 -9.86 6.77
CBC 7N1 G . 38.23 -9.15 5.88
NBD 7N1 G . 39.16 -9.33 5.25
C0P 7N1 G . 31.79 -3.76 7.64
C00 7N1 G . 30.56 -6.77 12.02
C0D 7N1 G . 29.82 -5.11 9.92
C0E 7N1 G . 29.66 -4.22 8.68
C0K 7N1 G . 31.06 -2.33 9.31
C0N 7N1 G . 33.09 -1.92 8.29
C0O 7N1 G . 32.90 -3.01 7.51
N0H 7N1 G . 30.86 -3.42 8.54
N0M 7N1 G . 32.17 -1.58 9.18
O0A 7N1 G . 33.50 -7.02 9.80
O0B 7N1 G . 30.95 -5.94 9.75
O0Q 7N1 G . 30.23 -2.03 10.12
O0S 7N1 G . 34.08 -1.26 8.17
C01 7N1 G . 31.01 -7.44 13.15
C02 7N1 G . 32.30 -7.98 13.16
C03 7N1 G . 33.13 -7.84 12.05
C04 7N1 G . 32.68 -7.17 10.92
C05 7N1 G . 31.39 -6.63 10.91
F01 7N1 G . 31.69 -11.27 8.42
F02 7N1 G . 30.20 -7.58 14.24
H1 7N1 G . 33.90 -11.51 7.03
H2 7N1 G . 31.70 -8.99 9.70
H3 7N1 G . 35.65 -6.59 8.80
H4 7N1 G . 37.67 -7.00 7.42
H5 7N1 G . 36.07 -10.79 6.20
H6 7N1 G . 31.64 -4.63 7.02
H7 7N1 G . 29.57 -6.35 12.00
H8 7N1 G . 29.96 -4.49 10.81
H9 7N1 G . 28.93 -5.72 10.05
H10 7N1 G . 28.80 -3.58 8.79
H11 7N1 G . 29.53 -4.85 7.80
H12 7N1 G . 33.65 -3.28 6.78
H13 7N1 G . 32.30 -0.77 9.76
H14 7N1 G . 32.65 -8.52 14.04
H15 7N1 G . 34.13 -8.27 12.07
MG MG H . -4.64 -44.86 -30.23
#